data_2I04
# 
_entry.id   2I04 
# 
_audit_conform.dict_name       mmcif_pdbx.dic 
_audit_conform.dict_version    5.397 
_audit_conform.dict_location   http://mmcif.pdb.org/dictionaries/ascii/mmcif_pdbx.dic 
# 
loop_
_database_2.database_id 
_database_2.database_code 
_database_2.pdbx_database_accession 
_database_2.pdbx_DOI 
PDB   2I04         pdb_00002i04 10.2210/pdb2i04/pdb 
RCSB  RCSB038969   ?            ?                   
WWPDB D_1000038969 ?            ?                   
# 
loop_
_pdbx_audit_revision_history.ordinal 
_pdbx_audit_revision_history.data_content_type 
_pdbx_audit_revision_history.major_revision 
_pdbx_audit_revision_history.minor_revision 
_pdbx_audit_revision_history.revision_date 
1 'Structure model' 1 0 2007-02-20 
2 'Structure model' 1 1 2008-05-01 
3 'Structure model' 1 2 2011-07-13 
4 'Structure model' 1 3 2024-10-30 
# 
_pdbx_audit_revision_details.ordinal             1 
_pdbx_audit_revision_details.revision_ordinal    1 
_pdbx_audit_revision_details.data_content_type   'Structure model' 
_pdbx_audit_revision_details.provider            repository 
_pdbx_audit_revision_details.type                'Initial release' 
_pdbx_audit_revision_details.description         ? 
_pdbx_audit_revision_details.details             ? 
# 
loop_
_pdbx_audit_revision_group.ordinal 
_pdbx_audit_revision_group.revision_ordinal 
_pdbx_audit_revision_group.data_content_type 
_pdbx_audit_revision_group.group 
1 2 'Structure model' 'Version format compliance' 
2 3 'Structure model' 'Version format compliance' 
3 4 'Structure model' 'Data collection'           
4 4 'Structure model' 'Database references'       
5 4 'Structure model' 'Derived calculations'      
6 4 'Structure model' 'Structure summary'         
# 
loop_
_pdbx_audit_revision_category.ordinal 
_pdbx_audit_revision_category.revision_ordinal 
_pdbx_audit_revision_category.data_content_type 
_pdbx_audit_revision_category.category 
1 4 'Structure model' chem_comp_atom            
2 4 'Structure model' chem_comp_bond            
3 4 'Structure model' database_2                
4 4 'Structure model' pdbx_entry_details        
5 4 'Structure model' pdbx_modification_feature 
6 4 'Structure model' struct_ref_seq_dif        
7 4 'Structure model' struct_site               
# 
loop_
_pdbx_audit_revision_item.ordinal 
_pdbx_audit_revision_item.revision_ordinal 
_pdbx_audit_revision_item.data_content_type 
_pdbx_audit_revision_item.item 
1 4 'Structure model' '_database_2.pdbx_DOI'                
2 4 'Structure model' '_database_2.pdbx_database_accession' 
3 4 'Structure model' '_struct_ref_seq_dif.details'         
4 4 'Structure model' '_struct_site.pdbx_auth_asym_id'      
5 4 'Structure model' '_struct_site.pdbx_auth_comp_id'      
6 4 'Structure model' '_struct_site.pdbx_auth_seq_id'       
# 
_pdbx_database_status.status_code                     REL 
_pdbx_database_status.entry_id                        2I04 
_pdbx_database_status.recvd_initial_deposition_date   2006-08-09 
_pdbx_database_status.deposit_site                    RCSB 
_pdbx_database_status.process_site                    RCSB 
_pdbx_database_status.status_code_sf                  REL 
_pdbx_database_status.status_code_mr                  ? 
_pdbx_database_status.SG_entry                        ? 
_pdbx_database_status.pdb_format_compatible           Y 
_pdbx_database_status.status_code_cs                  ? 
_pdbx_database_status.status_code_nmr_data            ? 
_pdbx_database_status.methods_development_category    ? 
# 
loop_
_audit_author.name 
_audit_author.pdbx_ordinal 
'Chen, X.S.'   1 
'Zhang, Y.'    2 
'Dasgupta, J.' 3 
'Banks, L.'    4 
'Thomas, M.'   5 
# 
loop_
_citation.id 
_citation.title 
_citation.journal_abbrev 
_citation.journal_volume 
_citation.page_first 
_citation.page_last 
_citation.year 
_citation.journal_id_ASTM 
_citation.country 
_citation.journal_id_ISSN 
_citation.journal_id_CSD 
_citation.book_publisher 
_citation.pdbx_database_id_PubMed 
_citation.pdbx_database_id_DOI 
primary 
;Structures of a Human Papillomavirus (HPV) E6 Polypeptide Bound to MAGUK Proteins: Mechanisms of Targeting Tumor Suppressors by a High-Risk HPV Oncoprotein.
;
J.Virol. 81 3618 3626 2007 JOVIAM US 0022-538X 0825 ? 17267502 10.1128/JVI.02044-06   
1       
'HPV E6 and MAGUK protein interactions: determination of the molecular basis for specific protein recognition and degradation.' 
Oncogene 20 5431 5439 2001 ?      UK 0950-9232 ?    ? 11571640 10.1038/sj.onc.1204719 
# 
loop_
_citation_author.citation_id 
_citation_author.name 
_citation_author.ordinal 
_citation_author.identifier_ORCID 
primary 'Zhang, Y.'       1  ? 
primary 'Dasgupta, J.'    2  ? 
primary 'Ma, R.Z.'        3  ? 
primary 'Banks, L.'       4  ? 
primary 'Thomas, M.'      5  ? 
primary 'Chen, X.S.'      6  ? 
1       'Thomas, M.'      7  ? 
1       'Glaunsinger, B.' 8  ? 
1       'Pim, D.'         9  ? 
1       'Javier, R.'      10 ? 
1       'Banks, L.'       11 ? 
# 
loop_
_entity.id 
_entity.type 
_entity.src_method 
_entity.pdbx_description 
_entity.formula_weight 
_entity.pdbx_number_of_molecules 
_entity.pdbx_ec 
_entity.pdbx_mutation 
_entity.pdbx_fragment 
_entity.details 
1 polymer     man 'Membrane-associated guanylate kinase, WW and PDZ domain-containing protein 1' 9076.373 2   ? ? 'PDZ1 domain' ? 
2 polymer     syn 'peptide E6'                                                                   947.074  2   ? ? ?             ? 
3 non-polymer syn 'SULFATE ION'                                                                  96.063   2   ? ? ?             ? 
4 water       nat water                                                                          18.015   224 ? ? ?             ? 
# 
_entity_name_com.entity_id   1 
_entity_name_com.name        'BAI1-associated protein 1, BAP-1, Membrane-associated guanylate kinase inverted 1, MAGI-1' 
# 
loop_
_entity_poly.entity_id 
_entity_poly.type 
_entity_poly.nstd_linkage 
_entity_poly.nstd_monomer 
_entity_poly.pdbx_seq_one_letter_code 
_entity_poly.pdbx_seq_one_letter_code_can 
_entity_poly.pdbx_strand_id 
_entity_poly.pdbx_target_identifier 
1 'polypeptide(L)' no no 
;SIHTKLRKSSRGFGFTVVGGDEPDEFLQIKSLVLDGPAALDGKMETGDVIVSVNDTCVLGHTHAQVVKIFQSIPIGASVD
LELCR
;
;SIHTKLRKSSRGFGFTVVGGDEPDEFLQIKSLVLDGPAALDGKMETGDVIVSVNDTCVLGHTHAQVVKIFQSIPIGASVD
LELCR
;
A,B ? 
2 'polypeptide(L)' no no RRRETQV                                                                                  RRRETQV C,D ? 
# 
loop_
_pdbx_entity_nonpoly.entity_id 
_pdbx_entity_nonpoly.name 
_pdbx_entity_nonpoly.comp_id 
3 'SULFATE ION' SO4 
4 water         HOH 
# 
loop_
_entity_poly_seq.entity_id 
_entity_poly_seq.num 
_entity_poly_seq.mon_id 
_entity_poly_seq.hetero 
1 1  SER n 
1 2  ILE n 
1 3  HIS n 
1 4  THR n 
1 5  LYS n 
1 6  LEU n 
1 7  ARG n 
1 8  LYS n 
1 9  SER n 
1 10 SER n 
1 11 ARG n 
1 12 GLY n 
1 13 PHE n 
1 14 GLY n 
1 15 PHE n 
1 16 THR n 
1 17 VAL n 
1 18 VAL n 
1 19 GLY n 
1 20 GLY n 
1 21 ASP n 
1 22 GLU n 
1 23 PRO n 
1 24 ASP n 
1 25 GLU n 
1 26 PHE n 
1 27 LEU n 
1 28 GLN n 
1 29 ILE n 
1 30 LYS n 
1 31 SER n 
1 32 LEU n 
1 33 VAL n 
1 34 LEU n 
1 35 ASP n 
1 36 GLY n 
1 37 PRO n 
1 38 ALA n 
1 39 ALA n 
1 40 LEU n 
1 41 ASP n 
1 42 GLY n 
1 43 LYS n 
1 44 MET n 
1 45 GLU n 
1 46 THR n 
1 47 GLY n 
1 48 ASP n 
1 49 VAL n 
1 50 ILE n 
1 51 VAL n 
1 52 SER n 
1 53 VAL n 
1 54 ASN n 
1 55 ASP n 
1 56 THR n 
1 57 CYS n 
1 58 VAL n 
1 59 LEU n 
1 60 GLY n 
1 61 HIS n 
1 62 THR n 
1 63 HIS n 
1 64 ALA n 
1 65 GLN n 
1 66 VAL n 
1 67 VAL n 
1 68 LYS n 
1 69 ILE n 
1 70 PHE n 
1 71 GLN n 
1 72 SER n 
1 73 ILE n 
1 74 PRO n 
1 75 ILE n 
1 76 GLY n 
1 77 ALA n 
1 78 SER n 
1 79 VAL n 
1 80 ASP n 
1 81 LEU n 
1 82 GLU n 
1 83 LEU n 
1 84 CYS n 
1 85 ARG n 
2 1  ARG n 
2 2  ARG n 
2 3  ARG n 
2 4  GLU n 
2 5  THR n 
2 6  GLN n 
2 7  VAL n 
# 
_entity_src_gen.entity_id                          1 
_entity_src_gen.pdbx_src_id                        1 
_entity_src_gen.pdbx_alt_source_flag               sample 
_entity_src_gen.pdbx_seq_type                      ? 
_entity_src_gen.pdbx_beg_seq_num                   ? 
_entity_src_gen.pdbx_end_seq_num                   ? 
_entity_src_gen.gene_src_common_name               'house mouse' 
_entity_src_gen.gene_src_genus                     Mus 
_entity_src_gen.pdbx_gene_src_gene                 ? 
_entity_src_gen.gene_src_species                   ? 
_entity_src_gen.gene_src_strain                    ? 
_entity_src_gen.gene_src_tissue                    ? 
_entity_src_gen.gene_src_tissue_fraction           ? 
_entity_src_gen.gene_src_details                   ? 
_entity_src_gen.pdbx_gene_src_fragment             ? 
_entity_src_gen.pdbx_gene_src_scientific_name      'Mus musculus' 
_entity_src_gen.pdbx_gene_src_ncbi_taxonomy_id     10090 
_entity_src_gen.pdbx_gene_src_variant              ? 
_entity_src_gen.pdbx_gene_src_cell_line            ? 
_entity_src_gen.pdbx_gene_src_atcc                 ? 
_entity_src_gen.pdbx_gene_src_organ                ? 
_entity_src_gen.pdbx_gene_src_organelle            ? 
_entity_src_gen.pdbx_gene_src_cell                 ? 
_entity_src_gen.pdbx_gene_src_cellular_location    ? 
_entity_src_gen.host_org_common_name               ? 
_entity_src_gen.pdbx_host_org_scientific_name      'Escherichia coli' 
_entity_src_gen.pdbx_host_org_ncbi_taxonomy_id     562 
_entity_src_gen.host_org_genus                     Escherichia 
_entity_src_gen.pdbx_host_org_gene                 ? 
_entity_src_gen.pdbx_host_org_organ                ? 
_entity_src_gen.host_org_species                   ? 
_entity_src_gen.pdbx_host_org_tissue               ? 
_entity_src_gen.pdbx_host_org_tissue_fraction      ? 
_entity_src_gen.pdbx_host_org_strain               XA90 
_entity_src_gen.pdbx_host_org_variant              ? 
_entity_src_gen.pdbx_host_org_cell_line            ? 
_entity_src_gen.pdbx_host_org_atcc                 ? 
_entity_src_gen.pdbx_host_org_culture_collection   ? 
_entity_src_gen.pdbx_host_org_cell                 ? 
_entity_src_gen.pdbx_host_org_organelle            ? 
_entity_src_gen.pdbx_host_org_cellular_location    ? 
_entity_src_gen.pdbx_host_org_vector_type          plasmid 
_entity_src_gen.pdbx_host_org_vector               ? 
_entity_src_gen.host_org_details                   ? 
_entity_src_gen.expression_system_id               ? 
_entity_src_gen.plasmid_name                       pGEX-6P-1 
_entity_src_gen.plasmid_details                    ? 
_entity_src_gen.pdbx_description                   ? 
# 
_pdbx_entity_src_syn.entity_id              2 
_pdbx_entity_src_syn.pdbx_src_id            1 
_pdbx_entity_src_syn.pdbx_alt_source_flag   sample 
_pdbx_entity_src_syn.pdbx_beg_seq_num       ? 
_pdbx_entity_src_syn.pdbx_end_seq_num       ? 
_pdbx_entity_src_syn.organism_scientific    ? 
_pdbx_entity_src_syn.organism_common_name   ? 
_pdbx_entity_src_syn.ncbi_taxonomy_id       ? 
_pdbx_entity_src_syn.details                'The sequence of this peptide can be found in human papillomavirus type 18 (virus)' 
# 
loop_
_chem_comp.id 
_chem_comp.type 
_chem_comp.mon_nstd_flag 
_chem_comp.name 
_chem_comp.pdbx_synonyms 
_chem_comp.formula 
_chem_comp.formula_weight 
ALA 'L-peptide linking' y ALANINE         ? 'C3 H7 N O2'     89.093  
ARG 'L-peptide linking' y ARGININE        ? 'C6 H15 N4 O2 1' 175.209 
ASN 'L-peptide linking' y ASPARAGINE      ? 'C4 H8 N2 O3'    132.118 
ASP 'L-peptide linking' y 'ASPARTIC ACID' ? 'C4 H7 N O4'     133.103 
CYS 'L-peptide linking' y CYSTEINE        ? 'C3 H7 N O2 S'   121.158 
GLN 'L-peptide linking' y GLUTAMINE       ? 'C5 H10 N2 O3'   146.144 
GLU 'L-peptide linking' y 'GLUTAMIC ACID' ? 'C5 H9 N O4'     147.129 
GLY 'peptide linking'   y GLYCINE         ? 'C2 H5 N O2'     75.067  
HIS 'L-peptide linking' y HISTIDINE       ? 'C6 H10 N3 O2 1' 156.162 
HOH non-polymer         . WATER           ? 'H2 O'           18.015  
ILE 'L-peptide linking' y ISOLEUCINE      ? 'C6 H13 N O2'    131.173 
LEU 'L-peptide linking' y LEUCINE         ? 'C6 H13 N O2'    131.173 
LYS 'L-peptide linking' y LYSINE          ? 'C6 H15 N2 O2 1' 147.195 
MET 'L-peptide linking' y METHIONINE      ? 'C5 H11 N O2 S'  149.211 
PHE 'L-peptide linking' y PHENYLALANINE   ? 'C9 H11 N O2'    165.189 
PRO 'L-peptide linking' y PROLINE         ? 'C5 H9 N O2'     115.130 
SER 'L-peptide linking' y SERINE          ? 'C3 H7 N O3'     105.093 
SO4 non-polymer         . 'SULFATE ION'   ? 'O4 S -2'        96.063  
THR 'L-peptide linking' y THREONINE       ? 'C4 H9 N O3'     119.119 
VAL 'L-peptide linking' y VALINE          ? 'C5 H11 N O2'    117.146 
# 
loop_
_pdbx_poly_seq_scheme.asym_id 
_pdbx_poly_seq_scheme.entity_id 
_pdbx_poly_seq_scheme.seq_id 
_pdbx_poly_seq_scheme.mon_id 
_pdbx_poly_seq_scheme.ndb_seq_num 
_pdbx_poly_seq_scheme.pdb_seq_num 
_pdbx_poly_seq_scheme.auth_seq_num 
_pdbx_poly_seq_scheme.pdb_mon_id 
_pdbx_poly_seq_scheme.auth_mon_id 
_pdbx_poly_seq_scheme.pdb_strand_id 
_pdbx_poly_seq_scheme.pdb_ins_code 
_pdbx_poly_seq_scheme.hetero 
A 1 1  SER 1  450  20   SER ALA A . n 
A 1 2  ILE 2  451  21   ILE ILE A . n 
A 1 3  HIS 3  452  22   HIS HIS A . n 
A 1 4  THR 4  453  23   THR THR A . n 
A 1 5  LYS 5  454  24   LYS LYS A . n 
A 1 6  LEU 6  455  25   LEU LEU A . n 
A 1 7  ARG 7  456  26   ARG ARG A . n 
A 1 8  LYS 8  457  27   LYS LYS A . n 
A 1 9  SER 9  458  28   SER SER A . n 
A 1 10 SER 10 459  29   SER SER A . n 
A 1 11 ARG 11 460  30   ARG ARG A . n 
A 1 12 GLY 12 461  31   GLY GLY A . n 
A 1 13 PHE 13 462  32   PHE PHE A . n 
A 1 14 GLY 14 463  33   GLY GLY A . n 
A 1 15 PHE 15 464  34   PHE PHE A . n 
A 1 16 THR 16 465  35   THR THR A . n 
A 1 17 VAL 17 466  36   VAL VAL A . n 
A 1 18 VAL 18 467  37   VAL VAL A . n 
A 1 19 GLY 19 468  38   GLY GLY A . n 
A 1 20 GLY 20 469  39   GLY GLY A . n 
A 1 21 ASP 21 470  40   ASP ASP A . n 
A 1 22 GLU 22 471  41   GLU GLU A . n 
A 1 23 PRO 23 472  42   PRO PRO A . n 
A 1 24 ASP 24 473  43   ASP ASP A . n 
A 1 25 GLU 25 474  44   GLU GLU A . n 
A 1 26 PHE 26 475  45   PHE PHE A . n 
A 1 27 LEU 27 476  46   LEU LEU A . n 
A 1 28 GLN 28 477  47   GLN GLN A . n 
A 1 29 ILE 29 478  48   ILE ILE A . n 
A 1 30 LYS 30 479  49   LYS LYS A . n 
A 1 31 SER 31 480  50   SER SER A . n 
A 1 32 LEU 32 481  51   LEU LEU A . n 
A 1 33 VAL 33 482  52   VAL VAL A . n 
A 1 34 LEU 34 483  53   LEU LEU A . n 
A 1 35 ASP 35 484  54   ASP ASP A . n 
A 1 36 GLY 36 485  55   GLY GLY A . n 
A 1 37 PRO 37 486  56   PRO PRO A . n 
A 1 38 ALA 38 487  57   ALA ALA A . n 
A 1 39 ALA 39 488  58   ALA ALA A . n 
A 1 40 LEU 40 489  59   LEU LEU A . n 
A 1 41 ASP 41 490  60   ASP ASP A . n 
A 1 42 GLY 42 491  61   GLY GLY A . n 
A 1 43 LYS 43 492  62   LYS LYS A . n 
A 1 44 MET 44 493  63   MET MET A . n 
A 1 45 GLU 45 494  64   GLU GLU A . n 
A 1 46 THR 46 495  65   THR THR A . n 
A 1 47 GLY 47 496  66   GLY GLY A . n 
A 1 48 ASP 48 497  67   ASP ASP A . n 
A 1 49 VAL 49 498  68   VAL VAL A . n 
A 1 50 ILE 50 499  69   ILE ILE A . n 
A 1 51 VAL 51 500  70   VAL VAL A . n 
A 1 52 SER 52 501  71   SER SER A . n 
A 1 53 VAL 53 502  72   VAL VAL A . n 
A 1 54 ASN 54 503  73   ASN ASN A . n 
A 1 55 ASP 55 504  74   ASP ASP A . n 
A 1 56 THR 56 505  75   THR THR A . n 
A 1 57 CYS 57 506  76   CYS CYS A . n 
A 1 58 VAL 58 507  77   VAL VAL A . n 
A 1 59 LEU 59 508  78   LEU LEU A . n 
A 1 60 GLY 60 509  79   GLY GLY A . n 
A 1 61 HIS 61 510  80   HIS HIS A . n 
A 1 62 THR 62 511  81   THR THR A . n 
A 1 63 HIS 63 512  82   HIS HIS A . n 
A 1 64 ALA 64 513  83   ALA ALA A . n 
A 1 65 GLN 65 514  84   GLN GLN A . n 
A 1 66 VAL 66 515  85   VAL VAL A . n 
A 1 67 VAL 67 516  86   VAL VAL A . n 
A 1 68 LYS 68 517  87   LYS LYS A . n 
A 1 69 ILE 69 518  88   ILE ILE A . n 
A 1 70 PHE 70 519  89   PHE PHE A . n 
A 1 71 GLN 71 520  90   GLN GLN A . n 
A 1 72 SER 72 521  91   SER SER A . n 
A 1 73 ILE 73 522  92   ILE ILE A . n 
A 1 74 PRO 74 523  93   PRO PRO A . n 
A 1 75 ILE 75 524  94   ILE ILE A . n 
A 1 76 GLY 76 525  95   GLY GLY A . n 
A 1 77 ALA 77 526  96   ALA ALA A . n 
A 1 78 SER 78 527  97   SER SER A . n 
A 1 79 VAL 79 528  98   VAL VAL A . n 
A 1 80 ASP 80 529  99   ASP ASP A . n 
A 1 81 LEU 81 530  100  LEU LEU A . n 
A 1 82 GLU 82 531  101  GLU GLU A . n 
A 1 83 LEU 83 532  102  LEU LEU A . n 
A 1 84 CYS 84 533  103  CYS CYS A . n 
A 1 85 ARG 85 534  104  ARG ARG A . n 
B 2 1  ARG 1  2000 ?    ?   ?   C . n 
B 2 2  ARG 2  2001 ?    ?   ?   C . n 
B 2 3  ARG 3  2002 1002 ARG ARG C . n 
B 2 4  GLU 4  2003 1003 GLU GLU C . n 
B 2 5  THR 5  2004 1004 THR THR C . n 
B 2 6  GLN 6  2005 1005 GLN GLN C . n 
B 2 7  VAL 7  2006 1006 VAL VAL C . n 
C 1 1  SER 1  450  20   SER ALA B . n 
C 1 2  ILE 2  451  21   ILE ILE B . n 
C 1 3  HIS 3  452  22   HIS HIS B . n 
C 1 4  THR 4  453  23   THR THR B . n 
C 1 5  LYS 5  454  24   LYS LYS B . n 
C 1 6  LEU 6  455  25   LEU LEU B . n 
C 1 7  ARG 7  456  26   ARG ARG B . n 
C 1 8  LYS 8  457  27   LYS LYS B . n 
C 1 9  SER 9  458  28   SER SER B . n 
C 1 10 SER 10 459  29   SER SER B . n 
C 1 11 ARG 11 460  30   ARG ARG B . n 
C 1 12 GLY 12 461  31   GLY GLY B . n 
C 1 13 PHE 13 462  32   PHE PHE B . n 
C 1 14 GLY 14 463  33   GLY GLY B . n 
C 1 15 PHE 15 464  34   PHE PHE B . n 
C 1 16 THR 16 465  35   THR THR B . n 
C 1 17 VAL 17 466  36   VAL VAL B . n 
C 1 18 VAL 18 467  37   VAL VAL B . n 
C 1 19 GLY 19 468  38   GLY GLY B . n 
C 1 20 GLY 20 469  39   GLY GLY B . n 
C 1 21 ASP 21 470  40   ASP ASP B . n 
C 1 22 GLU 22 471  41   GLU GLU B . n 
C 1 23 PRO 23 472  42   PRO PRO B . n 
C 1 24 ASP 24 473  43   ASP ASP B . n 
C 1 25 GLU 25 474  44   GLU GLU B . n 
C 1 26 PHE 26 475  45   PHE PHE B . n 
C 1 27 LEU 27 476  46   LEU LEU B . n 
C 1 28 GLN 28 477  47   GLN GLN B . n 
C 1 29 ILE 29 478  48   ILE ILE B . n 
C 1 30 LYS 30 479  49   LYS LYS B . n 
C 1 31 SER 31 480  50   SER SER B . n 
C 1 32 LEU 32 481  51   LEU LEU B . n 
C 1 33 VAL 33 482  52   VAL VAL B . n 
C 1 34 LEU 34 483  53   LEU LEU B . n 
C 1 35 ASP 35 484  54   ASP ASP B . n 
C 1 36 GLY 36 485  55   GLY GLY B . n 
C 1 37 PRO 37 486  56   PRO PRO B . n 
C 1 38 ALA 38 487  57   ALA ALA B . n 
C 1 39 ALA 39 488  58   ALA ALA B . n 
C 1 40 LEU 40 489  59   LEU LEU B . n 
C 1 41 ASP 41 490  60   ASP ASP B . n 
C 1 42 GLY 42 491  61   GLY GLY B . n 
C 1 43 LYS 43 492  62   LYS LYS B . n 
C 1 44 MET 44 493  63   MET MET B . n 
C 1 45 GLU 45 494  64   GLU GLU B . n 
C 1 46 THR 46 495  65   THR THR B . n 
C 1 47 GLY 47 496  66   GLY GLY B . n 
C 1 48 ASP 48 497  67   ASP ASP B . n 
C 1 49 VAL 49 498  68   VAL VAL B . n 
C 1 50 ILE 50 499  69   ILE ILE B . n 
C 1 51 VAL 51 500  70   VAL VAL B . n 
C 1 52 SER 52 501  71   SER SER B . n 
C 1 53 VAL 53 502  72   VAL VAL B . n 
C 1 54 ASN 54 503  73   ASN ASN B . n 
C 1 55 ASP 55 504  74   ASP ASP B . n 
C 1 56 THR 56 505  75   THR THR B . n 
C 1 57 CYS 57 506  76   CYS CYS B . n 
C 1 58 VAL 58 507  77   VAL VAL B . n 
C 1 59 LEU 59 508  78   LEU LEU B . n 
C 1 60 GLY 60 509  79   GLY GLY B . n 
C 1 61 HIS 61 510  80   HIS HIS B . n 
C 1 62 THR 62 511  81   THR THR B . n 
C 1 63 HIS 63 512  82   HIS HIS B . n 
C 1 64 ALA 64 513  83   ALA ALA B . n 
C 1 65 GLN 65 514  84   GLN GLN B . n 
C 1 66 VAL 66 515  85   VAL VAL B . n 
C 1 67 VAL 67 516  86   VAL VAL B . n 
C 1 68 LYS 68 517  87   LYS LYS B . n 
C 1 69 ILE 69 518  88   ILE ILE B . n 
C 1 70 PHE 70 519  89   PHE PHE B . n 
C 1 71 GLN 71 520  90   GLN GLN B . n 
C 1 72 SER 72 521  91   SER SER B . n 
C 1 73 ILE 73 522  92   ILE ILE B . n 
C 1 74 PRO 74 523  93   PRO PRO B . n 
C 1 75 ILE 75 524  94   ILE ILE B . n 
C 1 76 GLY 76 525  95   GLY GLY B . n 
C 1 77 ALA 77 526  96   ALA ALA B . n 
C 1 78 SER 78 527  97   SER SER B . n 
C 1 79 VAL 79 528  98   VAL VAL B . n 
C 1 80 ASP 80 529  99   ASP ASP B . n 
C 1 81 LEU 81 530  100  LEU LEU B . n 
C 1 82 GLU 82 531  101  GLU GLU B . n 
C 1 83 LEU 83 532  102  LEU LEU B . n 
C 1 84 CYS 84 533  103  CYS CYS B . n 
C 1 85 ARG 85 534  104  ARG ARG B . n 
D 2 1  ARG 1  2000 2000 ARG ALA D . n 
D 2 2  ARG 2  2001 2001 ARG ARG D . n 
D 2 3  ARG 3  2002 2002 ARG ARG D . n 
D 2 4  GLU 4  2003 2003 GLU GLU D . n 
D 2 5  THR 5  2004 2004 THR THR D . n 
D 2 6  GLN 6  2005 2005 GLN GLN D . n 
D 2 7  VAL 7  2006 2006 VAL VAL D . n 
# 
loop_
_pdbx_nonpoly_scheme.asym_id 
_pdbx_nonpoly_scheme.entity_id 
_pdbx_nonpoly_scheme.mon_id 
_pdbx_nonpoly_scheme.ndb_seq_num 
_pdbx_nonpoly_scheme.pdb_seq_num 
_pdbx_nonpoly_scheme.auth_seq_num 
_pdbx_nonpoly_scheme.pdb_mon_id 
_pdbx_nonpoly_scheme.auth_mon_id 
_pdbx_nonpoly_scheme.pdb_strand_id 
_pdbx_nonpoly_scheme.pdb_ins_code 
E 3 SO4 1   901  901  SO4 SO4 A . 
F 3 SO4 1   900  900  SO4 SO4 B . 
G 4 HOH 1   2011 2011 HOH HOH A . 
G 4 HOH 2   2012 2012 HOH HOH A . 
G 4 HOH 3   2016 2016 HOH HOH A . 
G 4 HOH 4   2017 2017 HOH HOH A . 
G 4 HOH 5   2020 2020 HOH HOH A . 
G 4 HOH 6   2021 2021 HOH HOH A . 
G 4 HOH 7   2024 2024 HOH HOH A . 
G 4 HOH 8   2026 2026 HOH HOH A . 
G 4 HOH 9   2027 2027 HOH HOH A . 
G 4 HOH 10  2028 2028 HOH HOH A . 
G 4 HOH 11  2032 2032 HOH HOH A . 
G 4 HOH 12  2033 2033 HOH HOH A . 
G 4 HOH 13  2037 2037 HOH HOH A . 
G 4 HOH 14  2038 2038 HOH HOH A . 
G 4 HOH 15  2039 2039 HOH HOH A . 
G 4 HOH 16  2041 2041 HOH HOH A . 
G 4 HOH 17  2048 2048 HOH HOH A . 
G 4 HOH 18  2049 2049 HOH HOH A . 
G 4 HOH 19  2050 2050 HOH HOH A . 
G 4 HOH 20  2051 2051 HOH HOH A . 
G 4 HOH 21  2053 2053 HOH HOH A . 
G 4 HOH 22  2055 2055 HOH HOH A . 
G 4 HOH 23  2057 2057 HOH HOH A . 
G 4 HOH 24  2058 2058 HOH HOH A . 
G 4 HOH 25  2062 2062 HOH HOH A . 
G 4 HOH 26  2063 2063 HOH HOH A . 
G 4 HOH 27  2066 2066 HOH HOH A . 
G 4 HOH 28  2067 2067 HOH HOH A . 
G 4 HOH 29  2068 2068 HOH HOH A . 
G 4 HOH 30  2070 2070 HOH HOH A . 
G 4 HOH 31  2071 2071 HOH HOH A . 
G 4 HOH 32  2074 2074 HOH HOH A . 
G 4 HOH 33  2078 2078 HOH HOH A . 
G 4 HOH 34  2079 2079 HOH HOH A . 
G 4 HOH 35  2080 2080 HOH HOH A . 
G 4 HOH 36  2081 2081 HOH HOH A . 
G 4 HOH 37  2084 2084 HOH HOH A . 
G 4 HOH 38  2086 2086 HOH HOH A . 
G 4 HOH 39  2088 2088 HOH HOH A . 
G 4 HOH 40  2095 2095 HOH HOH A . 
G 4 HOH 41  2096 2096 HOH HOH A . 
G 4 HOH 42  2099 2099 HOH HOH A . 
G 4 HOH 43  2102 2102 HOH HOH A . 
G 4 HOH 44  2108 2108 HOH HOH A . 
G 4 HOH 45  2114 2114 HOH HOH A . 
G 4 HOH 46  2117 2117 HOH HOH A . 
G 4 HOH 47  2120 2120 HOH HOH A . 
G 4 HOH 48  2121 2121 HOH HOH A . 
G 4 HOH 49  2122 2122 HOH HOH A . 
G 4 HOH 50  2123 2123 HOH HOH A . 
G 4 HOH 51  2125 2125 HOH HOH A . 
G 4 HOH 52  2135 2135 HOH HOH A . 
G 4 HOH 53  2139 2139 HOH HOH A . 
G 4 HOH 54  2140 2140 HOH HOH A . 
G 4 HOH 55  2144 2144 HOH HOH A . 
G 4 HOH 56  2148 2148 HOH HOH A . 
G 4 HOH 57  2149 2149 HOH HOH A . 
G 4 HOH 58  2154 2154 HOH HOH A . 
G 4 HOH 59  2157 2157 HOH HOH A . 
G 4 HOH 60  2158 2158 HOH HOH A . 
G 4 HOH 61  2161 2161 HOH HOH A . 
G 4 HOH 62  2164 2164 HOH HOH A . 
G 4 HOH 63  2165 2165 HOH HOH A . 
G 4 HOH 64  2166 2166 HOH HOH A . 
G 4 HOH 65  2167 2167 HOH HOH A . 
G 4 HOH 66  2168 2168 HOH HOH A . 
G 4 HOH 67  2170 2170 HOH HOH A . 
G 4 HOH 68  2184 2184 HOH HOH A . 
G 4 HOH 69  2196 2196 HOH HOH A . 
G 4 HOH 70  2206 2206 HOH HOH A . 
G 4 HOH 71  2217 2217 HOH HOH A . 
G 4 HOH 72  2225 2225 HOH HOH A . 
G 4 HOH 73  2252 2252 HOH HOH A . 
G 4 HOH 74  2253 2253 HOH HOH A . 
G 4 HOH 75  2254 2254 HOH HOH A . 
G 4 HOH 76  2268 2268 HOH HOH A . 
G 4 HOH 77  2269 2269 HOH HOH A . 
G 4 HOH 78  2272 2272 HOH HOH A . 
G 4 HOH 79  2274 2274 HOH HOH A . 
G 4 HOH 80  2275 2275 HOH HOH A . 
G 4 HOH 81  2284 2284 HOH HOH A . 
G 4 HOH 82  2285 2285 HOH HOH A . 
G 4 HOH 83  2290 2290 HOH HOH A . 
G 4 HOH 84  2293 2293 HOH HOH A . 
G 4 HOH 85  2295 2295 HOH HOH A . 
G 4 HOH 86  2296 2296 HOH HOH A . 
G 4 HOH 87  2297 2297 HOH HOH A . 
G 4 HOH 88  2301 2301 HOH HOH A . 
G 4 HOH 89  2302 2302 HOH HOH A . 
G 4 HOH 90  2303 2303 HOH HOH A . 
G 4 HOH 91  2306 2306 HOH HOH A . 
G 4 HOH 92  2307 2307 HOH HOH A . 
G 4 HOH 93  2308 2308 HOH HOH A . 
G 4 HOH 94  2311 2311 HOH HOH A . 
G 4 HOH 95  2314 2314 HOH HOH A . 
G 4 HOH 96  2316 2316 HOH HOH A . 
G 4 HOH 97  2326 2326 HOH HOH A . 
G 4 HOH 98  2327 2327 HOH HOH A . 
G 4 HOH 99  2328 2328 HOH HOH A . 
G 4 HOH 100 2331 2331 HOH HOH A . 
G 4 HOH 101 2333 2333 HOH HOH A . 
H 4 HOH 1   2035 2035 HOH HOH C . 
H 4 HOH 2   2075 2075 HOH HOH C . 
H 4 HOH 3   2150 2150 HOH HOH C . 
H 4 HOH 4   2153 2153 HOH HOH C . 
H 4 HOH 5   2189 2189 HOH HOH C . 
H 4 HOH 6   2281 2281 HOH HOH C . 
H 4 HOH 7   2283 2283 HOH HOH C . 
H 4 HOH 8   2330 2330 HOH HOH C . 
H 4 HOH 9   2338 2338 HOH HOH C . 
I 4 HOH 1   2014 2014 HOH HOH B . 
I 4 HOH 2   2018 2018 HOH HOH B . 
I 4 HOH 3   2022 2022 HOH HOH B . 
I 4 HOH 4   2023 2023 HOH HOH B . 
I 4 HOH 5   2025 2025 HOH HOH B . 
I 4 HOH 6   2030 2030 HOH HOH B . 
I 4 HOH 7   2034 2034 HOH HOH B . 
I 4 HOH 8   2036 2036 HOH HOH B . 
I 4 HOH 9   2042 2042 HOH HOH B . 
I 4 HOH 10  2043 2043 HOH HOH B . 
I 4 HOH 11  2044 2044 HOH HOH B . 
I 4 HOH 12  2046 2046 HOH HOH B . 
I 4 HOH 13  2047 2047 HOH HOH B . 
I 4 HOH 14  2052 2052 HOH HOH B . 
I 4 HOH 15  2056 2056 HOH HOH B . 
I 4 HOH 16  2059 2059 HOH HOH B . 
I 4 HOH 17  2060 2060 HOH HOH B . 
I 4 HOH 18  2065 2065 HOH HOH B . 
I 4 HOH 19  2069 2069 HOH HOH B . 
I 4 HOH 20  2072 2072 HOH HOH B . 
I 4 HOH 21  2076 2076 HOH HOH B . 
I 4 HOH 22  2077 2077 HOH HOH B . 
I 4 HOH 23  2082 2082 HOH HOH B . 
I 4 HOH 24  2085 2085 HOH HOH B . 
I 4 HOH 25  2087 2087 HOH HOH B . 
I 4 HOH 26  2091 2091 HOH HOH B . 
I 4 HOH 27  2094 2094 HOH HOH B . 
I 4 HOH 28  2100 2100 HOH HOH B . 
I 4 HOH 29  2101 2101 HOH HOH B . 
I 4 HOH 30  2104 2104 HOH HOH B . 
I 4 HOH 31  2109 2109 HOH HOH B . 
I 4 HOH 32  2110 2110 HOH HOH B . 
I 4 HOH 33  2111 2111 HOH HOH B . 
I 4 HOH 34  2124 2124 HOH HOH B . 
I 4 HOH 35  2126 2126 HOH HOH B . 
I 4 HOH 36  2127 2127 HOH HOH B . 
I 4 HOH 37  2130 2130 HOH HOH B . 
I 4 HOH 38  2131 2131 HOH HOH B . 
I 4 HOH 39  2132 2132 HOH HOH B . 
I 4 HOH 40  2133 2133 HOH HOH B . 
I 4 HOH 41  2137 2137 HOH HOH B . 
I 4 HOH 42  2138 2138 HOH HOH B . 
I 4 HOH 43  2141 2141 HOH HOH B . 
I 4 HOH 44  2143 2143 HOH HOH B . 
I 4 HOH 45  2145 2145 HOH HOH B . 
I 4 HOH 46  2146 2146 HOH HOH B . 
I 4 HOH 47  2147 2147 HOH HOH B . 
I 4 HOH 48  2152 2152 HOH HOH B . 
I 4 HOH 49  2155 2155 HOH HOH B . 
I 4 HOH 50  2156 2156 HOH HOH B . 
I 4 HOH 51  2160 2160 HOH HOH B . 
I 4 HOH 52  2162 2162 HOH HOH B . 
I 4 HOH 53  2171 2171 HOH HOH B . 
I 4 HOH 54  2172 2172 HOH HOH B . 
I 4 HOH 55  2183 2183 HOH HOH B . 
I 4 HOH 56  2187 2187 HOH HOH B . 
I 4 HOH 57  2188 2188 HOH HOH B . 
I 4 HOH 58  2195 2195 HOH HOH B . 
I 4 HOH 59  2201 2201 HOH HOH B . 
I 4 HOH 60  2209 2209 HOH HOH B . 
I 4 HOH 61  2216 2216 HOH HOH B . 
I 4 HOH 62  2229 2229 HOH HOH B . 
I 4 HOH 63  2233 2233 HOH HOH B . 
I 4 HOH 64  2240 2240 HOH HOH B . 
I 4 HOH 65  2242 2242 HOH HOH B . 
I 4 HOH 66  2255 2255 HOH HOH B . 
I 4 HOH 67  2270 2270 HOH HOH B . 
I 4 HOH 68  2271 2271 HOH HOH B . 
I 4 HOH 69  2273 2273 HOH HOH B . 
I 4 HOH 70  2277 2277 HOH HOH B . 
I 4 HOH 71  2278 2278 HOH HOH B . 
I 4 HOH 72  2279 2279 HOH HOH B . 
I 4 HOH 73  2286 2286 HOH HOH B . 
I 4 HOH 74  2288 2288 HOH HOH B . 
I 4 HOH 75  2289 2289 HOH HOH B . 
I 4 HOH 76  2298 2298 HOH HOH B . 
I 4 HOH 77  2299 2299 HOH HOH B . 
I 4 HOH 78  2300 2300 HOH HOH B . 
I 4 HOH 79  2304 2304 HOH HOH B . 
I 4 HOH 80  2305 2305 HOH HOH B . 
I 4 HOH 81  2309 2309 HOH HOH B . 
I 4 HOH 82  2310 2310 HOH HOH B . 
I 4 HOH 83  2312 2312 HOH HOH B . 
I 4 HOH 84  2313 2313 HOH HOH B . 
I 4 HOH 85  2315 2315 HOH HOH B . 
I 4 HOH 86  2317 2317 HOH HOH B . 
I 4 HOH 87  2318 2318 HOH HOH B . 
I 4 HOH 88  2319 2319 HOH HOH B . 
I 4 HOH 89  2321 2321 HOH HOH B . 
I 4 HOH 90  2322 2322 HOH HOH B . 
I 4 HOH 91  2323 2323 HOH HOH B . 
I 4 HOH 92  2324 2324 HOH HOH B . 
I 4 HOH 93  2325 2325 HOH HOH B . 
I 4 HOH 94  2332 2332 HOH HOH B . 
I 4 HOH 95  2334 2334 HOH HOH B . 
I 4 HOH 96  2335 2335 HOH HOH B . 
I 4 HOH 97  2336 2336 HOH HOH B . 
I 4 HOH 98  2337 2337 HOH HOH B . 
J 4 HOH 1   2015 2015 HOH HOH D . 
J 4 HOH 2   2019 2019 HOH HOH D . 
J 4 HOH 3   2029 2029 HOH HOH D . 
J 4 HOH 4   2031 2031 HOH HOH D . 
J 4 HOH 5   2040 2040 HOH HOH D . 
J 4 HOH 6   2054 2054 HOH HOH D . 
J 4 HOH 7   2061 2061 HOH HOH D . 
J 4 HOH 8   2064 2064 HOH HOH D . 
J 4 HOH 9   2089 2089 HOH HOH D . 
J 4 HOH 10  2093 2093 HOH HOH D . 
J 4 HOH 11  2107 2107 HOH HOH D . 
J 4 HOH 12  2128 2128 HOH HOH D . 
J 4 HOH 13  2136 2136 HOH HOH D . 
J 4 HOH 14  2185 2185 HOH HOH D . 
J 4 HOH 15  2226 2226 HOH HOH D . 
J 4 HOH 16  2267 2267 HOH HOH D . 
# 
loop_
_pdbx_unobs_or_zero_occ_atoms.id 
_pdbx_unobs_or_zero_occ_atoms.PDB_model_num 
_pdbx_unobs_or_zero_occ_atoms.polymer_flag 
_pdbx_unobs_or_zero_occ_atoms.occupancy_flag 
_pdbx_unobs_or_zero_occ_atoms.auth_asym_id 
_pdbx_unobs_or_zero_occ_atoms.auth_comp_id 
_pdbx_unobs_or_zero_occ_atoms.auth_seq_id 
_pdbx_unobs_or_zero_occ_atoms.PDB_ins_code 
_pdbx_unobs_or_zero_occ_atoms.auth_atom_id 
_pdbx_unobs_or_zero_occ_atoms.label_alt_id 
_pdbx_unobs_or_zero_occ_atoms.label_asym_id 
_pdbx_unobs_or_zero_occ_atoms.label_comp_id 
_pdbx_unobs_or_zero_occ_atoms.label_seq_id 
_pdbx_unobs_or_zero_occ_atoms.label_atom_id 
1 1 Y 1 A SER 450  ? OG  ? A SER 1 OG  
2 1 Y 1 B SER 450  ? OG  ? C SER 1 OG  
3 1 Y 1 D ARG 2000 ? CG  ? D ARG 1 CG  
4 1 Y 1 D ARG 2000 ? CD  ? D ARG 1 CD  
5 1 Y 1 D ARG 2000 ? NE  ? D ARG 1 NE  
6 1 Y 1 D ARG 2000 ? CZ  ? D ARG 1 CZ  
7 1 Y 1 D ARG 2000 ? NH1 ? D ARG 1 NH1 
8 1 Y 1 D ARG 2000 ? NH2 ? D ARG 1 NH2 
# 
_software.name             CNS 
_software.classification   refinement 
_software.version          1.1 
_software.citation_id      ? 
_software.pdbx_ordinal     1 
# 
_cell.entry_id           2I04 
_cell.length_a           48.961 
_cell.length_b           27.611 
_cell.length_c           59.525 
_cell.angle_alpha        90.00 
_cell.angle_beta         105.42 
_cell.angle_gamma        90.00 
_cell.Z_PDB              4 
_cell.pdbx_unique_axis   ? 
_cell.length_a_esd       ? 
_cell.length_b_esd       ? 
_cell.length_c_esd       ? 
_cell.angle_alpha_esd    ? 
_cell.angle_beta_esd     ? 
_cell.angle_gamma_esd    ? 
# 
_symmetry.entry_id                         2I04 
_symmetry.space_group_name_H-M             'P 1 21 1' 
_symmetry.pdbx_full_space_group_name_H-M   ? 
_symmetry.cell_setting                     ? 
_symmetry.Int_Tables_number                4 
_symmetry.space_group_name_Hall            ? 
# 
_exptl.entry_id          2I04 
_exptl.method            'X-RAY DIFFRACTION' 
_exptl.crystals_number   1 
# 
_exptl_crystal.id                    1 
_exptl_crystal.density_meas          ? 
_exptl_crystal.density_Matthews      1.93 
_exptl_crystal.density_percent_sol   36.41 
_exptl_crystal.description           ? 
_exptl_crystal.F_000                 ? 
_exptl_crystal.preparation           ? 
# 
_exptl_crystal_grow.crystal_id      1 
_exptl_crystal_grow.method          'VAPOR DIFFUSION' 
_exptl_crystal_grow.temp            291 
_exptl_crystal_grow.temp_details    ? 
_exptl_crystal_grow.pH              4.6 
_exptl_crystal_grow.pdbx_details    'PEG2000, 0.1 M Na Acetate , pH 4.6, VAPOR DIFFUSION, temperature 291K' 
_exptl_crystal_grow.pdbx_pH_range   . 
# 
_diffrn.id                     1 
_diffrn.ambient_temp           295 
_diffrn.ambient_temp_details   ? 
_diffrn.crystal_id             1 
# 
_diffrn_detector.diffrn_id              1 
_diffrn_detector.detector               'IMAGE PLATE' 
_diffrn_detector.type                   'RIGAKU RAXIS IV' 
_diffrn_detector.pdbx_collection_date   2006-05-10 
_diffrn_detector.details                ? 
# 
_diffrn_radiation.diffrn_id                        1 
_diffrn_radiation.wavelength_id                    1 
_diffrn_radiation.pdbx_monochromatic_or_laue_m_l   M 
_diffrn_radiation.monochromator                    1.54 
_diffrn_radiation.pdbx_diffrn_protocol             'SINGLE WAVELENGTH' 
_diffrn_radiation.pdbx_scattering_type             x-ray 
# 
_diffrn_radiation_wavelength.id           1 
_diffrn_radiation_wavelength.wavelength   1.54 
_diffrn_radiation_wavelength.wt           1.0 
# 
_diffrn_source.diffrn_id                   1 
_diffrn_source.source                      'ROTATING ANODE' 
_diffrn_source.type                        RIGAKU 
_diffrn_source.pdbx_synchrotron_site       ? 
_diffrn_source.pdbx_synchrotron_beamline   ? 
_diffrn_source.pdbx_wavelength             ? 
_diffrn_source.pdbx_wavelength_list        1.54 
# 
_reflns.entry_id                     2I04 
_reflns.observed_criterion_sigma_I   0 
_reflns.observed_criterion_sigma_F   0 
_reflns.d_resolution_low             50.0 
_reflns.d_resolution_high            2.15 
_reflns.number_obs                   9305 
_reflns.number_all                   8651 
_reflns.percent_possible_obs         99.4 
_reflns.pdbx_Rmerge_I_obs            ? 
_reflns.pdbx_Rsym_value              ? 
_reflns.pdbx_netI_over_sigmaI        ? 
_reflns.B_iso_Wilson_estimate        10.8 
_reflns.pdbx_redundancy              ? 
_reflns.R_free_details               ? 
_reflns.limit_h_max                  ? 
_reflns.limit_h_min                  ? 
_reflns.limit_k_max                  ? 
_reflns.limit_k_min                  ? 
_reflns.limit_l_max                  ? 
_reflns.limit_l_min                  ? 
_reflns.observed_criterion_F_max     ? 
_reflns.observed_criterion_F_min     ? 
_reflns.pdbx_chi_squared             ? 
_reflns.pdbx_scaling_rejects         ? 
_reflns.pdbx_diffrn_id               1 
_reflns.pdbx_ordinal                 1 
# 
_reflns_shell.d_res_high             2.15 
_reflns_shell.d_res_low              ? 
_reflns_shell.percent_possible_all   94.5 
_reflns_shell.Rmerge_I_obs           ? 
_reflns_shell.pdbx_Rsym_value        ? 
_reflns_shell.meanI_over_sigI_obs    ? 
_reflns_shell.pdbx_redundancy        ? 
_reflns_shell.percent_possible_obs   ? 
_reflns_shell.number_unique_all      ? 
_reflns_shell.number_measured_all    ? 
_reflns_shell.number_measured_obs    ? 
_reflns_shell.number_unique_obs      ? 
_reflns_shell.pdbx_chi_squared       ? 
_reflns_shell.pdbx_diffrn_id         ? 
_reflns_shell.pdbx_ordinal           1 
# 
_refine.entry_id                                 2I04 
_refine.ls_number_reflns_obs                     8603 
_refine.ls_number_reflns_all                     8651 
_refine.pdbx_ls_sigma_I                          ? 
_refine.pdbx_ls_sigma_F                          .0 
_refine.pdbx_data_cutoff_high_absF               906461.48 
_refine.pdbx_data_cutoff_low_absF                .000000 
_refine.pdbx_data_cutoff_high_rms_absF           ? 
_refine.ls_d_res_low                             28.69 
_refine.ls_d_res_high                            2.15 
_refine.ls_percent_reflns_obs                    99.4 
_refine.ls_R_factor_obs                          0.215 
_refine.ls_R_factor_all                          0.215 
_refine.ls_R_factor_R_work                       0.215 
_refine.ls_R_factor_R_free                       0.269 
_refine.ls_R_factor_R_free_error                 .012 
_refine.ls_R_factor_R_free_error_details         ? 
_refine.ls_percent_reflns_R_free                 5.6 
_refine.ls_number_reflns_R_free                  478 
_refine.ls_number_parameters                     ? 
_refine.ls_number_restraints                     ? 
_refine.occupancy_min                            ? 
_refine.occupancy_max                            ? 
_refine.correlation_coeff_Fo_to_Fc               ? 
_refine.correlation_coeff_Fo_to_Fc_free          ? 
_refine.B_iso_mean                               25.4 
_refine.aniso_B[1][1]                            -2.61 
_refine.aniso_B[2][2]                            .64 
_refine.aniso_B[3][3]                            1.97 
_refine.aniso_B[1][2]                            .00 
_refine.aniso_B[1][3]                            -2.06 
_refine.aniso_B[2][3]                            .00 
_refine.solvent_model_details                    'FLAT MODEL' 
_refine.solvent_model_param_ksol                 .330239 
_refine.solvent_model_param_bsol                 48.0265 
_refine.pdbx_solvent_vdw_probe_radii             ? 
_refine.pdbx_solvent_ion_probe_radii             ? 
_refine.pdbx_solvent_shrinkage_radii             ? 
_refine.pdbx_ls_cross_valid_method               THROUGHOUT 
_refine.details                                  ? 
_refine.pdbx_starting_model                      ? 
_refine.pdbx_method_to_determine_struct          'MOLECULAR REPLACEMENT' 
_refine.pdbx_isotropic_thermal_model             RESTRAINED 
_refine.pdbx_stereochemistry_target_values       'Engh & Huber' 
_refine.pdbx_stereochem_target_val_spec_case     ? 
_refine.pdbx_R_Free_selection_details            RANDOM 
_refine.pdbx_overall_ESU_R                       ? 
_refine.pdbx_overall_ESU_R_Free                  ? 
_refine.overall_SU_ML                            ? 
_refine.overall_SU_B                             ? 
_refine.ls_redundancy_reflns_obs                 ? 
_refine.B_iso_min                                ? 
_refine.B_iso_max                                ? 
_refine.overall_SU_R_Cruickshank_DPI             ? 
_refine.overall_SU_R_free                        ? 
_refine.ls_wR_factor_R_free                      ? 
_refine.ls_wR_factor_R_work                      ? 
_refine.overall_FOM_free_R_set                   ? 
_refine.overall_FOM_work_R_set                   ? 
_refine.pdbx_refine_id                           'X-RAY DIFFRACTION' 
_refine.pdbx_overall_phase_error                 ? 
_refine.pdbx_diffrn_id                           1 
_refine.pdbx_TLS_residual_ADP_flag               ? 
_refine.pdbx_overall_SU_R_free_Cruickshank_DPI   ? 
_refine.pdbx_overall_SU_R_Blow_DPI               ? 
_refine.pdbx_overall_SU_R_free_Blow_DPI          ? 
# 
_refine_analyze.entry_id                        2I04 
_refine_analyze.Luzzati_coordinate_error_obs    .26 
_refine_analyze.Luzzati_sigma_a_obs             .20 
_refine_analyze.Luzzati_d_res_low_obs           5.00 
_refine_analyze.Luzzati_coordinate_error_free   .37 
_refine_analyze.Luzzati_sigma_a_free            .25 
_refine_analyze.Luzzati_d_res_low_free          ? 
_refine_analyze.number_disordered_residues      ? 
_refine_analyze.occupancy_sum_hydrogen          ? 
_refine_analyze.occupancy_sum_non_hydrogen      ? 
_refine_analyze.pdbx_Luzzati_d_res_high_obs     ? 
_refine_analyze.pdbx_refine_id                  'X-RAY DIFFRACTION' 
# 
_refine_hist.pdbx_refine_id                   'X-RAY DIFFRACTION' 
_refine_hist.cycle_id                         LAST 
_refine_hist.pdbx_number_atoms_protein        1374 
_refine_hist.pdbx_number_atoms_nucleic_acid   0 
_refine_hist.pdbx_number_atoms_ligand         10 
_refine_hist.number_atoms_solvent             224 
_refine_hist.number_atoms_total               1608 
_refine_hist.d_res_high                       2.15 
_refine_hist.d_res_low                        28.69 
# 
loop_
_refine_ls_restr.type 
_refine_ls_restr.dev_ideal 
_refine_ls_restr.dev_ideal_target 
_refine_ls_restr.weight 
_refine_ls_restr.number 
_refine_ls_restr.pdbx_refine_id 
_refine_ls_restr.pdbx_restraint_function 
c_bond_d                .040 ?    ? ? 'X-RAY DIFFRACTION' ? 
c_bond_d_na             ?    ?    ? ? 'X-RAY DIFFRACTION' ? 
c_bond_d_prot           ?    ?    ? ? 'X-RAY DIFFRACTION' ? 
c_angle_d               ?    ?    ? ? 'X-RAY DIFFRACTION' ? 
c_angle_d_na            ?    ?    ? ? 'X-RAY DIFFRACTION' ? 
c_angle_d_prot          ?    ?    ? ? 'X-RAY DIFFRACTION' ? 
c_angle_deg             2.8  ?    ? ? 'X-RAY DIFFRACTION' ? 
c_angle_deg_na          ?    ?    ? ? 'X-RAY DIFFRACTION' ? 
c_angle_deg_prot        ?    ?    ? ? 'X-RAY DIFFRACTION' ? 
c_dihedral_angle_d      27.4 ?    ? ? 'X-RAY DIFFRACTION' ? 
c_dihedral_angle_d_na   ?    ?    ? ? 'X-RAY DIFFRACTION' ? 
c_dihedral_angle_d_prot ?    ?    ? ? 'X-RAY DIFFRACTION' ? 
c_improper_angle_d      1.40 ?    ? ? 'X-RAY DIFFRACTION' ? 
c_improper_angle_d_na   ?    ?    ? ? 'X-RAY DIFFRACTION' ? 
c_improper_angle_d_prot ?    ?    ? ? 'X-RAY DIFFRACTION' ? 
c_mcbond_it             3.42 1.50 ? ? 'X-RAY DIFFRACTION' ? 
c_mcangle_it            4.44 2.00 ? ? 'X-RAY DIFFRACTION' ? 
c_scbond_it             5.57 2.00 ? ? 'X-RAY DIFFRACTION' ? 
c_scangle_it            7.27 2.50 ? ? 'X-RAY DIFFRACTION' ? 
# 
_refine_ls_shell.pdbx_total_number_of_bins_used   6 
_refine_ls_shell.d_res_high                       2.15 
_refine_ls_shell.d_res_low                        2.28 
_refine_ls_shell.number_reflns_R_work             1330 
_refine_ls_shell.R_factor_R_work                  0.245 
_refine_ls_shell.percent_reflns_obs               98.5 
_refine_ls_shell.R_factor_R_free                  0.314 
_refine_ls_shell.R_factor_R_free_error            .037 
_refine_ls_shell.percent_reflns_R_free            5.0 
_refine_ls_shell.number_reflns_R_free             70 
_refine_ls_shell.number_reflns_all                ? 
_refine_ls_shell.R_factor_all                     ? 
_refine_ls_shell.number_reflns_obs                ? 
_refine_ls_shell.redundancy_reflns_obs            ? 
_refine_ls_shell.pdbx_refine_id                   'X-RAY DIFFRACTION' 
# 
loop_
_pdbx_xplor_file.serial_no 
_pdbx_xplor_file.param_file 
_pdbx_xplor_file.topol_file 
_pdbx_xplor_file.pdbx_refine_id 
1 protein_rep.param protein.top 'X-RAY DIFFRACTION' 
2 water_rep.param   ?           'X-RAY DIFFRACTION' 
3 ion.param         ?           'X-RAY DIFFRACTION' 
# 
_struct.entry_id                  2I04 
_struct.title                     'X-ray crystal structure of MAGI-1 PDZ1 bound to the C-terminal peptide of HPV18 E6' 
_struct.pdbx_model_details        ? 
_struct.pdbx_CASP_flag            ? 
_struct.pdbx_model_type_details   ? 
# 
_struct_keywords.entry_id        2I04 
_struct_keywords.pdbx_keywords   'PEPTIDE BINDING PROTEIN' 
_struct_keywords.text            'PDZ, E6 binding, tumor suppressor, PEPTIDE BINDING PROTEIN' 
# 
loop_
_struct_asym.id 
_struct_asym.pdbx_blank_PDB_chainid_flag 
_struct_asym.pdbx_modified 
_struct_asym.entity_id 
_struct_asym.details 
A N N 1 ? 
B N N 2 ? 
C N N 1 ? 
D N N 2 ? 
E N N 3 ? 
F N N 3 ? 
G N N 4 ? 
H N N 4 ? 
I N N 4 ? 
J N N 4 ? 
# 
loop_
_struct_ref.id 
_struct_ref.db_name 
_struct_ref.db_code 
_struct_ref.pdbx_db_accession 
_struct_ref.entity_id 
_struct_ref.pdbx_seq_one_letter_code 
_struct_ref.pdbx_align_begin 
_struct_ref.pdbx_db_isoform 
1 UNP MAGI1_MOUSE Q6RHR9 1 
;IHTKLRKSSRGFGFTVVGGDEPDEFLQIKSLVLDGPAALDGKMETGDVIVSVNDTCVLGHTHAQVVKIFQSIPIGASVDL
ELCR
;
463 ? 
2 UNP VE6_HPV18   P06463 2 RRRETQV                                                                                 152 ? 
# 
loop_
_struct_ref_seq.align_id 
_struct_ref_seq.ref_id 
_struct_ref_seq.pdbx_PDB_id_code 
_struct_ref_seq.pdbx_strand_id 
_struct_ref_seq.seq_align_beg 
_struct_ref_seq.pdbx_seq_align_beg_ins_code 
_struct_ref_seq.seq_align_end 
_struct_ref_seq.pdbx_seq_align_end_ins_code 
_struct_ref_seq.pdbx_db_accession 
_struct_ref_seq.db_align_beg 
_struct_ref_seq.pdbx_db_align_beg_ins_code 
_struct_ref_seq.db_align_end 
_struct_ref_seq.pdbx_db_align_end_ins_code 
_struct_ref_seq.pdbx_auth_seq_align_beg 
_struct_ref_seq.pdbx_auth_seq_align_end 
1 1 2I04 A 2 ? 85 ? Q6RHR9 463 ? 546 ? 451  534  
2 2 2I04 C 1 ? 7  ? P06463 152 ? 158 ? 2000 2006 
3 1 2I04 B 2 ? 85 ? Q6RHR9 463 ? 546 ? 451  534  
4 2 2I04 D 1 ? 7  ? P06463 152 ? 158 ? 2000 2006 
# 
loop_
_struct_ref_seq_dif.align_id 
_struct_ref_seq_dif.pdbx_pdb_id_code 
_struct_ref_seq_dif.mon_id 
_struct_ref_seq_dif.pdbx_pdb_strand_id 
_struct_ref_seq_dif.seq_num 
_struct_ref_seq_dif.pdbx_pdb_ins_code 
_struct_ref_seq_dif.pdbx_seq_db_name 
_struct_ref_seq_dif.pdbx_seq_db_accession_code 
_struct_ref_seq_dif.db_mon_id 
_struct_ref_seq_dif.pdbx_seq_db_seq_num 
_struct_ref_seq_dif.details 
_struct_ref_seq_dif.pdbx_auth_seq_num 
_struct_ref_seq_dif.pdbx_ordinal 
1 2I04 SER A 1 ? UNP Q6RHR9 ? ? 'cloning artifact' 450 1 
3 2I04 SER B 1 ? UNP Q6RHR9 ? ? 'cloning artifact' 450 2 
# 
_pdbx_struct_assembly.id                   1 
_pdbx_struct_assembly.details              author_and_software_defined_assembly 
_pdbx_struct_assembly.method_details       PISA 
_pdbx_struct_assembly.oligomeric_details   tetrameric 
_pdbx_struct_assembly.oligomeric_count     4 
# 
loop_
_pdbx_struct_assembly_prop.biol_id 
_pdbx_struct_assembly_prop.type 
_pdbx_struct_assembly_prop.value 
_pdbx_struct_assembly_prop.details 
1 'ABSA (A^2)' 3430 ? 
1 MORE         -42  ? 
1 'SSA (A^2)'  8720 ? 
# 
_pdbx_struct_assembly_gen.assembly_id       1 
_pdbx_struct_assembly_gen.oper_expression   1 
_pdbx_struct_assembly_gen.asym_id_list      A,B,C,D,E,F,G,H,I,J 
# 
_pdbx_struct_oper_list.id                   1 
_pdbx_struct_oper_list.type                 'identity operation' 
_pdbx_struct_oper_list.name                 1_555 
_pdbx_struct_oper_list.symmetry_operation   x,y,z 
_pdbx_struct_oper_list.matrix[1][1]         1.0000000000 
_pdbx_struct_oper_list.matrix[1][2]         0.0000000000 
_pdbx_struct_oper_list.matrix[1][3]         0.0000000000 
_pdbx_struct_oper_list.vector[1]            0.0000000000 
_pdbx_struct_oper_list.matrix[2][1]         0.0000000000 
_pdbx_struct_oper_list.matrix[2][2]         1.0000000000 
_pdbx_struct_oper_list.matrix[2][3]         0.0000000000 
_pdbx_struct_oper_list.vector[2]            0.0000000000 
_pdbx_struct_oper_list.matrix[3][1]         0.0000000000 
_pdbx_struct_oper_list.matrix[3][2]         0.0000000000 
_pdbx_struct_oper_list.matrix[3][3]         1.0000000000 
_pdbx_struct_oper_list.vector[3]            0.0000000000 
# 
_struct_biol.id        1 
_struct_biol.details   ? 
# 
loop_
_struct_conf.conf_type_id 
_struct_conf.id 
_struct_conf.pdbx_PDB_helix_id 
_struct_conf.beg_label_comp_id 
_struct_conf.beg_label_asym_id 
_struct_conf.beg_label_seq_id 
_struct_conf.pdbx_beg_PDB_ins_code 
_struct_conf.end_label_comp_id 
_struct_conf.end_label_asym_id 
_struct_conf.end_label_seq_id 
_struct_conf.pdbx_end_PDB_ins_code 
_struct_conf.beg_auth_comp_id 
_struct_conf.beg_auth_asym_id 
_struct_conf.beg_auth_seq_id 
_struct_conf.end_auth_comp_id 
_struct_conf.end_auth_asym_id 
_struct_conf.end_auth_seq_id 
_struct_conf.pdbx_PDB_helix_class 
_struct_conf.details 
_struct_conf.pdbx_PDB_helix_length 
HELX_P HELX_P1 1 GLY A 36 ? GLY A 42 ? GLY A 485 GLY A 491 1 ? 7  
HELX_P HELX_P2 2 THR A 62 ? SER A 72 ? THR A 511 SER A 521 1 ? 11 
HELX_P HELX_P3 3 GLY C 36 ? GLY C 42 ? GLY B 485 GLY B 491 1 ? 7  
HELX_P HELX_P4 4 THR C 62 ? SER C 72 ? THR B 511 SER B 521 1 ? 11 
# 
_struct_conf_type.id          HELX_P 
_struct_conf_type.criteria    ? 
_struct_conf_type.reference   ? 
# 
loop_
_struct_conn.id 
_struct_conn.conn_type_id 
_struct_conn.pdbx_leaving_atom_flag 
_struct_conn.pdbx_PDB_id 
_struct_conn.ptnr1_label_asym_id 
_struct_conn.ptnr1_label_comp_id 
_struct_conn.ptnr1_label_seq_id 
_struct_conn.ptnr1_label_atom_id 
_struct_conn.pdbx_ptnr1_label_alt_id 
_struct_conn.pdbx_ptnr1_PDB_ins_code 
_struct_conn.pdbx_ptnr1_standard_comp_id 
_struct_conn.ptnr1_symmetry 
_struct_conn.ptnr2_label_asym_id 
_struct_conn.ptnr2_label_comp_id 
_struct_conn.ptnr2_label_seq_id 
_struct_conn.ptnr2_label_atom_id 
_struct_conn.pdbx_ptnr2_label_alt_id 
_struct_conn.pdbx_ptnr2_PDB_ins_code 
_struct_conn.ptnr1_auth_asym_id 
_struct_conn.ptnr1_auth_comp_id 
_struct_conn.ptnr1_auth_seq_id 
_struct_conn.ptnr2_auth_asym_id 
_struct_conn.ptnr2_auth_comp_id 
_struct_conn.ptnr2_auth_seq_id 
_struct_conn.ptnr2_symmetry 
_struct_conn.pdbx_ptnr3_label_atom_id 
_struct_conn.pdbx_ptnr3_label_seq_id 
_struct_conn.pdbx_ptnr3_label_comp_id 
_struct_conn.pdbx_ptnr3_label_asym_id 
_struct_conn.pdbx_ptnr3_label_alt_id 
_struct_conn.pdbx_ptnr3_PDB_ins_code 
_struct_conn.details 
_struct_conn.pdbx_dist_value 
_struct_conn.pdbx_value_order 
_struct_conn.pdbx_role 
disulf1 disulf ? ? A CYS 57 SG ? ? ? 1_555 C CYS 84 SG ? ? A CYS 506 B CYS 533 1_555 ? ? ? ? ? ? ? 2.666 ? ? 
disulf2 disulf ? ? A CYS 84 SG ? ? ? 1_555 C CYS 57 SG ? ? A CYS 533 B CYS 506 1_555 ? ? ? ? ? ? ? 2.880 ? ? 
# 
_struct_conn_type.id          disulf 
_struct_conn_type.criteria    ? 
_struct_conn_type.reference   ? 
# 
loop_
_pdbx_modification_feature.ordinal 
_pdbx_modification_feature.label_comp_id 
_pdbx_modification_feature.label_asym_id 
_pdbx_modification_feature.label_seq_id 
_pdbx_modification_feature.label_alt_id 
_pdbx_modification_feature.modified_residue_label_comp_id 
_pdbx_modification_feature.modified_residue_label_asym_id 
_pdbx_modification_feature.modified_residue_label_seq_id 
_pdbx_modification_feature.modified_residue_label_alt_id 
_pdbx_modification_feature.auth_comp_id 
_pdbx_modification_feature.auth_asym_id 
_pdbx_modification_feature.auth_seq_id 
_pdbx_modification_feature.PDB_ins_code 
_pdbx_modification_feature.symmetry 
_pdbx_modification_feature.modified_residue_auth_comp_id 
_pdbx_modification_feature.modified_residue_auth_asym_id 
_pdbx_modification_feature.modified_residue_auth_seq_id 
_pdbx_modification_feature.modified_residue_PDB_ins_code 
_pdbx_modification_feature.modified_residue_symmetry 
_pdbx_modification_feature.comp_id_linking_atom 
_pdbx_modification_feature.modified_residue_id_linking_atom 
_pdbx_modification_feature.modified_residue_id 
_pdbx_modification_feature.ref_pcm_id 
_pdbx_modification_feature.ref_comp_id 
_pdbx_modification_feature.type 
_pdbx_modification_feature.category 
1 CYS A 57 ? CYS C 84 ? CYS A 506 ? 1_555 CYS B 533 ? 1_555 SG SG . . . None 'Disulfide bridge' 
2 CYS A 84 ? CYS C 57 ? CYS A 533 ? 1_555 CYS B 506 ? 1_555 SG SG . . . None 'Disulfide bridge' 
# 
loop_
_struct_sheet.id 
_struct_sheet.type 
_struct_sheet.number_strands 
_struct_sheet.details 
A ? 4 ? 
B ? 3 ? 
C ? 4 ? 
D ? 3 ? 
# 
loop_
_struct_sheet_order.sheet_id 
_struct_sheet_order.range_id_1 
_struct_sheet_order.range_id_2 
_struct_sheet_order.offset 
_struct_sheet_order.sense 
A 1 2 ? anti-parallel 
A 2 3 ? anti-parallel 
A 3 4 ? anti-parallel 
B 1 2 ? anti-parallel 
B 2 3 ? anti-parallel 
C 1 2 ? anti-parallel 
C 2 3 ? anti-parallel 
C 3 4 ? anti-parallel 
D 1 2 ? anti-parallel 
D 2 3 ? anti-parallel 
# 
loop_
_struct_sheet_range.sheet_id 
_struct_sheet_range.id 
_struct_sheet_range.beg_label_comp_id 
_struct_sheet_range.beg_label_asym_id 
_struct_sheet_range.beg_label_seq_id 
_struct_sheet_range.pdbx_beg_PDB_ins_code 
_struct_sheet_range.end_label_comp_id 
_struct_sheet_range.end_label_asym_id 
_struct_sheet_range.end_label_seq_id 
_struct_sheet_range.pdbx_end_PDB_ins_code 
_struct_sheet_range.beg_auth_comp_id 
_struct_sheet_range.beg_auth_asym_id 
_struct_sheet_range.beg_auth_seq_id 
_struct_sheet_range.end_auth_comp_id 
_struct_sheet_range.end_auth_asym_id 
_struct_sheet_range.end_auth_seq_id 
A 1 ILE A 2  ? ARG A 7  ? ILE A 451  ARG A 456  
A 2 SER A 78 ? CYS A 84 ? SER A 527  CYS A 533  
A 3 VAL A 49 ? VAL A 53 ? VAL A 498  VAL A 502  
A 4 THR A 56 ? CYS A 57 ? THR A 505  CYS A 506  
B 1 LEU A 27 ? LEU A 32 ? LEU A 476  LEU A 481  
B 2 PHE A 15 ? GLY A 19 ? PHE A 464  GLY A 468  
B 3 THR B 5  ? GLN B 6  ? THR C 2004 GLN C 2005 
C 1 ILE C 2  ? ARG C 7  ? ILE B 451  ARG B 456  
C 2 SER C 78 ? CYS C 84 ? SER B 527  CYS B 533  
C 3 VAL C 49 ? VAL C 53 ? VAL B 498  VAL B 502  
C 4 THR C 56 ? CYS C 57 ? THR B 505  CYS B 506  
D 1 LEU C 27 ? LEU C 32 ? LEU B 476  LEU B 481  
D 2 PHE C 15 ? GLY C 19 ? PHE B 464  GLY B 468  
D 3 GLU D 4  ? VAL D 7  ? GLU D 2003 VAL D 2006 
# 
loop_
_pdbx_struct_sheet_hbond.sheet_id 
_pdbx_struct_sheet_hbond.range_id_1 
_pdbx_struct_sheet_hbond.range_id_2 
_pdbx_struct_sheet_hbond.range_1_label_atom_id 
_pdbx_struct_sheet_hbond.range_1_label_comp_id 
_pdbx_struct_sheet_hbond.range_1_label_asym_id 
_pdbx_struct_sheet_hbond.range_1_label_seq_id 
_pdbx_struct_sheet_hbond.range_1_PDB_ins_code 
_pdbx_struct_sheet_hbond.range_1_auth_atom_id 
_pdbx_struct_sheet_hbond.range_1_auth_comp_id 
_pdbx_struct_sheet_hbond.range_1_auth_asym_id 
_pdbx_struct_sheet_hbond.range_1_auth_seq_id 
_pdbx_struct_sheet_hbond.range_2_label_atom_id 
_pdbx_struct_sheet_hbond.range_2_label_comp_id 
_pdbx_struct_sheet_hbond.range_2_label_asym_id 
_pdbx_struct_sheet_hbond.range_2_label_seq_id 
_pdbx_struct_sheet_hbond.range_2_PDB_ins_code 
_pdbx_struct_sheet_hbond.range_2_auth_atom_id 
_pdbx_struct_sheet_hbond.range_2_auth_comp_id 
_pdbx_struct_sheet_hbond.range_2_auth_asym_id 
_pdbx_struct_sheet_hbond.range_2_auth_seq_id 
A 1 2 N THR A 4  ? N THR A 453 O LEU A 81 ? O LEU A 530  
A 2 3 O CYS A 84 ? O CYS A 533 N VAL A 49 ? N VAL A 498  
A 3 4 N VAL A 53 ? N VAL A 502 O THR A 56 ? O THR A 505  
B 1 2 O GLN A 28 ? O GLN A 477 N VAL A 18 ? N VAL A 467  
B 2 3 N VAL A 17 ? N VAL A 466 O THR B 5  ? O THR C 2004 
C 1 2 N ILE C 2  ? N ILE B 451 O LEU C 83 ? O LEU B 532  
C 2 3 O CYS C 84 ? O CYS B 533 N VAL C 49 ? N VAL B 498  
C 3 4 N VAL C 53 ? N VAL B 502 O THR C 56 ? O THR B 505  
D 1 2 O SER C 31 ? O SER B 480 N THR C 16 ? N THR B 465  
D 2 3 N PHE C 15 ? N PHE B 464 O VAL D 7  ? O VAL D 2006 
# 
loop_
_struct_site.id 
_struct_site.pdbx_evidence_code 
_struct_site.pdbx_auth_asym_id 
_struct_site.pdbx_auth_comp_id 
_struct_site.pdbx_auth_seq_id 
_struct_site.pdbx_auth_ins_code 
_struct_site.pdbx_num_residues 
_struct_site.details 
AC1 Software B SO4 900 ? 3 'BINDING SITE FOR RESIDUE SO4 B 900' 
AC2 Software A SO4 901 ? 6 'BINDING SITE FOR RESIDUE SO4 A 901' 
# 
loop_
_struct_site_gen.id 
_struct_site_gen.site_id 
_struct_site_gen.pdbx_num_res 
_struct_site_gen.label_comp_id 
_struct_site_gen.label_asym_id 
_struct_site_gen.label_seq_id 
_struct_site_gen.pdbx_auth_ins_code 
_struct_site_gen.auth_comp_id 
_struct_site_gen.auth_asym_id 
_struct_site_gen.auth_seq_id 
_struct_site_gen.label_atom_id 
_struct_site_gen.label_alt_id 
_struct_site_gen.symmetry 
_struct_site_gen.details 
1 AC1 3 ARG C 7  ? ARG B 456  . ? 1_555 ? 
2 AC1 3 SER C 9  ? SER B 458  . ? 1_555 ? 
3 AC1 3 SER C 10 ? SER B 459  . ? 1_555 ? 
4 AC2 6 ARG A 7  ? ARG A 456  . ? 1_555 ? 
5 AC2 6 SER A 9  ? SER A 458  . ? 1_555 ? 
6 AC2 6 SER A 10 ? SER A 459  . ? 1_555 ? 
7 AC2 6 ILE A 75 ? ILE A 524  . ? 1_555 ? 
8 AC2 6 HOH G .  ? HOH A 2070 . ? 1_555 ? 
9 AC2 6 HOH J .  ? HOH D 2107 . ? 1_455 ? 
# 
_pdbx_entry_details.entry_id                   2I04 
_pdbx_entry_details.compound_details           ? 
_pdbx_entry_details.source_details             ? 
_pdbx_entry_details.nonpolymer_details         ? 
_pdbx_entry_details.sequence_details           ? 
_pdbx_entry_details.has_ligand_of_interest     ? 
_pdbx_entry_details.has_protein_modification   Y 
# 
loop_
_pdbx_validate_close_contact.id 
_pdbx_validate_close_contact.PDB_model_num 
_pdbx_validate_close_contact.auth_atom_id_1 
_pdbx_validate_close_contact.auth_asym_id_1 
_pdbx_validate_close_contact.auth_comp_id_1 
_pdbx_validate_close_contact.auth_seq_id_1 
_pdbx_validate_close_contact.PDB_ins_code_1 
_pdbx_validate_close_contact.label_alt_id_1 
_pdbx_validate_close_contact.auth_atom_id_2 
_pdbx_validate_close_contact.auth_asym_id_2 
_pdbx_validate_close_contact.auth_comp_id_2 
_pdbx_validate_close_contact.auth_seq_id_2 
_pdbx_validate_close_contact.PDB_ins_code_2 
_pdbx_validate_close_contact.label_alt_id_2 
_pdbx_validate_close_contact.dist 
1 1 OD1 A ASP 470  ? ? OE2 A GLU 474  ? ? 1.77 
2 1 OXT A ARG 534  ? ? O   A HOH 2139 ? ? 1.97 
3 1 OD2 A ASP 470  ? ? NH2 C ARG 2002 ? ? 2.09 
4 1 CA  A ASP 470  ? ? NH2 C ARG 2002 ? ? 2.13 
5 1 CG  A ASP 470  ? ? NH2 C ARG 2002 ? ? 2.15 
6 1 OE2 D GLU 2003 ? ? O   D HOH 2031 ? ? 2.19 
# 
_pdbx_validate_symm_contact.id                1 
_pdbx_validate_symm_contact.PDB_model_num     1 
_pdbx_validate_symm_contact.auth_atom_id_1    O 
_pdbx_validate_symm_contact.auth_asym_id_1    B 
_pdbx_validate_symm_contact.auth_comp_id_1    HOH 
_pdbx_validate_symm_contact.auth_seq_id_1     2052 
_pdbx_validate_symm_contact.PDB_ins_code_1    ? 
_pdbx_validate_symm_contact.label_alt_id_1    ? 
_pdbx_validate_symm_contact.site_symmetry_1   1_555 
_pdbx_validate_symm_contact.auth_atom_id_2    O 
_pdbx_validate_symm_contact.auth_asym_id_2    B 
_pdbx_validate_symm_contact.auth_comp_id_2    HOH 
_pdbx_validate_symm_contact.auth_seq_id_2     2094 
_pdbx_validate_symm_contact.PDB_ins_code_2    ? 
_pdbx_validate_symm_contact.label_alt_id_2    ? 
_pdbx_validate_symm_contact.site_symmetry_2   2_756 
_pdbx_validate_symm_contact.dist              2.05 
# 
loop_
_pdbx_validate_rmsd_bond.id 
_pdbx_validate_rmsd_bond.PDB_model_num 
_pdbx_validate_rmsd_bond.auth_atom_id_1 
_pdbx_validate_rmsd_bond.auth_asym_id_1 
_pdbx_validate_rmsd_bond.auth_comp_id_1 
_pdbx_validate_rmsd_bond.auth_seq_id_1 
_pdbx_validate_rmsd_bond.PDB_ins_code_1 
_pdbx_validate_rmsd_bond.label_alt_id_1 
_pdbx_validate_rmsd_bond.auth_atom_id_2 
_pdbx_validate_rmsd_bond.auth_asym_id_2 
_pdbx_validate_rmsd_bond.auth_comp_id_2 
_pdbx_validate_rmsd_bond.auth_seq_id_2 
_pdbx_validate_rmsd_bond.PDB_ins_code_2 
_pdbx_validate_rmsd_bond.label_alt_id_2 
_pdbx_validate_rmsd_bond.bond_value 
_pdbx_validate_rmsd_bond.bond_target_value 
_pdbx_validate_rmsd_bond.bond_deviation 
_pdbx_validate_rmsd_bond.bond_standard_deviation 
_pdbx_validate_rmsd_bond.linker_flag 
1  1 C A SER 459  ? ? N A ARG 460  ? ? 1.479 1.336 0.143  0.023 Y 
2  1 C A ARG 460  ? ? N A GLY 461  ? ? 1.498 1.336 0.162  0.023 Y 
3  1 C A ASP 470  ? ? N A GLU 471  ? ? 1.144 1.336 -0.192 0.023 Y 
4  1 C A GLU 471  ? ? N A PRO 472  ? ? 1.560 1.338 0.222  0.019 Y 
5  1 C A PRO 472  ? ? N A ASP 473  ? ? 1.521 1.336 0.185  0.023 Y 
6  1 C A VAL 500  ? ? N A SER 501  ? ? 1.484 1.336 0.148  0.023 Y 
7  1 C A ALA 513  ? ? N A GLN 514  ? ? 1.560 1.336 0.224  0.023 Y 
8  1 C A VAL 516  ? ? N A LYS 517  ? ? 1.489 1.336 0.153  0.023 Y 
9  1 C A GLN 520  ? ? N A SER 521  ? ? 1.530 1.336 0.194  0.023 Y 
10 1 C A SER 521  ? ? N A ILE 522  ? ? 1.508 1.336 0.172  0.023 Y 
11 1 C A LEU 532  ? ? N A CYS 533  ? ? 1.172 1.336 -0.164 0.023 Y 
12 1 C A CYS 533  ? ? N A ARG 534  ? ? 1.518 1.336 0.182  0.023 Y 
13 1 C C ARG 2002 ? ? N C GLU 2003 ? ? 1.172 1.336 -0.164 0.023 Y 
14 1 C C GLN 2005 ? ? N C VAL 2006 ? ? 1.114 1.336 -0.222 0.023 Y 
15 1 C B SER 459  ? ? N B ARG 460  ? ? 1.512 1.336 0.176  0.023 Y 
16 1 C B ASP 484  ? ? N B GLY 485  ? ? 1.535 1.336 0.199  0.023 Y 
17 1 C B ALA 488  ? ? N B LEU 489  ? ? 1.497 1.336 0.161  0.023 Y 
18 1 C B LEU 489  ? ? N B ASP 490  ? ? 1.485 1.336 0.149  0.023 Y 
19 1 C B GLY 496  ? ? N B ASP 497  ? ? 1.546 1.336 0.210  0.023 Y 
20 1 C B CYS 506  ? ? N B VAL 507  ? ? 1.488 1.336 0.152  0.023 Y 
21 1 C B GLN 514  ? ? N B VAL 515  ? ? 1.497 1.336 0.161  0.023 Y 
22 1 C D GLU 2003 ? ? N D THR 2004 ? ? 1.041 1.336 -0.295 0.023 Y 
23 1 C D GLN 2005 ? ? N D VAL 2006 ? ? 1.082 1.336 -0.254 0.023 Y 
# 
loop_
_pdbx_validate_rmsd_angle.id 
_pdbx_validate_rmsd_angle.PDB_model_num 
_pdbx_validate_rmsd_angle.auth_atom_id_1 
_pdbx_validate_rmsd_angle.auth_asym_id_1 
_pdbx_validate_rmsd_angle.auth_comp_id_1 
_pdbx_validate_rmsd_angle.auth_seq_id_1 
_pdbx_validate_rmsd_angle.PDB_ins_code_1 
_pdbx_validate_rmsd_angle.label_alt_id_1 
_pdbx_validate_rmsd_angle.auth_atom_id_2 
_pdbx_validate_rmsd_angle.auth_asym_id_2 
_pdbx_validate_rmsd_angle.auth_comp_id_2 
_pdbx_validate_rmsd_angle.auth_seq_id_2 
_pdbx_validate_rmsd_angle.PDB_ins_code_2 
_pdbx_validate_rmsd_angle.label_alt_id_2 
_pdbx_validate_rmsd_angle.auth_atom_id_3 
_pdbx_validate_rmsd_angle.auth_asym_id_3 
_pdbx_validate_rmsd_angle.auth_comp_id_3 
_pdbx_validate_rmsd_angle.auth_seq_id_3 
_pdbx_validate_rmsd_angle.PDB_ins_code_3 
_pdbx_validate_rmsd_angle.label_alt_id_3 
_pdbx_validate_rmsd_angle.angle_value 
_pdbx_validate_rmsd_angle.angle_target_value 
_pdbx_validate_rmsd_angle.angle_deviation 
_pdbx_validate_rmsd_angle.angle_standard_deviation 
_pdbx_validate_rmsd_angle.linker_flag 
1  1 O  A CYS 506  ? ? C  A CYS 506  ? ? N  A VAL 507  ? ? 110.61 122.70 -12.09 1.60 Y 
2  1 O  A LEU 508  ? ? C  A LEU 508  ? ? N  A GLY 509  ? ? 112.11 123.20 -11.09 1.70 Y 
3  1 C  A LEU 508  ? ? N  A GLY 509  ? ? CA A GLY 509  ? ? 136.03 122.30 13.73  2.10 Y 
4  1 CA A HIS 512  ? ? C  A HIS 512  ? ? N  A ALA 513  ? ? 130.62 117.20 13.42  2.20 Y 
5  1 O  A HIS 512  ? ? C  A HIS 512  ? ? N  A ALA 513  ? ? 108.85 122.70 -13.85 1.60 Y 
6  1 C  A HIS 512  ? ? N  A ALA 513  ? ? CA A ALA 513  ? ? 136.74 121.70 15.04  2.50 Y 
7  1 O  A ALA 513  ? ? C  A ALA 513  ? ? N  A GLN 514  ? ? 135.02 122.70 12.32  1.60 Y 
8  1 CA A LEU 532  ? ? C  A LEU 532  ? ? N  A CYS 533  ? ? 136.70 117.20 19.50  2.20 Y 
9  1 O  A LEU 532  ? ? C  A LEU 532  ? ? N  A CYS 533  ? ? 103.36 122.70 -19.34 1.60 Y 
10 1 C  A LEU 532  ? ? N  A CYS 533  ? ? CA A CYS 533  ? ? 142.78 121.70 21.08  2.50 Y 
11 1 CA A CYS 533  ? ? CB A CYS 533  ? ? SG A CYS 533  ? ? 122.52 114.20 8.32   1.10 N 
12 1 CA C ARG 2002 ? ? C  C ARG 2002 ? ? N  C GLU 2003 ? ? 134.71 117.20 17.51  2.20 Y 
13 1 O  C ARG 2002 ? ? C  C ARG 2002 ? ? N  C GLU 2003 ? ? 104.13 122.70 -18.57 1.60 Y 
14 1 O  C GLU 2003 ? ? C  C GLU 2003 ? ? N  C THR 2004 ? ? 109.92 122.70 -12.78 1.60 Y 
15 1 O  B ILE 451  ? ? C  B ILE 451  ? ? N  B HIS 452  ? ? 112.06 122.70 -10.64 1.60 Y 
16 1 O  B LEU 489  ? ? C  B LEU 489  ? ? N  B ASP 490  ? ? 133.07 122.70 10.37  1.60 Y 
17 1 O  B ASN 503  ? ? C  B ASN 503  ? ? N  B ASP 504  ? ? 132.33 122.70 9.63   1.60 Y 
18 1 CA B CYS 533  ? ? CB B CYS 533  ? ? SG B CYS 533  ? ? 122.74 114.20 8.54   1.10 N 
19 1 C  D ARG 2000 ? ? N  D ARG 2001 ? ? CA D ARG 2001 ? ? 138.90 121.70 17.20  2.50 Y 
20 1 O  D GLU 2003 ? ? C  D GLU 2003 ? ? N  D THR 2004 ? ? 111.97 122.70 -10.73 1.60 Y 
# 
loop_
_pdbx_validate_torsion.id 
_pdbx_validate_torsion.PDB_model_num 
_pdbx_validate_torsion.auth_comp_id 
_pdbx_validate_torsion.auth_asym_id 
_pdbx_validate_torsion.auth_seq_id 
_pdbx_validate_torsion.PDB_ins_code 
_pdbx_validate_torsion.label_alt_id 
_pdbx_validate_torsion.phi 
_pdbx_validate_torsion.psi 
1 1 ASP A 470 ? ? -55.26 -76.26 
2 1 ASP A 504 ? ? 74.47  -21.92 
3 1 THR B 495 ? ? -48.59 152.25 
# 
loop_
_pdbx_validate_polymer_linkage.id 
_pdbx_validate_polymer_linkage.PDB_model_num 
_pdbx_validate_polymer_linkage.auth_atom_id_1 
_pdbx_validate_polymer_linkage.auth_asym_id_1 
_pdbx_validate_polymer_linkage.auth_comp_id_1 
_pdbx_validate_polymer_linkage.auth_seq_id_1 
_pdbx_validate_polymer_linkage.PDB_ins_code_1 
_pdbx_validate_polymer_linkage.label_alt_id_1 
_pdbx_validate_polymer_linkage.auth_atom_id_2 
_pdbx_validate_polymer_linkage.auth_asym_id_2 
_pdbx_validate_polymer_linkage.auth_comp_id_2 
_pdbx_validate_polymer_linkage.auth_seq_id_2 
_pdbx_validate_polymer_linkage.PDB_ins_code_2 
_pdbx_validate_polymer_linkage.label_alt_id_2 
_pdbx_validate_polymer_linkage.dist 
1 1 C A ASP 470  ? ? N A GLU 471  ? ? 1.14 
2 1 C A LEU 532  ? ? N A CYS 533  ? ? 1.17 
3 1 C C ARG 2002 ? ? N C GLU 2003 ? ? 1.17 
4 1 C C GLN 2005 ? ? N C VAL 2006 ? ? 1.11 
5 1 C D GLU 2003 ? ? N D THR 2004 ? ? 1.04 
6 1 C D GLN 2005 ? ? N D VAL 2006 ? ? 1.08 
# 
loop_
_pdbx_unobs_or_zero_occ_residues.id 
_pdbx_unobs_or_zero_occ_residues.PDB_model_num 
_pdbx_unobs_or_zero_occ_residues.polymer_flag 
_pdbx_unobs_or_zero_occ_residues.occupancy_flag 
_pdbx_unobs_or_zero_occ_residues.auth_asym_id 
_pdbx_unobs_or_zero_occ_residues.auth_comp_id 
_pdbx_unobs_or_zero_occ_residues.auth_seq_id 
_pdbx_unobs_or_zero_occ_residues.PDB_ins_code 
_pdbx_unobs_or_zero_occ_residues.label_asym_id 
_pdbx_unobs_or_zero_occ_residues.label_comp_id 
_pdbx_unobs_or_zero_occ_residues.label_seq_id 
1 1 Y 1 C ARG 2000 ? B ARG 1 
2 1 Y 1 C ARG 2001 ? B ARG 2 
# 
loop_
_chem_comp_atom.comp_id 
_chem_comp_atom.atom_id 
_chem_comp_atom.type_symbol 
_chem_comp_atom.pdbx_aromatic_flag 
_chem_comp_atom.pdbx_stereo_config 
_chem_comp_atom.pdbx_ordinal 
ALA N    N N N 1   
ALA CA   C N S 2   
ALA C    C N N 3   
ALA O    O N N 4   
ALA CB   C N N 5   
ALA OXT  O N N 6   
ALA H    H N N 7   
ALA H2   H N N 8   
ALA HA   H N N 9   
ALA HB1  H N N 10  
ALA HB2  H N N 11  
ALA HB3  H N N 12  
ALA HXT  H N N 13  
ARG N    N N N 14  
ARG CA   C N S 15  
ARG C    C N N 16  
ARG O    O N N 17  
ARG CB   C N N 18  
ARG CG   C N N 19  
ARG CD   C N N 20  
ARG NE   N N N 21  
ARG CZ   C N N 22  
ARG NH1  N N N 23  
ARG NH2  N N N 24  
ARG OXT  O N N 25  
ARG H    H N N 26  
ARG H2   H N N 27  
ARG HA   H N N 28  
ARG HB2  H N N 29  
ARG HB3  H N N 30  
ARG HG2  H N N 31  
ARG HG3  H N N 32  
ARG HD2  H N N 33  
ARG HD3  H N N 34  
ARG HE   H N N 35  
ARG HH11 H N N 36  
ARG HH12 H N N 37  
ARG HH21 H N N 38  
ARG HH22 H N N 39  
ARG HXT  H N N 40  
ASN N    N N N 41  
ASN CA   C N S 42  
ASN C    C N N 43  
ASN O    O N N 44  
ASN CB   C N N 45  
ASN CG   C N N 46  
ASN OD1  O N N 47  
ASN ND2  N N N 48  
ASN OXT  O N N 49  
ASN H    H N N 50  
ASN H2   H N N 51  
ASN HA   H N N 52  
ASN HB2  H N N 53  
ASN HB3  H N N 54  
ASN HD21 H N N 55  
ASN HD22 H N N 56  
ASN HXT  H N N 57  
ASP N    N N N 58  
ASP CA   C N S 59  
ASP C    C N N 60  
ASP O    O N N 61  
ASP CB   C N N 62  
ASP CG   C N N 63  
ASP OD1  O N N 64  
ASP OD2  O N N 65  
ASP OXT  O N N 66  
ASP H    H N N 67  
ASP H2   H N N 68  
ASP HA   H N N 69  
ASP HB2  H N N 70  
ASP HB3  H N N 71  
ASP HD2  H N N 72  
ASP HXT  H N N 73  
CYS N    N N N 74  
CYS CA   C N R 75  
CYS C    C N N 76  
CYS O    O N N 77  
CYS CB   C N N 78  
CYS SG   S N N 79  
CYS OXT  O N N 80  
CYS H    H N N 81  
CYS H2   H N N 82  
CYS HA   H N N 83  
CYS HB2  H N N 84  
CYS HB3  H N N 85  
CYS HG   H N N 86  
CYS HXT  H N N 87  
GLN N    N N N 88  
GLN CA   C N S 89  
GLN C    C N N 90  
GLN O    O N N 91  
GLN CB   C N N 92  
GLN CG   C N N 93  
GLN CD   C N N 94  
GLN OE1  O N N 95  
GLN NE2  N N N 96  
GLN OXT  O N N 97  
GLN H    H N N 98  
GLN H2   H N N 99  
GLN HA   H N N 100 
GLN HB2  H N N 101 
GLN HB3  H N N 102 
GLN HG2  H N N 103 
GLN HG3  H N N 104 
GLN HE21 H N N 105 
GLN HE22 H N N 106 
GLN HXT  H N N 107 
GLU N    N N N 108 
GLU CA   C N S 109 
GLU C    C N N 110 
GLU O    O N N 111 
GLU CB   C N N 112 
GLU CG   C N N 113 
GLU CD   C N N 114 
GLU OE1  O N N 115 
GLU OE2  O N N 116 
GLU OXT  O N N 117 
GLU H    H N N 118 
GLU H2   H N N 119 
GLU HA   H N N 120 
GLU HB2  H N N 121 
GLU HB3  H N N 122 
GLU HG2  H N N 123 
GLU HG3  H N N 124 
GLU HE2  H N N 125 
GLU HXT  H N N 126 
GLY N    N N N 127 
GLY CA   C N N 128 
GLY C    C N N 129 
GLY O    O N N 130 
GLY OXT  O N N 131 
GLY H    H N N 132 
GLY H2   H N N 133 
GLY HA2  H N N 134 
GLY HA3  H N N 135 
GLY HXT  H N N 136 
HIS N    N N N 137 
HIS CA   C N S 138 
HIS C    C N N 139 
HIS O    O N N 140 
HIS CB   C N N 141 
HIS CG   C Y N 142 
HIS ND1  N Y N 143 
HIS CD2  C Y N 144 
HIS CE1  C Y N 145 
HIS NE2  N Y N 146 
HIS OXT  O N N 147 
HIS H    H N N 148 
HIS H2   H N N 149 
HIS HA   H N N 150 
HIS HB2  H N N 151 
HIS HB3  H N N 152 
HIS HD1  H N N 153 
HIS HD2  H N N 154 
HIS HE1  H N N 155 
HIS HE2  H N N 156 
HIS HXT  H N N 157 
HOH O    O N N 158 
HOH H1   H N N 159 
HOH H2   H N N 160 
ILE N    N N N 161 
ILE CA   C N S 162 
ILE C    C N N 163 
ILE O    O N N 164 
ILE CB   C N S 165 
ILE CG1  C N N 166 
ILE CG2  C N N 167 
ILE CD1  C N N 168 
ILE OXT  O N N 169 
ILE H    H N N 170 
ILE H2   H N N 171 
ILE HA   H N N 172 
ILE HB   H N N 173 
ILE HG12 H N N 174 
ILE HG13 H N N 175 
ILE HG21 H N N 176 
ILE HG22 H N N 177 
ILE HG23 H N N 178 
ILE HD11 H N N 179 
ILE HD12 H N N 180 
ILE HD13 H N N 181 
ILE HXT  H N N 182 
LEU N    N N N 183 
LEU CA   C N S 184 
LEU C    C N N 185 
LEU O    O N N 186 
LEU CB   C N N 187 
LEU CG   C N N 188 
LEU CD1  C N N 189 
LEU CD2  C N N 190 
LEU OXT  O N N 191 
LEU H    H N N 192 
LEU H2   H N N 193 
LEU HA   H N N 194 
LEU HB2  H N N 195 
LEU HB3  H N N 196 
LEU HG   H N N 197 
LEU HD11 H N N 198 
LEU HD12 H N N 199 
LEU HD13 H N N 200 
LEU HD21 H N N 201 
LEU HD22 H N N 202 
LEU HD23 H N N 203 
LEU HXT  H N N 204 
LYS N    N N N 205 
LYS CA   C N S 206 
LYS C    C N N 207 
LYS O    O N N 208 
LYS CB   C N N 209 
LYS CG   C N N 210 
LYS CD   C N N 211 
LYS CE   C N N 212 
LYS NZ   N N N 213 
LYS OXT  O N N 214 
LYS H    H N N 215 
LYS H2   H N N 216 
LYS HA   H N N 217 
LYS HB2  H N N 218 
LYS HB3  H N N 219 
LYS HG2  H N N 220 
LYS HG3  H N N 221 
LYS HD2  H N N 222 
LYS HD3  H N N 223 
LYS HE2  H N N 224 
LYS HE3  H N N 225 
LYS HZ1  H N N 226 
LYS HZ2  H N N 227 
LYS HZ3  H N N 228 
LYS HXT  H N N 229 
MET N    N N N 230 
MET CA   C N S 231 
MET C    C N N 232 
MET O    O N N 233 
MET CB   C N N 234 
MET CG   C N N 235 
MET SD   S N N 236 
MET CE   C N N 237 
MET OXT  O N N 238 
MET H    H N N 239 
MET H2   H N N 240 
MET HA   H N N 241 
MET HB2  H N N 242 
MET HB3  H N N 243 
MET HG2  H N N 244 
MET HG3  H N N 245 
MET HE1  H N N 246 
MET HE2  H N N 247 
MET HE3  H N N 248 
MET HXT  H N N 249 
PHE N    N N N 250 
PHE CA   C N S 251 
PHE C    C N N 252 
PHE O    O N N 253 
PHE CB   C N N 254 
PHE CG   C Y N 255 
PHE CD1  C Y N 256 
PHE CD2  C Y N 257 
PHE CE1  C Y N 258 
PHE CE2  C Y N 259 
PHE CZ   C Y N 260 
PHE OXT  O N N 261 
PHE H    H N N 262 
PHE H2   H N N 263 
PHE HA   H N N 264 
PHE HB2  H N N 265 
PHE HB3  H N N 266 
PHE HD1  H N N 267 
PHE HD2  H N N 268 
PHE HE1  H N N 269 
PHE HE2  H N N 270 
PHE HZ   H N N 271 
PHE HXT  H N N 272 
PRO N    N N N 273 
PRO CA   C N S 274 
PRO C    C N N 275 
PRO O    O N N 276 
PRO CB   C N N 277 
PRO CG   C N N 278 
PRO CD   C N N 279 
PRO OXT  O N N 280 
PRO H    H N N 281 
PRO HA   H N N 282 
PRO HB2  H N N 283 
PRO HB3  H N N 284 
PRO HG2  H N N 285 
PRO HG3  H N N 286 
PRO HD2  H N N 287 
PRO HD3  H N N 288 
PRO HXT  H N N 289 
SER N    N N N 290 
SER CA   C N S 291 
SER C    C N N 292 
SER O    O N N 293 
SER CB   C N N 294 
SER OG   O N N 295 
SER OXT  O N N 296 
SER H    H N N 297 
SER H2   H N N 298 
SER HA   H N N 299 
SER HB2  H N N 300 
SER HB3  H N N 301 
SER HG   H N N 302 
SER HXT  H N N 303 
SO4 S    S N N 304 
SO4 O1   O N N 305 
SO4 O2   O N N 306 
SO4 O3   O N N 307 
SO4 O4   O N N 308 
THR N    N N N 309 
THR CA   C N S 310 
THR C    C N N 311 
THR O    O N N 312 
THR CB   C N R 313 
THR OG1  O N N 314 
THR CG2  C N N 315 
THR OXT  O N N 316 
THR H    H N N 317 
THR H2   H N N 318 
THR HA   H N N 319 
THR HB   H N N 320 
THR HG1  H N N 321 
THR HG21 H N N 322 
THR HG22 H N N 323 
THR HG23 H N N 324 
THR HXT  H N N 325 
VAL N    N N N 326 
VAL CA   C N S 327 
VAL C    C N N 328 
VAL O    O N N 329 
VAL CB   C N N 330 
VAL CG1  C N N 331 
VAL CG2  C N N 332 
VAL OXT  O N N 333 
VAL H    H N N 334 
VAL H2   H N N 335 
VAL HA   H N N 336 
VAL HB   H N N 337 
VAL HG11 H N N 338 
VAL HG12 H N N 339 
VAL HG13 H N N 340 
VAL HG21 H N N 341 
VAL HG22 H N N 342 
VAL HG23 H N N 343 
VAL HXT  H N N 344 
# 
loop_
_chem_comp_bond.comp_id 
_chem_comp_bond.atom_id_1 
_chem_comp_bond.atom_id_2 
_chem_comp_bond.value_order 
_chem_comp_bond.pdbx_aromatic_flag 
_chem_comp_bond.pdbx_stereo_config 
_chem_comp_bond.pdbx_ordinal 
ALA N   CA   sing N N 1   
ALA N   H    sing N N 2   
ALA N   H2   sing N N 3   
ALA CA  C    sing N N 4   
ALA CA  CB   sing N N 5   
ALA CA  HA   sing N N 6   
ALA C   O    doub N N 7   
ALA C   OXT  sing N N 8   
ALA CB  HB1  sing N N 9   
ALA CB  HB2  sing N N 10  
ALA CB  HB3  sing N N 11  
ALA OXT HXT  sing N N 12  
ARG N   CA   sing N N 13  
ARG N   H    sing N N 14  
ARG N   H2   sing N N 15  
ARG CA  C    sing N N 16  
ARG CA  CB   sing N N 17  
ARG CA  HA   sing N N 18  
ARG C   O    doub N N 19  
ARG C   OXT  sing N N 20  
ARG CB  CG   sing N N 21  
ARG CB  HB2  sing N N 22  
ARG CB  HB3  sing N N 23  
ARG CG  CD   sing N N 24  
ARG CG  HG2  sing N N 25  
ARG CG  HG3  sing N N 26  
ARG CD  NE   sing N N 27  
ARG CD  HD2  sing N N 28  
ARG CD  HD3  sing N N 29  
ARG NE  CZ   sing N N 30  
ARG NE  HE   sing N N 31  
ARG CZ  NH1  sing N N 32  
ARG CZ  NH2  doub N N 33  
ARG NH1 HH11 sing N N 34  
ARG NH1 HH12 sing N N 35  
ARG NH2 HH21 sing N N 36  
ARG NH2 HH22 sing N N 37  
ARG OXT HXT  sing N N 38  
ASN N   CA   sing N N 39  
ASN N   H    sing N N 40  
ASN N   H2   sing N N 41  
ASN CA  C    sing N N 42  
ASN CA  CB   sing N N 43  
ASN CA  HA   sing N N 44  
ASN C   O    doub N N 45  
ASN C   OXT  sing N N 46  
ASN CB  CG   sing N N 47  
ASN CB  HB2  sing N N 48  
ASN CB  HB3  sing N N 49  
ASN CG  OD1  doub N N 50  
ASN CG  ND2  sing N N 51  
ASN ND2 HD21 sing N N 52  
ASN ND2 HD22 sing N N 53  
ASN OXT HXT  sing N N 54  
ASP N   CA   sing N N 55  
ASP N   H    sing N N 56  
ASP N   H2   sing N N 57  
ASP CA  C    sing N N 58  
ASP CA  CB   sing N N 59  
ASP CA  HA   sing N N 60  
ASP C   O    doub N N 61  
ASP C   OXT  sing N N 62  
ASP CB  CG   sing N N 63  
ASP CB  HB2  sing N N 64  
ASP CB  HB3  sing N N 65  
ASP CG  OD1  doub N N 66  
ASP CG  OD2  sing N N 67  
ASP OD2 HD2  sing N N 68  
ASP OXT HXT  sing N N 69  
CYS N   CA   sing N N 70  
CYS N   H    sing N N 71  
CYS N   H2   sing N N 72  
CYS CA  C    sing N N 73  
CYS CA  CB   sing N N 74  
CYS CA  HA   sing N N 75  
CYS C   O    doub N N 76  
CYS C   OXT  sing N N 77  
CYS CB  SG   sing N N 78  
CYS CB  HB2  sing N N 79  
CYS CB  HB3  sing N N 80  
CYS SG  HG   sing N N 81  
CYS OXT HXT  sing N N 82  
GLN N   CA   sing N N 83  
GLN N   H    sing N N 84  
GLN N   H2   sing N N 85  
GLN CA  C    sing N N 86  
GLN CA  CB   sing N N 87  
GLN CA  HA   sing N N 88  
GLN C   O    doub N N 89  
GLN C   OXT  sing N N 90  
GLN CB  CG   sing N N 91  
GLN CB  HB2  sing N N 92  
GLN CB  HB3  sing N N 93  
GLN CG  CD   sing N N 94  
GLN CG  HG2  sing N N 95  
GLN CG  HG3  sing N N 96  
GLN CD  OE1  doub N N 97  
GLN CD  NE2  sing N N 98  
GLN NE2 HE21 sing N N 99  
GLN NE2 HE22 sing N N 100 
GLN OXT HXT  sing N N 101 
GLU N   CA   sing N N 102 
GLU N   H    sing N N 103 
GLU N   H2   sing N N 104 
GLU CA  C    sing N N 105 
GLU CA  CB   sing N N 106 
GLU CA  HA   sing N N 107 
GLU C   O    doub N N 108 
GLU C   OXT  sing N N 109 
GLU CB  CG   sing N N 110 
GLU CB  HB2  sing N N 111 
GLU CB  HB3  sing N N 112 
GLU CG  CD   sing N N 113 
GLU CG  HG2  sing N N 114 
GLU CG  HG3  sing N N 115 
GLU CD  OE1  doub N N 116 
GLU CD  OE2  sing N N 117 
GLU OE2 HE2  sing N N 118 
GLU OXT HXT  sing N N 119 
GLY N   CA   sing N N 120 
GLY N   H    sing N N 121 
GLY N   H2   sing N N 122 
GLY CA  C    sing N N 123 
GLY CA  HA2  sing N N 124 
GLY CA  HA3  sing N N 125 
GLY C   O    doub N N 126 
GLY C   OXT  sing N N 127 
GLY OXT HXT  sing N N 128 
HIS N   CA   sing N N 129 
HIS N   H    sing N N 130 
HIS N   H2   sing N N 131 
HIS CA  C    sing N N 132 
HIS CA  CB   sing N N 133 
HIS CA  HA   sing N N 134 
HIS C   O    doub N N 135 
HIS C   OXT  sing N N 136 
HIS CB  CG   sing N N 137 
HIS CB  HB2  sing N N 138 
HIS CB  HB3  sing N N 139 
HIS CG  ND1  sing Y N 140 
HIS CG  CD2  doub Y N 141 
HIS ND1 CE1  doub Y N 142 
HIS ND1 HD1  sing N N 143 
HIS CD2 NE2  sing Y N 144 
HIS CD2 HD2  sing N N 145 
HIS CE1 NE2  sing Y N 146 
HIS CE1 HE1  sing N N 147 
HIS NE2 HE2  sing N N 148 
HIS OXT HXT  sing N N 149 
HOH O   H1   sing N N 150 
HOH O   H2   sing N N 151 
ILE N   CA   sing N N 152 
ILE N   H    sing N N 153 
ILE N   H2   sing N N 154 
ILE CA  C    sing N N 155 
ILE CA  CB   sing N N 156 
ILE CA  HA   sing N N 157 
ILE C   O    doub N N 158 
ILE C   OXT  sing N N 159 
ILE CB  CG1  sing N N 160 
ILE CB  CG2  sing N N 161 
ILE CB  HB   sing N N 162 
ILE CG1 CD1  sing N N 163 
ILE CG1 HG12 sing N N 164 
ILE CG1 HG13 sing N N 165 
ILE CG2 HG21 sing N N 166 
ILE CG2 HG22 sing N N 167 
ILE CG2 HG23 sing N N 168 
ILE CD1 HD11 sing N N 169 
ILE CD1 HD12 sing N N 170 
ILE CD1 HD13 sing N N 171 
ILE OXT HXT  sing N N 172 
LEU N   CA   sing N N 173 
LEU N   H    sing N N 174 
LEU N   H2   sing N N 175 
LEU CA  C    sing N N 176 
LEU CA  CB   sing N N 177 
LEU CA  HA   sing N N 178 
LEU C   O    doub N N 179 
LEU C   OXT  sing N N 180 
LEU CB  CG   sing N N 181 
LEU CB  HB2  sing N N 182 
LEU CB  HB3  sing N N 183 
LEU CG  CD1  sing N N 184 
LEU CG  CD2  sing N N 185 
LEU CG  HG   sing N N 186 
LEU CD1 HD11 sing N N 187 
LEU CD1 HD12 sing N N 188 
LEU CD1 HD13 sing N N 189 
LEU CD2 HD21 sing N N 190 
LEU CD2 HD22 sing N N 191 
LEU CD2 HD23 sing N N 192 
LEU OXT HXT  sing N N 193 
LYS N   CA   sing N N 194 
LYS N   H    sing N N 195 
LYS N   H2   sing N N 196 
LYS CA  C    sing N N 197 
LYS CA  CB   sing N N 198 
LYS CA  HA   sing N N 199 
LYS C   O    doub N N 200 
LYS C   OXT  sing N N 201 
LYS CB  CG   sing N N 202 
LYS CB  HB2  sing N N 203 
LYS CB  HB3  sing N N 204 
LYS CG  CD   sing N N 205 
LYS CG  HG2  sing N N 206 
LYS CG  HG3  sing N N 207 
LYS CD  CE   sing N N 208 
LYS CD  HD2  sing N N 209 
LYS CD  HD3  sing N N 210 
LYS CE  NZ   sing N N 211 
LYS CE  HE2  sing N N 212 
LYS CE  HE3  sing N N 213 
LYS NZ  HZ1  sing N N 214 
LYS NZ  HZ2  sing N N 215 
LYS NZ  HZ3  sing N N 216 
LYS OXT HXT  sing N N 217 
MET N   CA   sing N N 218 
MET N   H    sing N N 219 
MET N   H2   sing N N 220 
MET CA  C    sing N N 221 
MET CA  CB   sing N N 222 
MET CA  HA   sing N N 223 
MET C   O    doub N N 224 
MET C   OXT  sing N N 225 
MET CB  CG   sing N N 226 
MET CB  HB2  sing N N 227 
MET CB  HB3  sing N N 228 
MET CG  SD   sing N N 229 
MET CG  HG2  sing N N 230 
MET CG  HG3  sing N N 231 
MET SD  CE   sing N N 232 
MET CE  HE1  sing N N 233 
MET CE  HE2  sing N N 234 
MET CE  HE3  sing N N 235 
MET OXT HXT  sing N N 236 
PHE N   CA   sing N N 237 
PHE N   H    sing N N 238 
PHE N   H2   sing N N 239 
PHE CA  C    sing N N 240 
PHE CA  CB   sing N N 241 
PHE CA  HA   sing N N 242 
PHE C   O    doub N N 243 
PHE C   OXT  sing N N 244 
PHE CB  CG   sing N N 245 
PHE CB  HB2  sing N N 246 
PHE CB  HB3  sing N N 247 
PHE CG  CD1  doub Y N 248 
PHE CG  CD2  sing Y N 249 
PHE CD1 CE1  sing Y N 250 
PHE CD1 HD1  sing N N 251 
PHE CD2 CE2  doub Y N 252 
PHE CD2 HD2  sing N N 253 
PHE CE1 CZ   doub Y N 254 
PHE CE1 HE1  sing N N 255 
PHE CE2 CZ   sing Y N 256 
PHE CE2 HE2  sing N N 257 
PHE CZ  HZ   sing N N 258 
PHE OXT HXT  sing N N 259 
PRO N   CA   sing N N 260 
PRO N   CD   sing N N 261 
PRO N   H    sing N N 262 
PRO CA  C    sing N N 263 
PRO CA  CB   sing N N 264 
PRO CA  HA   sing N N 265 
PRO C   O    doub N N 266 
PRO C   OXT  sing N N 267 
PRO CB  CG   sing N N 268 
PRO CB  HB2  sing N N 269 
PRO CB  HB3  sing N N 270 
PRO CG  CD   sing N N 271 
PRO CG  HG2  sing N N 272 
PRO CG  HG3  sing N N 273 
PRO CD  HD2  sing N N 274 
PRO CD  HD3  sing N N 275 
PRO OXT HXT  sing N N 276 
SER N   CA   sing N N 277 
SER N   H    sing N N 278 
SER N   H2   sing N N 279 
SER CA  C    sing N N 280 
SER CA  CB   sing N N 281 
SER CA  HA   sing N N 282 
SER C   O    doub N N 283 
SER C   OXT  sing N N 284 
SER CB  OG   sing N N 285 
SER CB  HB2  sing N N 286 
SER CB  HB3  sing N N 287 
SER OG  HG   sing N N 288 
SER OXT HXT  sing N N 289 
SO4 S   O1   doub N N 290 
SO4 S   O2   doub N N 291 
SO4 S   O3   sing N N 292 
SO4 S   O4   sing N N 293 
THR N   CA   sing N N 294 
THR N   H    sing N N 295 
THR N   H2   sing N N 296 
THR CA  C    sing N N 297 
THR CA  CB   sing N N 298 
THR CA  HA   sing N N 299 
THR C   O    doub N N 300 
THR C   OXT  sing N N 301 
THR CB  OG1  sing N N 302 
THR CB  CG2  sing N N 303 
THR CB  HB   sing N N 304 
THR OG1 HG1  sing N N 305 
THR CG2 HG21 sing N N 306 
THR CG2 HG22 sing N N 307 
THR CG2 HG23 sing N N 308 
THR OXT HXT  sing N N 309 
VAL N   CA   sing N N 310 
VAL N   H    sing N N 311 
VAL N   H2   sing N N 312 
VAL CA  C    sing N N 313 
VAL CA  CB   sing N N 314 
VAL CA  HA   sing N N 315 
VAL C   O    doub N N 316 
VAL C   OXT  sing N N 317 
VAL CB  CG1  sing N N 318 
VAL CB  CG2  sing N N 319 
VAL CB  HB   sing N N 320 
VAL CG1 HG11 sing N N 321 
VAL CG1 HG12 sing N N 322 
VAL CG1 HG13 sing N N 323 
VAL CG2 HG21 sing N N 324 
VAL CG2 HG22 sing N N 325 
VAL CG2 HG23 sing N N 326 
VAL OXT HXT  sing N N 327 
# 
_atom_sites.entry_id                    2I04 
_atom_sites.fract_transf_matrix[1][1]   0.00130767 
_atom_sites.fract_transf_matrix[1][2]   0.01244622 
_atom_sites.fract_transf_matrix[1][3]   0.01709538 
_atom_sites.fract_transf_matrix[2][1]   0.03406681 
_atom_sites.fract_transf_matrix[2][2]   -0.01103126 
_atom_sites.fract_transf_matrix[2][3]   0.00542540 
_atom_sites.fract_transf_matrix[3][1]   0.00589330 
_atom_sites.fract_transf_matrix[3][2]   0.01531749 
_atom_sites.fract_transf_matrix[3][3]   -0.00586036 
_atom_sites.fract_transf_vector[1]      0.498460 
_atom_sites.fract_transf_vector[2]      -0.060281 
_atom_sites.fract_transf_vector[3]      0.261458 
# 
loop_
_atom_type.symbol 
C 
N 
O 
S 
# 
loop_
_atom_site.group_PDB 
_atom_site.id 
_atom_site.type_symbol 
_atom_site.label_atom_id 
_atom_site.label_alt_id 
_atom_site.label_comp_id 
_atom_site.label_asym_id 
_atom_site.label_entity_id 
_atom_site.label_seq_id 
_atom_site.pdbx_PDB_ins_code 
_atom_site.Cartn_x 
_atom_site.Cartn_y 
_atom_site.Cartn_z 
_atom_site.occupancy 
_atom_site.B_iso_or_equiv 
_atom_site.pdbx_formal_charge 
_atom_site.auth_seq_id 
_atom_site.auth_comp_id 
_atom_site.auth_asym_id 
_atom_site.auth_atom_id 
_atom_site.pdbx_PDB_model_num 
ATOM   1    N N   . SER A 1 1  ? 7.673   0.899   -4.987  1.00 38.76 ? 450  SER A N   1 
ATOM   2    C CA  . SER A 1 1  ? 6.375   0.784   -5.716  1.00 40.56 ? 450  SER A CA  1 
ATOM   3    C C   . SER A 1 1  ? 6.638   0.401   -7.169  1.00 38.08 ? 450  SER A C   1 
ATOM   4    O O   . SER A 1 1  ? 7.401   1.070   -7.865  1.00 44.41 ? 450  SER A O   1 
ATOM   5    C CB  . SER A 1 1  ? 5.618   2.103   -5.646  1.00 38.08 ? 450  SER A CB  1 
ATOM   6    N N   . ILE A 1 2  ? 5.997   -0.679  -7.615  1.00 36.87 ? 451  ILE A N   1 
ATOM   7    C CA  . ILE A 1 2  ? 6.161   -1.198  -8.970  1.00 35.13 ? 451  ILE A CA  1 
ATOM   8    C C   . ILE A 1 2  ? 4.810   -1.335  -9.668  1.00 34.99 ? 451  ILE A C   1 
ATOM   9    O O   . ILE A 1 2  ? 3.809   -1.683  -9.037  1.00 34.05 ? 451  ILE A O   1 
ATOM   10   C CB  . ILE A 1 2  ? 6.813   -2.586  -8.936  1.00 40.34 ? 451  ILE A CB  1 
ATOM   11   C CG1 . ILE A 1 2  ? 7.969   -2.583  -7.941  1.00 41.64 ? 451  ILE A CG1 1 
ATOM   12   C CG2 . ILE A 1 2  ? 7.313   -2.971  -10.325 1.00 44.12 ? 451  ILE A CG2 1 
ATOM   13   C CD1 . ILE A 1 2  ? 8.425   -3.950  -7.577  1.00 42.45 ? 451  ILE A CD1 1 
ATOM   14   N N   . HIS A 1 3  ? 4.787   -1.086  -10.974 1.00 31.29 ? 452  HIS A N   1 
ATOM   15   C CA  . HIS A 1 3  ? 3.547   -1.178  -11.742 1.00 35.56 ? 452  HIS A CA  1 
ATOM   16   C C   . HIS A 1 3  ? 3.621   -2.125  -12.940 1.00 32.62 ? 452  HIS A C   1 
ATOM   17   O O   . HIS A 1 3  ? 4.388   -1.890  -13.869 1.00 30.58 ? 452  HIS A O   1 
ATOM   18   C CB  . HIS A 1 3  ? 3.147   0.208   -12.255 1.00 40.48 ? 452  HIS A CB  1 
ATOM   19   C CG  . HIS A 1 3  ? 2.876   1.210   -11.175 1.00 47.60 ? 452  HIS A CG  1 
ATOM   20   N ND1 . HIS A 1 3  ? 1.772   1.143   -10.351 1.00 53.20 ? 452  HIS A ND1 1 
ATOM   21   C CD2 . HIS A 1 3  ? 3.541   2.336   -10.818 1.00 49.72 ? 452  HIS A CD2 1 
ATOM   22   C CE1 . HIS A 1 3  ? 1.766   2.186   -9.539  1.00 52.44 ? 452  HIS A CE1 1 
ATOM   23   N NE2 . HIS A 1 3  ? 2.830   2.925   -9.802  1.00 51.02 ? 452  HIS A NE2 1 
ATOM   24   N N   . THR A 1 4  ? 2.822   -3.190  -12.919 1.00 29.65 ? 453  THR A N   1 
ATOM   25   C CA  . THR A 1 4  ? 2.773   -4.144  -14.031 1.00 26.48 ? 453  THR A CA  1 
ATOM   26   C C   . THR A 1 4  ? 1.362   -4.369  -14.537 1.00 23.69 ? 453  THR A C   1 
ATOM   27   O O   . THR A 1 4  ? 0.388   -3.999  -13.889 1.00 24.58 ? 453  THR A O   1 
ATOM   28   C CB  . THR A 1 4  ? 3.293   -5.552  -13.665 1.00 29.68 ? 453  THR A CB  1 
ATOM   29   O OG1 . THR A 1 4  ? 3.286   -5.731  -12.245 1.00 30.93 ? 453  THR A OG1 1 
ATOM   30   C CG2 . THR A 1 4  ? 4.656   -5.759  -14.221 1.00 31.99 ? 453  THR A CG2 1 
ATOM   31   N N   . LYS A 1 5  ? 1.268   -4.990  -15.708 1.00 17.81 ? 454  LYS A N   1 
ATOM   32   C CA  . LYS A 1 5  ? -0.017  -5.328  -16.291 1.00 21.23 ? 454  LYS A CA  1 
ATOM   33   C C   . LYS A 1 5  ? 0.135   -6.764  -16.767 1.00 16.11 ? 454  LYS A C   1 
ATOM   34   O O   . LYS A 1 5  ? 1.107   -7.112  -17.431 1.00 15.16 ? 454  LYS A O   1 
ATOM   35   C CB  . LYS A 1 5  ? -0.376  -4.396  -17.459 1.00 22.72 ? 454  LYS A CB  1 
ATOM   36   C CG  . LYS A 1 5  ? 0.280   -4.713  -18.793 1.00 34.06 ? 454  LYS A CG  1 
ATOM   37   C CD  . LYS A 1 5  ? -0.467  -4.014  -19.930 1.00 36.19 ? 454  LYS A CD  1 
ATOM   38   C CE  . LYS A 1 5  ? -1.898  -4.533  -20.049 1.00 36.83 ? 454  LYS A CE  1 
ATOM   39   N NZ  . LYS A 1 5  ? -2.712  -3.772  -21.038 1.00 36.95 ? 454  LYS A NZ  1 
ATOM   40   N N   . LEU A 1 6  ? -0.817  -7.609  -16.403 1.00 14.43 ? 455  LEU A N   1 
ATOM   41   C CA  . LEU A 1 6  ? -0.751  -9.011  -16.779 1.00 14.74 ? 455  LEU A CA  1 
ATOM   42   C C   . LEU A 1 6  ? -1.993  -9.434  -17.547 1.00 15.87 ? 455  LEU A C   1 
ATOM   43   O O   . LEU A 1 6  ? -3.092  -8.937  -17.293 1.00 15.25 ? 455  LEU A O   1 
ATOM   44   C CB  . LEU A 1 6  ? -0.622  -9.882  -15.525 1.00 12.66 ? 455  LEU A CB  1 
ATOM   45   C CG  . LEU A 1 6  ? 0.610   -9.748  -14.635 1.00 19.92 ? 455  LEU A CG  1 
ATOM   46   C CD1 . LEU A 1 6  ? 0.367   -10.457 -13.317 1.00 16.46 ? 455  LEU A CD1 1 
ATOM   47   C CD2 . LEU A 1 6  ? 1.817   -10.332 -15.360 1.00 21.37 ? 455  LEU A CD2 1 
ATOM   48   N N   . ARG A 1 7  ? -1.806  -10.360 -18.480 1.00 11.55 ? 456  ARG A N   1 
ATOM   49   C CA  . ARG A 1 7  ? -2.902  -10.887 -19.280 1.00 7.28  ? 456  ARG A CA  1 
ATOM   50   C C   . ARG A 1 7  ? -3.446  -12.151 -18.606 1.00 6.38  ? 456  ARG A C   1 
ATOM   51   O O   . ARG A 1 7  ? -2.686  -13.037 -18.220 1.00 9.30  ? 456  ARG A O   1 
ATOM   52   C CB  . ARG A 1 7  ? -2.416  -11.226 -20.691 1.00 9.74  ? 456  ARG A CB  1 
ATOM   53   C CG  . ARG A 1 7  ? -3.483  -11.898 -21.538 1.00 8.57  ? 456  ARG A CG  1 
ATOM   54   C CD  . ARG A 1 7  ? -2.913  -12.541 -22.774 1.00 8.03  ? 456  ARG A CD  1 
ATOM   55   N NE  . ARG A 1 7  ? -3.926  -13.327 -23.470 1.00 11.30 ? 456  ARG A NE  1 
ATOM   56   C CZ  . ARG A 1 7  ? -4.218  -14.599 -23.197 1.00 20.17 ? 456  ARG A CZ  1 
ATOM   57   N NH1 . ARG A 1 7  ? -3.567  -15.248 -22.238 1.00 9.74  ? 456  ARG A NH1 1 
ATOM   58   N NH2 . ARG A 1 7  ? -5.167  -15.228 -23.883 1.00 6.75  ? 456  ARG A NH2 1 
ATOM   59   N N   . LYS A 1 8  ? -4.764  -12.232 -18.465 1.00 7.71  ? 457  LYS A N   1 
ATOM   60   C CA  . LYS A 1 8  ? -5.390  -13.390 -17.827 1.00 12.19 ? 457  LYS A CA  1 
ATOM   61   C C   . LYS A 1 8  ? -5.442  -14.622 -18.733 1.00 17.00 ? 457  LYS A C   1 
ATOM   62   O O   . LYS A 1 8  ? -5.997  -14.573 -19.828 1.00 16.64 ? 457  LYS A O   1 
ATOM   63   C CB  . LYS A 1 8  ? -6.813  -13.031 -17.370 1.00 12.79 ? 457  LYS A CB  1 
ATOM   64   C CG  . LYS A 1 8  ? -7.649  -14.229 -16.932 1.00 14.35 ? 457  LYS A CG  1 
ATOM   65   C CD  . LYS A 1 8  ? -7.021  -14.951 -15.750 1.00 14.52 ? 457  LYS A CD  1 
ATOM   66   C CE  . LYS A 1 8  ? -7.904  -14.905 -14.524 1.00 21.81 ? 457  LYS A CE  1 
ATOM   67   N NZ  . LYS A 1 8  ? -9.257  -15.484 -14.756 1.00 29.15 ? 457  LYS A NZ  1 
ATOM   68   N N   . SER A 1 9  ? -4.857  -15.726 -18.274 1.00 17.08 ? 458  SER A N   1 
ATOM   69   C CA  . SER A 1 9  ? -4.879  -16.969 -19.045 1.00 16.58 ? 458  SER A CA  1 
ATOM   70   C C   . SER A 1 9  ? -5.818  -17.955 -18.349 1.00 11.16 ? 458  SER A C   1 
ATOM   71   O O   . SER A 1 9  ? -6.221  -17.725 -17.214 1.00 12.23 ? 458  SER A O   1 
ATOM   72   C CB  . SER A 1 9  ? -3.474  -17.572 -19.145 1.00 19.22 ? 458  SER A CB  1 
ATOM   73   O OG  . SER A 1 9  ? -3.031  -18.106 -17.913 1.00 21.87 ? 458  SER A OG  1 
ATOM   74   N N   . SER A 1 10 ? -6.228  -19.195 -19.021 1.00 12.03 ? 459  SER A N   1 
ATOM   75   C CA  . SER A 1 10 ? -7.122  -20.209 -18.469 1.00 13.48 ? 459  SER A CA  1 
ATOM   76   C C   . SER A 1 10 ? -6.492  -20.838 -17.230 1.00 9.80  ? 459  SER A C   1 
ATOM   77   O O   . SER A 1 10 ? -7.184  -21.405 -16.378 1.00 11.01 ? 459  SER A O   1 
ATOM   78   C CB  . SER A 1 10 ? -7.403  -21.292 -19.515 1.00 14.67 ? 459  SER A CB  1 
ATOM   79   O OG  . SER A 1 10 ? -6.204  -21.940 -19.910 1.00 19.00 ? 459  SER A OG  1 
ATOM   80   N N   . ARG A 1 11 ? -5.032  -20.624 -17.324 1.00 11.92 ? 460  ARG A N   1 
ATOM   81   C CA  . ARG A 1 11 ? -4.271  -21.165 -16.205 1.00 18.09 ? 460  ARG A CA  1 
ATOM   82   C C   . ARG A 1 11 ? -4.123  -20.133 -15.083 1.00 18.86 ? 460  ARG A C   1 
ATOM   83   O O   . ARG A 1 11 ? -3.492  -20.405 -14.062 1.00 15.63 ? 460  ARG A O   1 
ATOM   84   C CB  . ARG A 1 11 ? -2.889  -21.592 -16.689 1.00 25.93 ? 460  ARG A CB  1 
ATOM   85   C CG  . ARG A 1 11 ? -2.910  -22.424 -17.962 1.00 33.61 ? 460  ARG A CG  1 
ATOM   86   C CD  . ARG A 1 11 ? -1.628  -22.194 -18.732 1.00 40.07 ? 460  ARG A CD  1 
ATOM   87   N NE  . ARG A 1 11 ? -1.257  -20.782 -18.655 1.00 52.48 ? 460  ARG A NE  1 
ATOM   88   C CZ  . ARG A 1 11 ? -0.583  -20.125 -19.591 1.00 52.37 ? 460  ARG A CZ  1 
ATOM   89   N NH1 . ARG A 1 11 ? -0.195  -20.752 -20.692 1.00 57.64 ? 460  ARG A NH1 1 
ATOM   90   N NH2 . ARG A 1 11 ? -0.304  -18.838 -19.428 1.00 56.72 ? 460  ARG A NH2 1 
ATOM   91   N N   . GLY A 1 12 ? -4.776  -18.785 -15.106 1.00 14.28 ? 461  GLY A N   1 
ATOM   92   C CA  . GLY A 1 12 ? -4.700  -17.711 -14.129 1.00 12.80 ? 461  GLY A CA  1 
ATOM   93   C C   . GLY A 1 12 ? -3.627  -16.675 -14.444 1.00 13.72 ? 461  GLY A C   1 
ATOM   94   O O   . GLY A 1 12 ? -3.195  -16.527 -15.596 1.00 12.20 ? 461  GLY A O   1 
ATOM   95   N N   . PHE A 1 13 ? -3.194  -15.950 -13.418 1.00 9.30  ? 462  PHE A N   1 
ATOM   96   C CA  . PHE A 1 13 ? -2.164  -14.925 -13.583 1.00 14.83 ? 462  PHE A CA  1 
ATOM   97   C C   . PHE A 1 13 ? -0.748  -15.400 -13.265 1.00 15.65 ? 462  PHE A C   1 
ATOM   98   O O   . PHE A 1 13 ? 0.220   -14.673 -13.517 1.00 10.47 ? 462  PHE A O   1 
ATOM   99   C CB  . PHE A 1 13 ? -2.493  -13.692 -12.732 1.00 15.32 ? 462  PHE A CB  1 
ATOM   100  C CG  . PHE A 1 13 ? -3.682  -12.918 -13.229 1.00 17.71 ? 462  PHE A CG  1 
ATOM   101  C CD1 . PHE A 1 13 ? -4.872  -12.904 -12.508 1.00 8.02  ? 462  PHE A CD1 1 
ATOM   102  C CD2 . PHE A 1 13 ? -3.618  -12.225 -14.437 1.00 16.93 ? 462  PHE A CD2 1 
ATOM   103  C CE1 . PHE A 1 13 ? -5.986  -12.209 -12.983 1.00 17.02 ? 462  PHE A CE1 1 
ATOM   104  C CE2 . PHE A 1 13 ? -4.725  -11.528 -14.924 1.00 12.55 ? 462  PHE A CE2 1 
ATOM   105  C CZ  . PHE A 1 13 ? -5.911  -11.520 -14.197 1.00 14.97 ? 462  PHE A CZ  1 
ATOM   106  N N   . GLY A 1 14 ? -0.619  -16.599 -12.696 1.00 15.09 ? 463  GLY A N   1 
ATOM   107  C CA  . GLY A 1 14 ? 0.705   -17.128 -12.406 1.00 11.99 ? 463  GLY A CA  1 
ATOM   108  C C   . GLY A 1 14 ? 1.363   -16.743 -11.085 1.00 14.13 ? 463  GLY A C   1 
ATOM   109  O O   . GLY A 1 14 ? 2.590   -16.817 -10.948 1.00 9.80  ? 463  GLY A O   1 
ATOM   110  N N   . PHE A 1 15 ? 0.572   -16.315 -10.110 1.00 12.12 ? 464  PHE A N   1 
ATOM   111  C CA  . PHE A 1 15 ? 1.126   -16.004 -8.804  1.00 11.92 ? 464  PHE A CA  1 
ATOM   112  C C   . PHE A 1 15 ? 0.105   -16.419 -7.756  1.00 14.20 ? 464  PHE A C   1 
ATOM   113  O O   . PHE A 1 15 ? -1.070  -16.634 -8.071  1.00 13.63 ? 464  PHE A O   1 
ATOM   114  C CB  . PHE A 1 15 ? 1.481   -14.505 -8.679  1.00 17.16 ? 464  PHE A CB  1 
ATOM   115  C CG  . PHE A 1 15 ? 0.310   -13.572 -8.831  1.00 14.05 ? 464  PHE A CG  1 
ATOM   116  C CD1 . PHE A 1 15 ? -0.139  -13.193 -10.089 1.00 17.71 ? 464  PHE A CD1 1 
ATOM   117  C CD2 . PHE A 1 15 ? -0.319  -13.047 -7.711  1.00 13.97 ? 464  PHE A CD2 1 
ATOM   118  C CE1 . PHE A 1 15 ? -1.204  -12.309 -10.225 1.00 16.38 ? 464  PHE A CE1 1 
ATOM   119  C CE2 . PHE A 1 15 ? -1.388  -12.163 -7.836  1.00 7.44  ? 464  PHE A CE2 1 
ATOM   120  C CZ  . PHE A 1 15 ? -1.827  -11.790 -9.099  1.00 11.25 ? 464  PHE A CZ  1 
ATOM   121  N N   . THR A 1 16 ? 0.577   -16.578 -6.525  1.00 13.79 ? 465  THR A N   1 
ATOM   122  C CA  . THR A 1 16 ? -0.262  -16.946 -5.386  1.00 10.34 ? 465  THR A CA  1 
ATOM   123  C C   . THR A 1 16 ? -0.167  -15.789 -4.402  1.00 11.65 ? 465  THR A C   1 
ATOM   124  O O   . THR A 1 16 ? 0.809   -15.040 -4.415  1.00 12.31 ? 465  THR A O   1 
ATOM   125  C CB  . THR A 1 16 ? 0.262   -18.204 -4.646  1.00 14.64 ? 465  THR A CB  1 
ATOM   126  O OG1 . THR A 1 16 ? 1.521   -17.901 -4.025  1.00 13.01 ? 465  THR A OG1 1 
ATOM   127  C CG2 . THR A 1 16 ? 0.439   -19.373 -5.613  1.00 15.24 ? 465  THR A CG2 1 
ATOM   128  N N   . VAL A 1 17 ? -1.174  -15.652 -3.547  1.00 15.95 ? 466  VAL A N   1 
ATOM   129  C CA  . VAL A 1 17 ? -1.204  -14.578 -2.564  1.00 14.23 ? 466  VAL A CA  1 
ATOM   130  C C   . VAL A 1 17 ? -1.419  -15.120 -1.143  1.00 15.98 ? 466  VAL A C   1 
ATOM   131  O O   . VAL A 1 17 ? -1.974  -16.208 -0.967  1.00 16.36 ? 466  VAL A O   1 
ATOM   132  C CB  . VAL A 1 17 ? -2.321  -13.561 -2.928  1.00 19.17 ? 466  VAL A CB  1 
ATOM   133  C CG1 . VAL A 1 17 ? -2.081  -12.996 -4.326  1.00 10.69 ? 466  VAL A CG1 1 
ATOM   134  C CG2 . VAL A 1 17 ? -3.685  -14.229 -2.884  1.00 21.13 ? 466  VAL A CG2 1 
ATOM   135  N N   . VAL A 1 18 ? -0.820  -14.457 -0.073  1.00 12.82 ? 467  VAL A N   1 
ATOM   136  C CA  . VAL A 1 18 ? -1.027  -14.771 1.351   1.00 18.50 ? 467  VAL A CA  1 
ATOM   137  C C   . VAL A 1 18 ? -1.451  -13.480 2.051   1.00 18.85 ? 467  VAL A C   1 
ATOM   138  O O   . VAL A 1 18 ? -1.162  -12.392 1.562   1.00 25.61 ? 467  VAL A O   1 
ATOM   139  C CB  . VAL A 1 18 ? 0.270   -15.242 2.035   1.00 19.96 ? 467  VAL A CB  1 
ATOM   140  C CG1 . VAL A 1 18 ? -0.017  -16.390 2.967   1.00 26.22 ? 467  VAL A CG1 1 
ATOM   141  C CG2 . VAL A 1 18 ? 1.282   -15.626 1.017   1.00 22.37 ? 467  VAL A CG2 1 
ATOM   142  N N   . GLY A 1 19 ? -2.062  -13.631 3.227   1.00 16.47 ? 468  GLY A N   1 
ATOM   143  C CA  . GLY A 1 19 ? -2.451  -12.471 4.013   1.00 19.24 ? 468  GLY A CA  1 
ATOM   144  C C   . GLY A 1 19 ? -3.910  -12.095 3.805   1.00 18.76 ? 468  GLY A C   1 
ATOM   145  O O   . GLY A 1 19 ? -4.708  -12.913 3.355   1.00 15.52 ? 468  GLY A O   1 
ATOM   146  N N   . GLY A 1 20 ? -4.265  -10.859 4.129   1.00 19.72 ? 469  GLY A N   1 
ATOM   147  C CA  . GLY A 1 20 ? -5.641  -10.427 3.962   1.00 27.95 ? 469  GLY A CA  1 
ATOM   148  C C   . GLY A 1 20 ? -6.538  -11.077 4.994   1.00 32.61 ? 469  GLY A C   1 
ATOM   149  O O   . GLY A 1 20 ? -7.715  -11.341 4.747   1.00 33.13 ? 469  GLY A O   1 
ATOM   150  N N   . ASP A 1 21 ? -5.956  -11.346 6.155   1.00 42.03 ? 470  ASP A N   1 
ATOM   151  C CA  . ASP A 1 21 ? -6.669  -11.958 7.265   1.00 48.37 ? 470  ASP A CA  1 
ATOM   152  C C   . ASP A 1 21 ? -7.902  -11.145 7.618   1.00 49.93 ? 470  ASP A C   1 
ATOM   153  O O   . ASP A 1 21 ? -9.039  -11.559 7.378   1.00 51.67 ? 470  ASP A O   1 
ATOM   154  C CB  . ASP A 1 21 ? -5.730  -12.091 8.483   1.00 51.87 ? 470  ASP A CB  1 
ATOM   155  C CG  . ASP A 1 21 ? -4.574  -13.084 8.235   1.00 58.94 ? 470  ASP A CG  1 
ATOM   156  O OD1 . ASP A 1 21 ? -3.521  -12.691 7.688   1.00 57.38 ? 470  ASP A OD1 1 
ATOM   157  O OD2 . ASP A 1 21 ? -4.733  -14.281 8.562   1.00 63.01 ? 470  ASP A OD2 1 
ATOM   158  N N   . GLU A 1 22 ? -7.764  -10.171 8.202   1.00 45.32 ? 471  GLU A N   1 
ATOM   159  C CA  . GLU A 1 22 ? -8.842  -9.258  8.516   1.00 44.76 ? 471  GLU A CA  1 
ATOM   160  C C   . GLU A 1 22 ? -8.797  -8.212  7.398   1.00 43.59 ? 471  GLU A C   1 
ATOM   161  O O   . GLU A 1 22 ? -7.830  -8.164  6.630   1.00 39.46 ? 471  GLU A O   1 
ATOM   162  C CB  . GLU A 1 22 ? -8.586  -8.606  9.875   1.00 43.92 ? 471  GLU A CB  1 
ATOM   163  C CG  . GLU A 1 22 ? -7.342  -7.738  9.895   1.00 49.97 ? 471  GLU A CG  1 
ATOM   164  C CD  . GLU A 1 22 ? -7.356  -6.723  11.018  1.00 54.64 ? 471  GLU A CD  1 
ATOM   165  O OE1 . GLU A 1 22 ? -7.249  -7.128  12.199  1.00 53.49 ? 471  GLU A OE1 1 
ATOM   166  O OE2 . GLU A 1 22 ? -7.481  -5.516  10.711  1.00 53.04 ? 471  GLU A OE2 1 
ATOM   167  N N   . PRO A 1 23 ? -9.967  -7.187  7.289   1.00 42.70 ? 472  PRO A N   1 
ATOM   168  C CA  . PRO A 1 23 ? -10.053 -6.096  6.313   1.00 38.32 ? 472  PRO A CA  1 
ATOM   169  C C   . PRO A 1 23 ? -9.032  -4.970  6.501   1.00 36.21 ? 472  PRO A C   1 
ATOM   170  O O   . PRO A 1 23 ? -8.886  -4.109  5.632   1.00 39.74 ? 472  PRO A O   1 
ATOM   171  C CB  . PRO A 1 23 ? -11.486 -5.605  6.481   1.00 40.57 ? 472  PRO A CB  1 
ATOM   172  C CG  . PRO A 1 23 ? -12.211 -6.849  6.836   1.00 42.13 ? 472  PRO A CG  1 
ATOM   173  C CD  . PRO A 1 23 ? -11.290 -7.452  7.871   1.00 45.27 ? 472  PRO A CD  1 
ATOM   174  N N   . ASP A 1 24 ? -8.112  -4.935  7.712   1.00 32.97 ? 473  ASP A N   1 
ATOM   175  C CA  . ASP A 1 24 ? -7.099  -3.910  7.937   1.00 37.29 ? 473  ASP A CA  1 
ATOM   176  C C   . ASP A 1 24 ? -5.705  -4.507  7.821   1.00 32.58 ? 473  ASP A C   1 
ATOM   177  O O   . ASP A 1 24 ? -4.714  -3.890  8.209   1.00 29.90 ? 473  ASP A O   1 
ATOM   178  C CB  . ASP A 1 24 ? -7.290  -3.241  9.301   1.00 42.67 ? 473  ASP A CB  1 
ATOM   179  C CG  . ASP A 1 24 ? -7.855  -1.835  9.181   1.00 52.78 ? 473  ASP A CG  1 
ATOM   180  O OD1 . ASP A 1 24 ? -7.116  -0.859  9.450   1.00 54.44 ? 473  ASP A OD1 1 
ATOM   181  O OD2 . ASP A 1 24 ? -9.039  -1.703  8.798   1.00 57.37 ? 473  ASP A OD2 1 
ATOM   182  N N   . GLU A 1 25 ? -5.652  -5.715  7.266   1.00 26.54 ? 474  GLU A N   1 
ATOM   183  C CA  . GLU A 1 25 ? -4.407  -6.432  7.054   1.00 23.70 ? 474  GLU A CA  1 
ATOM   184  C C   . GLU A 1 25 ? -4.138  -6.395  5.546   1.00 28.70 ? 474  GLU A C   1 
ATOM   185  O O   . GLU A 1 25 ? -5.074  -6.266  4.754   1.00 29.52 ? 474  GLU A O   1 
ATOM   186  C CB  . GLU A 1 25 ? -4.569  -7.864  7.544   1.00 27.52 ? 474  GLU A CB  1 
ATOM   187  C CG  . GLU A 1 25 ? -3.286  -8.624  7.657   1.00 38.53 ? 474  GLU A CG  1 
ATOM   188  C CD  . GLU A 1 25 ? -3.481  -9.966  8.309   1.00 49.37 ? 474  GLU A CD  1 
ATOM   189  O OE1 . GLU A 1 25 ? -3.980  -10.016 9.460   1.00 50.41 ? 474  GLU A OE1 1 
ATOM   190  O OE2 . GLU A 1 25 ? -3.135  -10.968 7.661   1.00 48.31 ? 474  GLU A OE2 1 
ATOM   191  N N   . PHE A 1 26 ? -2.878  -6.502  5.134   1.00 23.47 ? 475  PHE A N   1 
ATOM   192  C CA  . PHE A 1 26 ? -2.573  -6.438  3.710   1.00 23.74 ? 475  PHE A CA  1 
ATOM   193  C C   . PHE A 1 26 ? -2.256  -7.794  3.087   1.00 21.19 ? 475  PHE A C   1 
ATOM   194  O O   . PHE A 1 26 ? -1.996  -8.763  3.793   1.00 15.00 ? 475  PHE A O   1 
ATOM   195  C CB  . PHE A 1 26 ? -1.432  -5.436  3.468   1.00 23.95 ? 475  PHE A CB  1 
ATOM   196  C CG  . PHE A 1 26 ? -0.170  -5.770  4.196   1.00 21.57 ? 475  PHE A CG  1 
ATOM   197  C CD1 . PHE A 1 26 ? 0.736   -6.672  3.662   1.00 25.56 ? 475  PHE A CD1 1 
ATOM   198  C CD2 . PHE A 1 26 ? 0.115   -5.186  5.423   1.00 29.33 ? 475  PHE A CD2 1 
ATOM   199  C CE1 . PHE A 1 26 ? 1.899   -7.003  4.341   1.00 22.21 ? 475  PHE A CE1 1 
ATOM   200  C CE2 . PHE A 1 26 ? 1.280   -5.513  6.111   1.00 27.49 ? 475  PHE A CE2 1 
ATOM   201  C CZ  . PHE A 1 26 ? 2.177   -6.421  5.560   1.00 24.63 ? 475  PHE A CZ  1 
ATOM   202  N N   . LEU A 1 27 ? -2.293  -7.854  1.758   1.00 16.77 ? 476  LEU A N   1 
ATOM   203  C CA  . LEU A 1 27 ? -2.021  -9.089  1.031   1.00 16.81 ? 476  LEU A CA  1 
ATOM   204  C C   . LEU A 1 27 ? -0.645  -9.053  0.365   1.00 20.47 ? 476  LEU A C   1 
ATOM   205  O O   . LEU A 1 27 ? -0.165  -7.990  -0.039  1.00 19.61 ? 476  LEU A O   1 
ATOM   206  C CB  . LEU A 1 27 ? -3.119  -9.325  -0.012  1.00 19.97 ? 476  LEU A CB  1 
ATOM   207  C CG  . LEU A 1 27 ? -3.807  -10.689 0.081   1.00 32.63 ? 476  LEU A CG  1 
ATOM   208  C CD1 . LEU A 1 27 ? -5.236  -10.630 -0.426  1.00 37.89 ? 476  LEU A CD1 1 
ATOM   209  C CD2 . LEU A 1 27 ? -3.005  -11.676 -0.703  1.00 38.15 ? 476  LEU A CD2 1 
ATOM   210  N N   . GLN A 1 28 ? -0.021  -10.223 0.260   1.00 20.24 ? 477  GLN A N   1 
ATOM   211  C CA  . GLN A 1 28 ? 1.312   -10.361 -0.329  1.00 17.91 ? 477  GLN A CA  1 
ATOM   212  C C   . GLN A 1 28 ? 1.391   -11.488 -1.348  1.00 19.08 ? 477  GLN A C   1 
ATOM   213  O O   . GLN A 1 28 ? 0.565   -12.404 -1.345  1.00 16.98 ? 477  GLN A O   1 
ATOM   214  C CB  . GLN A 1 28 ? 2.347   -10.661 0.756   1.00 15.24 ? 477  GLN A CB  1 
ATOM   215  C CG  . GLN A 1 28 ? 2.663   -9.530  1.705   1.00 21.80 ? 477  GLN A CG  1 
ATOM   216  C CD  . GLN A 1 28 ? 3.614   -9.970  2.796   1.00 24.78 ? 477  GLN A CD  1 
ATOM   217  O OE1 . GLN A 1 28 ? 3.199   -10.541 3.806   1.00 23.45 ? 477  GLN A OE1 1 
ATOM   218  N NE2 . GLN A 1 28 ? 4.908   -9.723  2.589   1.00 22.36 ? 477  GLN A NE2 1 
ATOM   219  N N   . ILE A 1 29 ? 2.440   -11.368 -2.269  1.00 13.95 ? 478  ILE A N   1 
ATOM   220  C CA  . ILE A 1 29 ? 2.706   -12.383 -3.288  1.00 14.48 ? 478  ILE A CA  1 
ATOM   221  C C   . ILE A 1 29 ? 3.572   -13.454 -2.615  1.00 12.68 ? 478  ILE A C   1 
ATOM   222  O O   . ILE A 1 29 ? 4.654   -13.135 -2.124  1.00 16.21 ? 478  ILE A O   1 
ATOM   223  C CB  . ILE A 1 29 ? 3.524   -11.771 -4.459  1.00 12.14 ? 478  ILE A CB  1 
ATOM   224  C CG1 . ILE A 1 29 ? 2.683   -10.739 -5.223  1.00 21.47 ? 478  ILE A CG1 1 
ATOM   225  C CG2 . ILE A 1 29 ? 4.049   -12.872 -5.371  1.00 20.22 ? 478  ILE A CG2 1 
ATOM   226  C CD1 . ILE A 1 29 ? 1.293   -11.210 -5.634  1.00 18.72 ? 478  ILE A CD1 1 
ATOM   227  N N   . LYS A 1 30 ? 3.182   -14.861 -2.420  1.00 16.95 ? 479  LYS A N   1 
ATOM   228  C CA  . LYS A 1 30 ? 3.969   -15.942 -1.813  1.00 22.03 ? 479  LYS A CA  1 
ATOM   229  C C   . LYS A 1 30 ? 4.889   -16.577 -2.845  1.00 19.23 ? 479  LYS A C   1 
ATOM   230  O O   . LYS A 1 30 ? 6.104   -16.628 -2.663  1.00 24.94 ? 479  LYS A O   1 
ATOM   231  C CB  . LYS A 1 30 ? 3.079   -17.044 -1.221  1.00 22.46 ? 479  LYS A CB  1 
ATOM   232  C CG  . LYS A 1 30 ? 3.836   -18.043 -0.321  1.00 29.91 ? 479  LYS A CG  1 
ATOM   233  C CD  . LYS A 1 30 ? 3.838   -17.590 1.149   1.00 38.76 ? 479  LYS A CD  1 
ATOM   234  C CE  . LYS A 1 30 ? 5.136   -17.925 1.882   1.00 40.98 ? 479  LYS A CE  1 
ATOM   235  N NZ  . LYS A 1 30 ? 5.092   -17.486 3.312   1.00 42.00 ? 479  LYS A NZ  1 
ATOM   236  N N   . SER A 1 31 ? 4.205   -16.972 -4.013  1.00 19.28 ? 480  SER A N   1 
ATOM   237  C CA  . SER A 1 31 ? 4.968   -17.637 -5.058  1.00 14.94 ? 480  SER A CA  1 
ATOM   238  C C   . SER A 1 31 ? 4.601   -17.198 -6.472  1.00 18.01 ? 480  SER A C   1 
ATOM   239  O O   . SER A 1 31 ? 3.506   -16.689 -6.720  1.00 16.65 ? 480  SER A O   1 
ATOM   240  C CB  . SER A 1 31 ? 4.766   -19.152 -4.959  1.00 19.30 ? 480  SER A CB  1 
ATOM   241  O OG  . SER A 1 31 ? 5.054   -19.625 -3.654  1.00 26.42 ? 480  SER A OG  1 
ATOM   242  N N   . LEU A 1 32 ? 5.538   -17.400 -7.394  1.00 16.93 ? 481  LEU A N   1 
ATOM   243  C CA  . LEU A 1 32 ? 5.323   -17.105 -8.802  1.00 11.81 ? 481  LEU A CA  1 
ATOM   244  C C   . LEU A 1 32 ? 5.279   -18.485 -9.445  1.00 17.47 ? 481  LEU A C   1 
ATOM   245  O O   . LEU A 1 32 ? 6.064   -19.366 -9.076  1.00 10.06 ? 481  LEU A O   1 
ATOM   246  C CB  . LEU A 1 32 ? 6.480   -16.285 -9.387  1.00 16.10 ? 481  LEU A CB  1 
ATOM   247  C CG  . LEU A 1 32 ? 6.709   -14.870 -8.833  1.00 17.75 ? 481  LEU A CG  1 
ATOM   248  C CD1 . LEU A 1 32 ? 7.710   -14.146 -9.725  1.00 12.54 ? 481  LEU A CD1 1 
ATOM   249  C CD2 . LEU A 1 32 ? 5.396   -14.092 -8.793  1.00 14.81 ? 481  LEU A CD2 1 
ATOM   250  N N   . VAL A 1 33 ? 4.363   -18.681 -10.387 1.00 13.77 ? 482  VAL A N   1 
ATOM   251  C CA  . VAL A 1 33 ? 4.212   -19.972 -11.060 1.00 10.66 ? 482  VAL A CA  1 
ATOM   252  C C   . VAL A 1 33 ? 5.101   -20.089 -12.296 1.00 13.81 ? 482  VAL A C   1 
ATOM   253  O O   . VAL A 1 33 ? 5.116   -19.196 -13.141 1.00 13.82 ? 482  VAL A O   1 
ATOM   254  C CB  . VAL A 1 33 ? 2.742   -20.198 -11.474 1.00 15.57 ? 482  VAL A CB  1 
ATOM   255  C CG1 . VAL A 1 33 ? 2.619   -21.453 -12.348 1.00 17.14 ? 482  VAL A CG1 1 
ATOM   256  C CG2 . VAL A 1 33 ? 1.875   -20.322 -10.234 1.00 7.35  ? 482  VAL A CG2 1 
ATOM   257  N N   . LEU A 1 34 ? 5.835   -21.194 -12.387 1.00 14.84 ? 483  LEU A N   1 
ATOM   258  C CA  . LEU A 1 34 ? 6.734   -21.441 -13.507 1.00 18.29 ? 483  LEU A CA  1 
ATOM   259  C C   . LEU A 1 34 ? 6.091   -21.075 -14.840 1.00 23.14 ? 483  LEU A C   1 
ATOM   260  O O   . LEU A 1 34 ? 4.999   -21.554 -15.185 1.00 19.68 ? 483  LEU A O   1 
ATOM   261  C CB  . LEU A 1 34 ? 7.179   -22.911 -13.536 1.00 19.66 ? 483  LEU A CB  1 
ATOM   262  C CG  . LEU A 1 34 ? 8.129   -23.322 -14.674 1.00 25.52 ? 483  LEU A CG  1 
ATOM   263  C CD1 . LEU A 1 34 ? 9.468   -22.603 -14.536 1.00 24.19 ? 483  LEU A CD1 1 
ATOM   264  C CD2 . LEU A 1 34 ? 8.335   -24.833 -14.641 1.00 28.05 ? 483  LEU A CD2 1 
ATOM   265  N N   . ASP A 1 35 ? 6.793   -20.211 -15.565 1.00 19.58 ? 484  ASP A N   1 
ATOM   266  C CA  . ASP A 1 35 ? 6.390   -19.710 -16.867 1.00 27.63 ? 484  ASP A CA  1 
ATOM   267  C C   . ASP A 1 35 ? 4.938   -19.272 -17.012 1.00 23.05 ? 484  ASP A C   1 
ATOM   268  O O   . ASP A 1 35 ? 4.338   -19.393 -18.076 1.00 19.76 ? 484  ASP A O   1 
ATOM   269  C CB  . ASP A 1 35 ? 6.788   -20.716 -17.952 1.00 41.64 ? 484  ASP A CB  1 
ATOM   270  C CG  . ASP A 1 35 ? 8.292   -20.699 -18.230 1.00 51.00 ? 484  ASP A CG  1 
ATOM   271  O OD1 . ASP A 1 35 ? 8.764   -21.523 -19.040 1.00 61.26 ? 484  ASP A OD1 1 
ATOM   272  O OD2 . ASP A 1 35 ? 9.004   -19.856 -17.635 1.00 54.39 ? 484  ASP A OD2 1 
ATOM   273  N N   . GLY A 1 36 ? 4.392   -18.735 -15.924 1.00 20.23 ? 485  GLY A N   1 
ATOM   274  C CA  . GLY A 1 36 ? 3.035   -18.228 -15.946 1.00 15.22 ? 485  GLY A CA  1 
ATOM   275  C C   . GLY A 1 36 ? 3.136   -16.758 -16.314 1.00 16.54 ? 485  GLY A C   1 
ATOM   276  O O   . GLY A 1 36 ? 4.245   -16.245 -16.477 1.00 15.77 ? 485  GLY A O   1 
ATOM   277  N N   . PRO A 1 37 ? 2.009   -16.047 -16.463 1.00 19.35 ? 486  PRO A N   1 
ATOM   278  C CA  . PRO A 1 37 ? 2.001   -14.622 -16.820 1.00 14.65 ? 486  PRO A CA  1 
ATOM   279  C C   . PRO A 1 37 ? 2.906   -13.708 -15.985 1.00 16.63 ? 486  PRO A C   1 
ATOM   280  O O   . PRO A 1 37 ? 3.713   -12.949 -16.532 1.00 10.19 ? 486  PRO A O   1 
ATOM   281  C CB  . PRO A 1 37 ? 0.532   -14.254 -16.673 1.00 10.06 ? 486  PRO A CB  1 
ATOM   282  C CG  . PRO A 1 37 ? -0.139  -15.493 -17.157 1.00 16.54 ? 486  PRO A CG  1 
ATOM   283  C CD  . PRO A 1 37 ? 0.634   -16.576 -16.430 1.00 12.27 ? 486  PRO A CD  1 
ATOM   284  N N   . ALA A 1 38 ? 2.746   -13.779 -14.664 1.00 10.25 ? 487  ALA A N   1 
ATOM   285  C CA  . ALA A 1 38 ? 3.512   -12.969 -13.725 1.00 12.13 ? 487  ALA A CA  1 
ATOM   286  C C   . ALA A 1 38 ? 5.018   -13.183 -13.828 1.00 15.37 ? 487  ALA A C   1 
ATOM   287  O O   . ALA A 1 38 ? 5.782   -12.225 -13.899 1.00 19.74 ? 487  ALA A O   1 
ATOM   288  C CB  . ALA A 1 38 ? 3.046   -13.260 -12.290 1.00 9.56  ? 487  ALA A CB  1 
ATOM   289  N N   . ALA A 1 39 ? 5.444   -14.442 -13.817 1.00 15.78 ? 488  ALA A N   1 
ATOM   290  C CA  . ALA A 1 39 ? 6.864   -14.757 -13.898 1.00 22.41 ? 488  ALA A CA  1 
ATOM   291  C C   . ALA A 1 39 ? 7.496   -14.313 -15.218 1.00 20.46 ? 488  ALA A C   1 
ATOM   292  O O   . ALA A 1 39 ? 8.605   -13.783 -15.222 1.00 23.59 ? 488  ALA A O   1 
ATOM   293  C CB  . ALA A 1 39 ? 7.080   -16.260 -13.685 1.00 20.22 ? 488  ALA A CB  1 
ATOM   294  N N   . LEU A 1 40 ? 6.799   -14.521 -16.333 1.00 23.92 ? 489  LEU A N   1 
ATOM   295  C CA  . LEU A 1 40 ? 7.337   -14.119 -17.636 1.00 28.16 ? 489  LEU A CA  1 
ATOM   296  C C   . LEU A 1 40 ? 7.449   -12.604 -17.772 1.00 25.32 ? 489  LEU A C   1 
ATOM   297  O O   . LEU A 1 40 ? 8.299   -12.093 -18.493 1.00 22.89 ? 489  LEU A O   1 
ATOM   298  C CB  . LEU A 1 40 ? 6.476   -14.661 -18.782 1.00 34.37 ? 489  LEU A CB  1 
ATOM   299  C CG  . LEU A 1 40 ? 6.729   -16.111 -19.193 1.00 39.24 ? 489  LEU A CG  1 
ATOM   300  C CD1 . LEU A 1 40 ? 5.513   -16.943 -18.910 1.00 39.01 ? 489  LEU A CD1 1 
ATOM   301  C CD2 . LEU A 1 40 ? 7.055   -16.167 -20.674 1.00 43.86 ? 489  LEU A CD2 1 
ATOM   302  N N   . ASP A 1 41 ? 6.575   -11.884 -17.088 1.00 22.06 ? 490  ASP A N   1 
ATOM   303  C CA  . ASP A 1 41 ? 6.611   -10.437 -17.151 1.00 17.88 ? 490  ASP A CA  1 
ATOM   304  C C   . ASP A 1 41 ? 7.867   -9.936  -16.426 1.00 19.16 ? 490  ASP A C   1 
ATOM   305  O O   . ASP A 1 41 ? 8.389   -8.860  -16.723 1.00 20.41 ? 490  ASP A O   1 
ATOM   306  C CB  . ASP A 1 41 ? 5.335   -9.880  -16.529 1.00 21.95 ? 490  ASP A CB  1 
ATOM   307  C CG  . ASP A 1 41 ? 5.340   -8.388  -16.455 1.00 27.90 ? 490  ASP A CG  1 
ATOM   308  O OD1 . ASP A 1 41 ? 5.636   -7.877  -15.360 1.00 27.56 ? 490  ASP A OD1 1 
ATOM   309  O OD2 . ASP A 1 41 ? 5.064   -7.736  -17.488 1.00 28.08 ? 490  ASP A OD2 1 
ATOM   310  N N   . GLY A 1 42 ? 8.342   -10.734 -15.473 1.00 17.74 ? 491  GLY A N   1 
ATOM   311  C CA  . GLY A 1 42 ? 9.552   -10.410 -14.736 1.00 15.88 ? 491  GLY A CA  1 
ATOM   312  C C   . GLY A 1 42 ? 9.568   -9.262  -13.742 1.00 16.10 ? 491  GLY A C   1 
ATOM   313  O O   . GLY A 1 42 ? 10.606  -9.007  -13.136 1.00 21.86 ? 491  GLY A O   1 
ATOM   314  N N   . LYS A 1 43 ? 8.449   -8.571  -13.551 1.00 21.22 ? 492  LYS A N   1 
ATOM   315  C CA  . LYS A 1 43 ? 8.422   -7.455  -12.613 1.00 16.29 ? 492  LYS A CA  1 
ATOM   316  C C   . LYS A 1 43 ? 8.027   -7.817  -11.174 1.00 19.63 ? 492  LYS A C   1 
ATOM   317  O O   . LYS A 1 43 ? 8.601   -7.294  -10.225 1.00 20.62 ? 492  LYS A O   1 
ATOM   318  C CB  . LYS A 1 43 ? 7.507   -6.345  -13.139 1.00 21.39 ? 492  LYS A CB  1 
ATOM   319  C CG  . LYS A 1 43 ? 8.017   -5.656  -14.410 1.00 31.12 ? 492  LYS A CG  1 
ATOM   320  C CD  . LYS A 1 43 ? 8.158   -4.139  -14.223 1.00 32.07 ? 492  LYS A CD  1 
ATOM   321  C CE  . LYS A 1 43 ? 6.821   -3.403  -14.262 1.00 37.26 ? 492  LYS A CE  1 
ATOM   322  N NZ  . LYS A 1 43 ? 6.316   -3.133  -15.647 1.00 42.18 ? 492  LYS A NZ  1 
ATOM   323  N N   . MET A 1 44 ? 7.058   -8.709  -11.006 1.00 21.00 ? 493  MET A N   1 
ATOM   324  C CA  . MET A 1 44 ? 6.609   -9.111  -9.670  1.00 20.40 ? 493  MET A CA  1 
ATOM   325  C C   . MET A 1 44 ? 7.610   -10.041 -8.966  1.00 21.09 ? 493  MET A C   1 
ATOM   326  O O   . MET A 1 44 ? 8.254   -10.865 -9.609  1.00 23.07 ? 493  MET A O   1 
ATOM   327  C CB  . MET A 1 44 ? 5.248   -9.801  -9.783  1.00 15.06 ? 493  MET A CB  1 
ATOM   328  C CG  . MET A 1 44 ? 4.635   -10.254 -8.472  1.00 25.95 ? 493  MET A CG  1 
ATOM   329  S SD  . MET A 1 44 ? 3.084   -11.155 -8.775  1.00 23.63 ? 493  MET A SD  1 
ATOM   330  C CE  . MET A 1 44 ? 1.983   -9.804  -9.129  1.00 22.81 ? 493  MET A CE  1 
ATOM   331  N N   . GLU A 1 45 ? 7.722   -9.903  -7.645  1.00 14.84 ? 494  GLU A N   1 
ATOM   332  C CA  . GLU A 1 45 ? 8.624   -10.714 -6.820  1.00 14.15 ? 494  GLU A CA  1 
ATOM   333  C C   . GLU A 1 45 ? 7.889   -11.187 -5.561  1.00 13.54 ? 494  GLU A C   1 
ATOM   334  O O   . GLU A 1 45 ? 6.966   -10.513 -5.097  1.00 14.60 ? 494  GLU A O   1 
ATOM   335  C CB  . GLU A 1 45 ? 9.841   -9.884  -6.394  1.00 16.06 ? 494  GLU A CB  1 
ATOM   336  C CG  . GLU A 1 45 ? 11.030  -9.934  -7.339  1.00 30.11 ? 494  GLU A CG  1 
ATOM   337  C CD  . GLU A 1 45 ? 12.190  -9.068  -6.858  1.00 32.40 ? 494  GLU A CD  1 
ATOM   338  O OE1 . GLU A 1 45 ? 13.315  -9.240  -7.366  1.00 40.69 ? 494  GLU A OE1 1 
ATOM   339  O OE2 . GLU A 1 45 ? 11.974  -8.212  -5.977  1.00 36.38 ? 494  GLU A OE2 1 
ATOM   340  N N   . THR A 1 46 ? 8.293   -12.325 -4.997  1.00 14.90 ? 495  THR A N   1 
ATOM   341  C CA  . THR A 1 46 ? 7.628   -12.815 -3.790  1.00 18.13 ? 495  THR A CA  1 
ATOM   342  C C   . THR A 1 46 ? 7.921   -11.864 -2.630  1.00 19.60 ? 495  THR A C   1 
ATOM   343  O O   . THR A 1 46 ? 9.030   -11.340 -2.494  1.00 20.68 ? 495  THR A O   1 
ATOM   344  C CB  . THR A 1 46 ? 8.059   -14.262 -3.413  1.00 21.87 ? 495  THR A CB  1 
ATOM   345  O OG1 . THR A 1 46 ? 9.336   -14.243 -2.779  1.00 30.81 ? 495  THR A OG1 1 
ATOM   346  C CG2 . THR A 1 46 ? 8.142   -15.133 -4.659  1.00 27.37 ? 495  THR A CG2 1 
ATOM   347  N N   . GLY A 1 47 ? 6.908   -11.633 -1.802  1.00 16.89 ? 496  GLY A N   1 
ATOM   348  C CA  . GLY A 1 47 ? 7.060   -10.719 -0.692  1.00 15.22 ? 496  GLY A CA  1 
ATOM   349  C C   . GLY A 1 47 ? 6.439   -9.377  -1.053  1.00 21.39 ? 496  GLY A C   1 
ATOM   350  O O   . GLY A 1 47 ? 6.125   -8.584  -0.166  1.00 23.11 ? 496  GLY A O   1 
ATOM   351  N N   . ASP A 1 48 ? 6.263   -9.121  -2.352  1.00 16.58 ? 497  ASP A N   1 
ATOM   352  C CA  . ASP A 1 48 ? 5.666   -7.865  -2.824  1.00 12.83 ? 497  ASP A CA  1 
ATOM   353  C C   . ASP A 1 48 ? 4.260   -7.678  -2.247  1.00 17.04 ? 497  ASP A C   1 
ATOM   354  O O   . ASP A 1 48 ? 3.454   -8.616  -2.250  1.00 11.89 ? 497  ASP A O   1 
ATOM   355  C CB  . ASP A 1 48 ? 5.568   -7.857  -4.358  1.00 14.51 ? 497  ASP A CB  1 
ATOM   356  C CG  . ASP A 1 48 ? 6.881   -7.485  -5.043  1.00 19.56 ? 497  ASP A CG  1 
ATOM   357  O OD1 . ASP A 1 48 ? 7.887   -7.221  -4.349  1.00 20.96 ? 497  ASP A OD1 1 
ATOM   358  O OD2 . ASP A 1 48 ? 6.900   -7.454  -6.292  1.00 19.50 ? 497  ASP A OD2 1 
ATOM   359  N N   . VAL A 1 49 ? 3.958   -6.473  -1.761  1.00 16.58 ? 498  VAL A N   1 
ATOM   360  C CA  . VAL A 1 49 ? 2.630   -6.196  -1.208  1.00 13.34 ? 498  VAL A CA  1 
ATOM   361  C C   . VAL A 1 49 ? 1.726   -5.623  -2.294  1.00 17.14 ? 498  VAL A C   1 
ATOM   362  O O   . VAL A 1 49 ? 2.130   -4.707  -3.015  1.00 20.69 ? 498  VAL A O   1 
ATOM   363  C CB  . VAL A 1 49 ? 2.697   -5.186  -0.030  1.00 15.46 ? 498  VAL A CB  1 
ATOM   364  C CG1 . VAL A 1 49 ? 1.284   -4.810  0.423   1.00 10.73 ? 498  VAL A CG1 1 
ATOM   365  C CG2 . VAL A 1 49 ? 3.470   -5.797  1.151   1.00 15.83 ? 498  VAL A CG2 1 
ATOM   366  N N   . ILE A 1 50 ? 0.511   -6.165  -2.416  1.00 10.95 ? 499  ILE A N   1 
ATOM   367  C CA  . ILE A 1 50 ? -0.446  -5.694  -3.415  1.00 11.86 ? 499  ILE A CA  1 
ATOM   368  C C   . ILE A 1 50 ? -1.123  -4.416  -2.939  1.00 14.93 ? 499  ILE A C   1 
ATOM   369  O O   . ILE A 1 50 ? -1.832  -4.411  -1.928  1.00 14.51 ? 499  ILE A O   1 
ATOM   370  C CB  . ILE A 1 50 ? -1.543  -6.748  -3.708  1.00 16.29 ? 499  ILE A CB  1 
ATOM   371  C CG1 . ILE A 1 50 ? -0.902  -8.054  -4.178  1.00 21.63 ? 499  ILE A CG1 1 
ATOM   372  C CG2 . ILE A 1 50 ? -2.474  -6.239  -4.791  1.00 14.98 ? 499  ILE A CG2 1 
ATOM   373  C CD1 . ILE A 1 50 ? -1.906  -9.151  -4.512  1.00 24.81 ? 499  ILE A CD1 1 
ATOM   374  N N   . VAL A 1 51 ? -0.942  -3.248  -3.535  1.00 13.43 ? 500  VAL A N   1 
ATOM   375  C CA  . VAL A 1 51 ? -1.521  -1.958  -3.179  1.00 13.11 ? 500  VAL A CA  1 
ATOM   376  C C   . VAL A 1 51 ? -2.839  -1.706  -3.910  1.00 12.48 ? 500  VAL A C   1 
ATOM   377  O O   . VAL A 1 51 ? -3.832  -1.314  -3.293  1.00 17.76 ? 500  VAL A O   1 
ATOM   378  C CB  . VAL A 1 51 ? -0.527  -0.807  -3.484  1.00 12.25 ? 500  VAL A CB  1 
ATOM   379  C CG1 . VAL A 1 51 ? -1.188  0.546   -3.238  1.00 6.74  ? 500  VAL A CG1 1 
ATOM   380  C CG2 . VAL A 1 51 ? 0.714   -0.961  -2.612  1.00 14.34 ? 500  VAL A CG2 1 
ATOM   381  N N   . SER A 1 52 ? -2.818  -2.013  -5.362  1.00 9.61  ? 501  SER A N   1 
ATOM   382  C CA  . SER A 1 52 ? -4.040  -1.795  -6.124  1.00 11.54 ? 501  SER A CA  1 
ATOM   383  C C   . SER A 1 52 ? -4.154  -2.707  -7.334  1.00 8.32  ? 501  SER A C   1 
ATOM   384  O O   . SER A 1 52 ? -3.165  -3.248  -7.825  1.00 12.35 ? 501  SER A O   1 
ATOM   385  C CB  . SER A 1 52 ? -4.124  -0.336  -6.583  1.00 12.65 ? 501  SER A CB  1 
ATOM   386  O OG  . SER A 1 52 ? -3.253  -0.100  -7.677  1.00 16.34 ? 501  SER A OG  1 
ATOM   387  N N   . VAL A 1 53 ? -5.382  -2.859  -7.809  1.00 8.07  ? 502  VAL A N   1 
ATOM   388  C CA  . VAL A 1 53 ? -5.691  -3.694  -8.958  1.00 10.45 ? 502  VAL A CA  1 
ATOM   389  C C   . VAL A 1 53 ? -6.664  -2.888  -9.813  1.00 16.00 ? 502  VAL A C   1 
ATOM   390  O O   . VAL A 1 53 ? -7.786  -2.616  -9.394  1.00 15.92 ? 502  VAL A O   1 
ATOM   391  C CB  . VAL A 1 53 ? -6.351  -5.022  -8.505  1.00 16.86 ? 502  VAL A CB  1 
ATOM   392  C CG1 . VAL A 1 53 ? -6.517  -5.979  -9.694  1.00 11.59 ? 502  VAL A CG1 1 
ATOM   393  C CG2 . VAL A 1 53 ? -5.501  -5.668  -7.409  1.00 13.34 ? 502  VAL A CG2 1 
ATOM   394  N N   . ASN A 1 54 ? -6.207  -2.488  -10.995 1.00 16.68 ? 503  ASN A N   1 
ATOM   395  C CA  . ASN A 1 54 ? -6.996  -1.694  -11.937 1.00 24.25 ? 503  ASN A CA  1 
ATOM   396  C C   . ASN A 1 54 ? -7.597  -0.390  -11.403 1.00 28.44 ? 503  ASN A C   1 
ATOM   397  O O   . ASN A 1 54 ? -8.821  -0.235  -11.353 1.00 26.85 ? 503  ASN A O   1 
ATOM   398  C CB  . ASN A 1 54 ? -8.105  -2.550  -12.559 1.00 25.90 ? 503  ASN A CB  1 
ATOM   399  C CG  . ASN A 1 54 ? -7.563  -3.608  -13.503 1.00 23.61 ? 503  ASN A CG  1 
ATOM   400  O OD1 . ASN A 1 54 ? -6.628  -3.360  -14.264 1.00 22.47 ? 503  ASN A OD1 1 
ATOM   401  N ND2 . ASN A 1 54 ? -8.157  -4.792  -13.465 1.00 25.03 ? 503  ASN A ND2 1 
ATOM   402  N N   . ASP A 1 55 ? -6.731  0.551   -11.020 1.00 32.76 ? 504  ASP A N   1 
ATOM   403  C CA  . ASP A 1 55 ? -7.164  1.863   -10.524 1.00 38.01 ? 504  ASP A CA  1 
ATOM   404  C C   . ASP A 1 55 ? -7.738  1.853   -9.102  1.00 36.43 ? 504  ASP A C   1 
ATOM   405  O O   . ASP A 1 55 ? -7.747  2.888   -8.434  1.00 38.27 ? 504  ASP A O   1 
ATOM   406  C CB  . ASP A 1 55 ? -8.226  2.467   -11.466 1.00 44.60 ? 504  ASP A CB  1 
ATOM   407  C CG  . ASP A 1 55 ? -7.684  2.797   -12.857 1.00 54.28 ? 504  ASP A CG  1 
ATOM   408  O OD1 . ASP A 1 55 ? -6.708  2.152   -13.295 1.00 60.26 ? 504  ASP A OD1 1 
ATOM   409  O OD2 . ASP A 1 55 ? -8.253  3.697   -13.521 1.00 50.66 ? 504  ASP A OD2 1 
ATOM   410  N N   . THR A 1 56 ? -8.204  0.694   -8.639  1.00 32.60 ? 505  THR A N   1 
ATOM   411  C CA  . THR A 1 56 ? -8.831  0.590   -7.320  1.00 33.62 ? 505  THR A CA  1 
ATOM   412  C C   . THR A 1 56 ? -7.973  0.009   -6.176  1.00 27.48 ? 505  THR A C   1 
ATOM   413  O O   . THR A 1 56 ? -7.403  -1.069  -6.305  1.00 25.36 ? 505  THR A O   1 
ATOM   414  C CB  . THR A 1 56 ? -10.155 -0.204  -7.441  1.00 36.35 ? 505  THR A CB  1 
ATOM   415  O OG1 . THR A 1 56 ? -10.965 0.036   -6.286  1.00 45.96 ? 505  THR A OG1 1 
ATOM   416  C CG2 . THR A 1 56 ? -9.882  -1.694  -7.562  1.00 44.47 ? 505  THR A CG2 1 
ATOM   417  N N   . CYS A 1 57 ? -7.837  0.721   -5.086  1.00 26.08 ? 506  CYS A N   1 
ATOM   418  C CA  . CYS A 1 57 ? -7.028  0.286   -3.936  1.00 26.47 ? 506  CYS A CA  1 
ATOM   419  C C   . CYS A 1 57 ? -7.580  -0.973  -3.232  1.00 23.96 ? 506  CYS A C   1 
ATOM   420  O O   . CYS A 1 57 ? -8.757  -1.038  -2.893  1.00 24.76 ? 506  CYS A O   1 
ATOM   421  C CB  . CYS A 1 57 ? -6.842  1.451   -2.916  1.00 27.36 ? 506  CYS A CB  1 
ATOM   422  S SG  . CYS A 1 57 ? -5.825  0.885   -1.502  1.00 31.79 ? 506  CYS A SG  1 
ATOM   423  N N   . VAL A 1 58 ? -6.926  -2.176  -2.967  1.00 25.91 ? 507  VAL A N   1 
ATOM   424  C CA  . VAL A 1 58 ? -7.284  -3.459  -2.345  1.00 26.03 ? 507  VAL A CA  1 
ATOM   425  C C   . VAL A 1 58 ? -6.855  -3.558  -0.880  1.00 22.46 ? 507  VAL A C   1 
ATOM   426  O O   . VAL A 1 58 ? -6.869  -4.640  -0.286  1.00 21.66 ? 507  VAL A O   1 
ATOM   427  C CB  . VAL A 1 58 ? -6.679  -4.675  -3.122  1.00 25.31 ? 507  VAL A CB  1 
ATOM   428  C CG1 . VAL A 1 58 ? -7.341  -4.799  -4.483  1.00 26.55 ? 507  VAL A CG1 1 
ATOM   429  C CG2 . VAL A 1 58 ? -5.166  -4.515  -3.284  1.00 16.86 ? 507  VAL A CG2 1 
ATOM   430  N N   . LEU A 1 59 ? -6.203  -2.374  -0.396  1.00 25.82 ? 508  LEU A N   1 
ATOM   431  C CA  . LEU A 1 59 ? -5.694  -2.300  0.970   1.00 25.10 ? 508  LEU A CA  1 
ATOM   432  C C   . LEU A 1 59 ? -6.879  -1.926  1.854   1.00 24.56 ? 508  LEU A C   1 
ATOM   433  O O   . LEU A 1 59 ? -7.157  -0.751  2.082   1.00 29.24 ? 508  LEU A O   1 
ATOM   434  C CB  . LEU A 1 59 ? -4.616  -1.217  1.074   1.00 25.33 ? 508  LEU A CB  1 
ATOM   435  C CG  . LEU A 1 59 ? -3.268  -1.443  0.388   1.00 24.90 ? 508  LEU A CG  1 
ATOM   436  C CD1 . LEU A 1 59 ? -2.524  -0.127  0.285   1.00 30.21 ? 508  LEU A CD1 1 
ATOM   437  C CD2 . LEU A 1 59 ? -2.462  -2.462  1.169   1.00 27.46 ? 508  LEU A CD2 1 
ATOM   438  N N   . GLY A 1 60 ? -7.704  -2.718  2.378   1.00 24.39 ? 509  GLY A N   1 
ATOM   439  C CA  . GLY A 1 60 ? -8.910  -2.593  3.173   1.00 24.83 ? 509  GLY A CA  1 
ATOM   440  C C   . GLY A 1 60 ? -9.810  -3.744  2.773   1.00 27.44 ? 509  GLY A C   1 
ATOM   441  O O   . GLY A 1 60 ? -10.881 -3.950  3.345   1.00 25.08 ? 509  GLY A O   1 
ATOM   442  N N   . HIS A 1 61 ? -9.321  -4.601  1.788   1.00 25.25 ? 510  HIS A N   1 
ATOM   443  C CA  . HIS A 1 61 ? -10.081 -5.743  1.299   1.00 19.28 ? 510  HIS A CA  1 
ATOM   444  C C   . HIS A 1 61 ? -9.511  -7.017  1.907   1.00 18.44 ? 510  HIS A C   1 
ATOM   445  O O   . HIS A 1 61 ? -8.307  -7.116  2.145   1.00 19.84 ? 510  HIS A O   1 
ATOM   446  C CB  . HIS A 1 61 ? -9.973  -5.838  -0.224  1.00 24.74 ? 510  HIS A CB  1 
ATOM   447  C CG  . HIS A 1 61 ? -10.684 -4.744  -0.958  1.00 23.42 ? 510  HIS A CG  1 
ATOM   448  N ND1 . HIS A 1 61 ? -10.742 -3.449  -0.492  1.00 28.07 ? 510  HIS A ND1 1 
ATOM   449  C CD2 . HIS A 1 61 ? -11.344 -4.749  -2.140  1.00 23.75 ? 510  HIS A CD2 1 
ATOM   450  C CE1 . HIS A 1 61 ? -11.411 -2.704  -1.353  1.00 25.22 ? 510  HIS A CE1 1 
ATOM   451  N NE2 . HIS A 1 61 ? -11.787 -3.466  -2.363  1.00 26.90 ? 510  HIS A NE2 1 
ATOM   452  N N   . THR A 1 62 ? -10.382 -7.993  2.140   1.00 21.29 ? 511  THR A N   1 
ATOM   453  C CA  . THR A 1 62 ? -9.984  -9.277  2.703   1.00 16.00 ? 511  THR A CA  1 
ATOM   454  C C   . THR A 1 62 ? -9.331  -10.140 1.634   1.00 16.52 ? 511  THR A C   1 
ATOM   455  O O   . THR A 1 62 ? -9.340  -9.794  0.461   1.00 18.78 ? 511  THR A O   1 
ATOM   456  C CB  . THR A 1 62 ? -11.202 -10.044 3.249   1.00 16.64 ? 511  THR A CB  1 
ATOM   457  O OG1 . THR A 1 62 ? -12.169 -10.203 2.206   1.00 20.03 ? 511  THR A OG1 1 
ATOM   458  C CG2 . THR A 1 62 ? -11.837 -9.296  4.406   1.00 25.80 ? 511  THR A CG2 1 
ATOM   459  N N   . HIS A 1 63 ? -8.779  -11.273 2.057   1.00 18.68 ? 512  HIS A N   1 
ATOM   460  C CA  . HIS A 1 63 ? -8.130  -12.226 1.158   1.00 18.11 ? 512  HIS A CA  1 
ATOM   461  C C   . HIS A 1 63 ? -9.113  -12.711 0.086   1.00 16.92 ? 512  HIS A C   1 
ATOM   462  O O   . HIS A 1 63 ? -8.802  -12.688 -1.099  1.00 14.75 ? 512  HIS A O   1 
ATOM   463  C CB  . HIS A 1 63 ? -7.631  -13.423 1.972   1.00 17.05 ? 512  HIS A CB  1 
ATOM   464  C CG  . HIS A 1 63 ? -6.761  -14.375 1.207   1.00 21.67 ? 512  HIS A CG  1 
ATOM   465  N ND1 . HIS A 1 63 ? -5.393  -14.422 1.367   1.00 20.39 ? 512  HIS A ND1 1 
ATOM   466  C CD2 . HIS A 1 63 ? -7.069  -15.344 0.314   1.00 21.04 ? 512  HIS A CD2 1 
ATOM   467  C CE1 . HIS A 1 63 ? -4.896  -15.381 0.610   1.00 25.57 ? 512  HIS A CE1 1 
ATOM   468  N NE2 . HIS A 1 63 ? -5.891  -15.958 -0.040  1.00 28.52 ? 512  HIS A NE2 1 
ATOM   469  N N   . ALA A 1 64 ? -10.370 -13.146 0.194   1.00 19.78 ? 513  ALA A N   1 
ATOM   470  C CA  . ALA A 1 64 ? -11.384 -13.707 -0.701  1.00 18.04 ? 513  ALA A CA  1 
ATOM   471  C C   . ALA A 1 64 ? -11.952 -12.684 -1.672  1.00 13.09 ? 513  ALA A C   1 
ATOM   472  O O   . ALA A 1 64 ? -12.292 -13.035 -2.797  1.00 22.37 ? 513  ALA A O   1 
ATOM   473  C CB  . ALA A 1 64 ? -12.512 -14.336 0.109   1.00 24.70 ? 513  ALA A CB  1 
ATOM   474  N N   . GLN A 1 65 ? -11.916 -11.327 -0.903  1.00 13.15 ? 514  GLN A N   1 
ATOM   475  C CA  . GLN A 1 65 ? -12.374 -10.210 -1.733  1.00 14.84 ? 514  GLN A CA  1 
ATOM   476  C C   . GLN A 1 65 ? -11.416 -9.935  -2.887  1.00 14.53 ? 514  GLN A C   1 
ATOM   477  O O   . GLN A 1 65 ? -11.840 -9.563  -3.983  1.00 16.03 ? 514  GLN A O   1 
ATOM   478  C CB  . GLN A 1 65 ? -12.479 -8.916  -0.920  1.00 22.75 ? 514  GLN A CB  1 
ATOM   479  C CG  . GLN A 1 65 ? -13.667 -8.791  0.009   1.00 27.58 ? 514  GLN A CG  1 
ATOM   480  C CD  . GLN A 1 65 ? -13.630 -7.487  0.789   1.00 30.53 ? 514  GLN A CD  1 
ATOM   481  O OE1 . GLN A 1 65 ? -13.568 -6.404  0.208   1.00 37.65 ? 514  GLN A OE1 1 
ATOM   482  N NE2 . GLN A 1 65 ? -13.665 -7.586  2.108   1.00 43.25 ? 514  GLN A NE2 1 
ATOM   483  N N   . VAL A 1 66 ? -10.153 -10.060 -2.654  1.00 8.70  ? 515  VAL A N   1 
ATOM   484  C CA  . VAL A 1 66 ? -9.160  -9.783  -3.682  1.00 9.01  ? 515  VAL A CA  1 
ATOM   485  C C   . VAL A 1 66 ? -9.021  -10.964 -4.626  1.00 10.78 ? 515  VAL A C   1 
ATOM   486  O O   . VAL A 1 66 ? -8.812  -10.788 -5.827  1.00 13.48 ? 515  VAL A O   1 
ATOM   487  C CB  . VAL A 1 66 ? -7.785  -9.454  -3.061  1.00 13.15 ? 515  VAL A CB  1 
ATOM   488  C CG1 . VAL A 1 66 ? -6.781  -9.133  -4.162  1.00 14.24 ? 515  VAL A CG1 1 
ATOM   489  C CG2 . VAL A 1 66 ? -7.920  -8.270  -2.102  1.00 11.58 ? 515  VAL A CG2 1 
ATOM   490  N N   . VAL A 1 67 ? -9.154  -12.205 -4.093  1.00 14.01 ? 516  VAL A N   1 
ATOM   491  C CA  . VAL A 1 67 ? -9.112  -13.393 -4.927  1.00 13.20 ? 516  VAL A CA  1 
ATOM   492  C C   . VAL A 1 67 ? -10.275 -13.299 -5.909  1.00 10.54 ? 516  VAL A C   1 
ATOM   493  O O   . VAL A 1 67 ? -10.140 -13.683 -7.067  1.00 15.41 ? 516  VAL A O   1 
ATOM   494  C CB  . VAL A 1 67 ? -9.250  -14.691 -4.090  1.00 10.88 ? 516  VAL A CB  1 
ATOM   495  C CG1 . VAL A 1 67 ? -9.530  -15.884 -5.010  1.00 16.55 ? 516  VAL A CG1 1 
ATOM   496  C CG2 . VAL A 1 67 ? -7.977  -14.930 -3.290  1.00 14.09 ? 516  VAL A CG2 1 
ATOM   497  N N   . LYS A 1 68 ? -11.594 -12.777 -5.456  1.00 14.27 ? 517  LYS A N   1 
ATOM   498  C CA  . LYS A 1 68 ? -12.769 -12.644 -6.314  1.00 16.12 ? 517  LYS A CA  1 
ATOM   499  C C   . LYS A 1 68 ? -12.525 -11.646 -7.432  1.00 17.49 ? 517  LYS A C   1 
ATOM   500  O O   . LYS A 1 68 ? -13.021 -11.827 -8.543  1.00 20.30 ? 517  LYS A O   1 
ATOM   501  C CB  . LYS A 1 68 ? -14.013 -12.218 -5.514  1.00 12.77 ? 517  LYS A CB  1 
ATOM   502  C CG  . LYS A 1 68 ? -14.765 -13.381 -4.873  1.00 30.25 ? 517  LYS A CG  1 
ATOM   503  C CD  . LYS A 1 68 ? -16.284 -13.175 -4.833  1.00 42.26 ? 517  LYS A CD  1 
ATOM   504  C CE  . LYS A 1 68 ? -16.755 -12.377 -3.620  1.00 56.37 ? 517  LYS A CE  1 
ATOM   505  N NZ  . LYS A 1 68 ? -16.549 -10.906 -3.760  1.00 63.21 ? 517  LYS A NZ  1 
ATOM   506  N N   . ILE A 1 69 ? -11.593 -10.594 -7.124  1.00 16.31 ? 518  ILE A N   1 
ATOM   507  C CA  . ILE A 1 69 ? -11.294 -9.589  -8.131  1.00 15.93 ? 518  ILE A CA  1 
ATOM   508  C C   . ILE A 1 69 ? -10.448 -10.218 -9.238  1.00 17.91 ? 518  ILE A C   1 
ATOM   509  O O   . ILE A 1 69 ? -10.701 -9.984  -10.418 1.00 16.32 ? 518  ILE A O   1 
ATOM   510  C CB  . ILE A 1 69 ? -10.560 -8.362  -7.514  1.00 13.66 ? 518  ILE A CB  1 
ATOM   511  C CG1 . ILE A 1 69 ? -11.523 -7.597  -6.602  1.00 17.78 ? 518  ILE A CG1 1 
ATOM   512  C CG2 . ILE A 1 69 ? -10.069 -7.426  -8.620  1.00 7.53  ? 518  ILE A CG2 1 
ATOM   513  C CD1 . ILE A 1 69 ? -10.902 -6.420  -5.856  1.00 12.87 ? 518  ILE A CD1 1 
ATOM   514  N N   . PHE A 1 70 ? -9.457  -11.025 -8.864  1.00 14.63 ? 519  PHE A N   1 
ATOM   515  C CA  . PHE A 1 70 ? -8.621  -11.678 -9.871  1.00 15.34 ? 519  PHE A CA  1 
ATOM   516  C C   . PHE A 1 70 ? -9.394  -12.762 -10.648 1.00 14.87 ? 519  PHE A C   1 
ATOM   517  O O   . PHE A 1 70 ? -9.186  -12.929 -11.848 1.00 12.94 ? 519  PHE A O   1 
ATOM   518  C CB  . PHE A 1 70 ? -7.383  -12.316 -9.227  1.00 16.27 ? 519  PHE A CB  1 
ATOM   519  C CG  . PHE A 1 70 ? -6.408  -11.328 -8.645  1.00 13.31 ? 519  PHE A CG  1 
ATOM   520  C CD1 . PHE A 1 70 ? -5.927  -10.265 -9.398  1.00 15.86 ? 519  PHE A CD1 1 
ATOM   521  C CD2 . PHE A 1 70 ? -5.940  -11.488 -7.349  1.00 15.32 ? 519  PHE A CD2 1 
ATOM   522  C CE1 . PHE A 1 70 ? -4.988  -9.373  -8.864  1.00 15.91 ? 519  PHE A CE1 1 
ATOM   523  C CE2 . PHE A 1 70 ? -5.005  -10.606 -6.809  1.00 16.33 ? 519  PHE A CE2 1 
ATOM   524  C CZ  . PHE A 1 70 ? -4.530  -9.546  -7.573  1.00 15.95 ? 519  PHE A CZ  1 
ATOM   525  N N   . GLN A 1 71 ? -10.225 -13.606 -10.099 1.00 11.81 ? 520  GLN A N   1 
ATOM   526  C CA  . GLN A 1 71 ? -11.004 -14.698 -10.695 1.00 13.74 ? 520  GLN A CA  1 
ATOM   527  C C   . GLN A 1 71 ? -12.132 -14.198 -11.610 1.00 13.74 ? 520  GLN A C   1 
ATOM   528  O O   . GLN A 1 71 ? -12.530 -14.880 -12.565 1.00 13.36 ? 520  GLN A O   1 
ATOM   529  C CB  . GLN A 1 71 ? -11.602 -15.589 -9.592  1.00 15.44 ? 520  GLN A CB  1 
ATOM   530  C CG  . GLN A 1 71 ? -10.711 -16.760 -9.177  1.00 26.58 ? 520  GLN A CG  1 
ATOM   531  C CD  . GLN A 1 71 ? -11.156 -17.450 -7.892  1.00 28.06 ? 520  GLN A CD  1 
ATOM   532  O OE1 . GLN A 1 71 ? -10.401 -18.235 -7.310  1.00 30.98 ? 520  GLN A OE1 1 
ATOM   533  N NE2 . GLN A 1 71 ? -12.378 -17.162 -7.444  1.00 35.49 ? 520  GLN A NE2 1 
ATOM   534  N N   . SER A 1 72 ? -12.647 -12.785 -11.327 1.00 10.85 ? 521  SER A N   1 
ATOM   535  C CA  . SER A 1 72 ? -13.738 -12.173 -12.073 1.00 16.82 ? 521  SER A CA  1 
ATOM   536  C C   . SER A 1 72 ? -13.292 -11.497 -13.352 1.00 12.67 ? 521  SER A C   1 
ATOM   537  O O   . SER A 1 72 ? -14.097 -10.894 -14.057 1.00 22.97 ? 521  SER A O   1 
ATOM   538  C CB  . SER A 1 72 ? -14.482 -11.176 -11.185 1.00 15.87 ? 521  SER A CB  1 
ATOM   539  O OG  . SER A 1 72 ? -13.584 -10.230 -10.642 1.00 29.04 ? 521  SER A OG  1 
ATOM   540  N N   . ILE A 1 73 ? -11.841 -11.710 -13.701 1.00 11.88 ? 522  ILE A N   1 
ATOM   541  C CA  . ILE A 1 73 ? -11.298 -11.165 -14.934 1.00 16.75 ? 522  ILE A CA  1 
ATOM   542  C C   . ILE A 1 73 ? -11.281 -12.261 -16.002 1.00 18.02 ? 522  ILE A C   1 
ATOM   543  O O   . ILE A 1 73 ? -10.732 -13.348 -15.786 1.00 18.70 ? 522  ILE A O   1 
ATOM   544  C CB  . ILE A 1 73 ? -9.876  -10.630 -14.718 1.00 18.65 ? 522  ILE A CB  1 
ATOM   545  C CG1 . ILE A 1 73 ? -9.934  -9.399  -13.812 1.00 13.99 ? 522  ILE A CG1 1 
ATOM   546  C CG2 . ILE A 1 73 ? -9.245  -10.271 -16.054 1.00 14.83 ? 522  ILE A CG2 1 
ATOM   547  C CD1 . ILE A 1 73 ? -8.768  -9.274  -12.920 1.00 20.16 ? 522  ILE A CD1 1 
ATOM   548  N N   . PRO A 1 74 ? -12.014 -11.978 -17.024 1.00 13.53 ? 523  PRO A N   1 
ATOM   549  C CA  . PRO A 1 74 ? -12.112 -12.887 -18.170 1.00 16.84 ? 523  PRO A CA  1 
ATOM   550  C C   . PRO A 1 74 ? -10.770 -13.174 -18.842 1.00 15.35 ? 523  PRO A C   1 
ATOM   551  O O   . PRO A 1 74 ? -9.861  -12.343 -18.804 1.00 19.39 ? 523  PRO A O   1 
ATOM   552  C CB  . PRO A 1 74 ? -13.076 -12.153 -19.104 1.00 17.01 ? 523  PRO A CB  1 
ATOM   553  C CG  . PRO A 1 74 ? -12.769 -10.721 -18.817 1.00 19.06 ? 523  PRO A CG  1 
ATOM   554  C CD  . PRO A 1 74 ? -12.729 -10.720 -17.306 1.00 10.88 ? 523  PRO A CD  1 
ATOM   555  N N   . ILE A 1 75 ? -10.668 -14.353 -19.459 1.00 12.95 ? 524  ILE A N   1 
ATOM   556  C CA  . ILE A 1 75 ? -9.456  -14.784 -20.161 1.00 12.35 ? 524  ILE A CA  1 
ATOM   557  C C   . ILE A 1 75 ? -9.179  -13.815 -21.299 1.00 11.91 ? 524  ILE A C   1 
ATOM   558  O O   . ILE A 1 75 ? -10.086 -13.447 -22.038 1.00 5.38  ? 524  ILE A O   1 
ATOM   559  C CB  . ILE A 1 75 ? -9.612  -16.193 -20.783 1.00 12.71 ? 524  ILE A CB  1 
ATOM   560  C CG1 . ILE A 1 75 ? -9.976  -17.222 -19.714 1.00 12.33 ? 524  ILE A CG1 1 
ATOM   561  C CG2 . ILE A 1 75 ? -8.305  -16.611 -21.458 1.00 14.99 ? 524  ILE A CG2 1 
ATOM   562  C CD1 . ILE A 1 75 ? -10.241 -18.609 -20.299 1.00 19.43 ? 524  ILE A CD1 1 
ATOM   563  N N   . GLY A 1 76 ? -7.921  -13.414 -21.439 1.00 12.55 ? 525  GLY A N   1 
ATOM   564  C CA  . GLY A 1 76 ? -7.555  -12.483 -22.489 1.00 15.34 ? 525  GLY A CA  1 
ATOM   565  C C   . GLY A 1 76 ? -7.532  -11.048 -22.001 1.00 14.28 ? 525  GLY A C   1 
ATOM   566  O O   . GLY A 1 76 ? -6.900  -10.190 -22.616 1.00 15.00 ? 525  GLY A O   1 
ATOM   567  N N   . ALA A 1 77 ? -8.232  -10.777 -20.902 1.00 13.11 ? 526  ALA A N   1 
ATOM   568  C CA  . ALA A 1 77 ? -8.250  -9.427  -20.344 1.00 20.13 ? 526  ALA A CA  1 
ATOM   569  C C   . ALA A 1 77 ? -7.017  -9.253  -19.468 1.00 20.79 ? 526  ALA A C   1 
ATOM   570  O O   . ALA A 1 77 ? -6.450  -10.230 -18.981 1.00 19.83 ? 526  ALA A O   1 
ATOM   571  C CB  . ALA A 1 77 ? -9.510  -9.200  -19.527 1.00 10.28 ? 526  ALA A CB  1 
ATOM   572  N N   . SER A 1 78 ? -6.601  -8.008  -19.267 1.00 20.68 ? 527  SER A N   1 
ATOM   573  C CA  . SER A 1 78 ? -5.424  -7.738  -18.460 1.00 23.23 ? 527  SER A CA  1 
ATOM   574  C C   . SER A 1 78 ? -5.709  -6.817  -17.275 1.00 22.89 ? 527  SER A C   1 
ATOM   575  O O   . SER A 1 78 ? -6.515  -5.890  -17.375 1.00 26.86 ? 527  SER A O   1 
ATOM   576  C CB  . SER A 1 78 ? -4.321  -7.120  -19.334 1.00 25.02 ? 527  SER A CB  1 
ATOM   577  O OG  . SER A 1 78 ? -3.934  -7.985  -20.398 1.00 18.62 ? 527  SER A OG  1 
ATOM   578  N N   . VAL A 1 79 ? -5.048  -7.090  -16.155 1.00 20.46 ? 528  VAL A N   1 
ATOM   579  C CA  . VAL A 1 79 ? -5.179  -6.277  -14.953 1.00 19.47 ? 528  VAL A CA  1 
ATOM   580  C C   . VAL A 1 79 ? -3.949  -5.402  -14.793 1.00 18.45 ? 528  VAL A C   1 
ATOM   581  O O   . VAL A 1 79 ? -2.862  -5.771  -15.224 1.00 17.69 ? 528  VAL A O   1 
ATOM   582  C CB  . VAL A 1 79 ? -5.236  -7.118  -13.665 1.00 23.45 ? 528  VAL A CB  1 
ATOM   583  C CG1 . VAL A 1 79 ? -6.611  -7.617  -13.439 1.00 28.13 ? 528  VAL A CG1 1 
ATOM   584  C CG2 . VAL A 1 79 ? -4.244  -8.273  -13.746 1.00 25.67 ? 528  VAL A CG2 1 
ATOM   585  N N   . ASP A 1 80 ? -4.131  -4.242  -14.175 1.00 17.77 ? 529  ASP A N   1 
ATOM   586  C CA  . ASP A 1 80 ? -3.017  -3.358  -13.897 1.00 22.70 ? 529  ASP A CA  1 
ATOM   587  C C   . ASP A 1 80 ? -2.799  -3.513  -12.402 1.00 19.67 ? 529  ASP A C   1 
ATOM   588  O O   . ASP A 1 80 ? -3.747  -3.420  -11.612 1.00 19.44 ? 529  ASP A O   1 
ATOM   589  C CB  . ASP A 1 80 ? -3.346  -1.895  -14.212 1.00 24.84 ? 529  ASP A CB  1 
ATOM   590  C CG  . ASP A 1 80 ? -3.392  -1.616  -15.693 1.00 38.90 ? 529  ASP A CG  1 
ATOM   591  O OD1 . ASP A 1 80 ? -2.916  -2.466  -16.475 1.00 44.79 ? 529  ASP A OD1 1 
ATOM   592  O OD2 . ASP A 1 80 ? -3.892  -0.537  -16.079 1.00 44.48 ? 529  ASP A OD2 1 
ATOM   593  N N   . LEU A 1 81 ? -1.560  -3.768  -12.012 1.00 16.76 ? 530  LEU A N   1 
ATOM   594  C CA  . LEU A 1 81 ? -1.256  -3.934  -10.606 1.00 19.73 ? 530  LEU A CA  1 
ATOM   595  C C   . LEU A 1 81 ? -0.212  -2.956  -10.128 1.00 15.78 ? 530  LEU A C   1 
ATOM   596  O O   . LEU A 1 81 ? 0.677   -2.565  -10.884 1.00 14.87 ? 530  LEU A O   1 
ATOM   597  C CB  . LEU A 1 81 ? -0.723  -5.345  -10.325 1.00 23.65 ? 530  LEU A CB  1 
ATOM   598  C CG  . LEU A 1 81 ? -1.670  -6.532  -10.153 1.00 35.56 ? 530  LEU A CG  1 
ATOM   599  C CD1 . LEU A 1 81 ? -2.578  -6.286  -8.968  1.00 35.85 ? 530  LEU A CD1 1 
ATOM   600  C CD2 . LEU A 1 81 ? -2.479  -6.740  -11.407 1.00 36.25 ? 530  LEU A CD2 1 
ATOM   601  N N   . GLU A 1 82 ? -0.378  -2.519  -8.878  1.00 11.69 ? 531  GLU A N   1 
ATOM   602  C CA  . GLU A 1 82 ? 0.664   -1.713  -8.275  1.00 14.40 ? 531  GLU A CA  1 
ATOM   603  C C   . GLU A 1 82 ? 1.032   -2.510  -7.036  1.00 16.00 ? 531  GLU A C   1 
ATOM   604  O O   . GLU A 1 82 ? 0.162   -2.913  -6.254  1.00 14.88 ? 531  GLU A O   1 
ATOM   605  C CB  . GLU A 1 82 ? 0.227   -0.315  -7.837  1.00 14.50 ? 531  GLU A CB  1 
ATOM   606  C CG  . GLU A 1 82 ? 1.413   0.377   -7.140  1.00 23.94 ? 531  GLU A CG  1 
ATOM   607  C CD  . GLU A 1 82 ? 1.162   1.815   -6.735  1.00 30.42 ? 531  GLU A CD  1 
ATOM   608  O OE1 . GLU A 1 82 ? 0.067   2.344   -7.010  1.00 36.99 ? 531  GLU A OE1 1 
ATOM   609  O OE2 . GLU A 1 82 ? 2.079   2.418   -6.136  1.00 37.58 ? 531  GLU A OE2 1 
ATOM   610  N N   . LEU A 1 83 ? 2.262   -2.733  -6.837  1.00 16.52 ? 532  LEU A N   1 
ATOM   611  C CA  . LEU A 1 83 ? 2.753   -3.585  -5.767  1.00 16.22 ? 532  LEU A CA  1 
ATOM   612  C C   . LEU A 1 83 ? 3.822   -2.769  -5.034  1.00 19.19 ? 532  LEU A C   1 
ATOM   613  O O   . LEU A 1 83 ? 4.282   -1.747  -5.556  1.00 23.02 ? 532  LEU A O   1 
ATOM   614  C CB  . LEU A 1 83 ? 3.355   -4.860  -6.373  1.00 16.93 ? 532  LEU A CB  1 
ATOM   615  C CG  . LEU A 1 83 ? 2.467   -5.640  -7.362  1.00 18.77 ? 532  LEU A CG  1 
ATOM   616  C CD1 . LEU A 1 83 ? 3.327   -6.503  -8.262  1.00 21.70 ? 532  LEU A CD1 1 
ATOM   617  C CD2 . LEU A 1 83 ? 1.470   -6.491  -6.608  1.00 15.36 ? 532  LEU A CD2 1 
ATOM   618  N N   . CYS A 1 84 ? 4.376   -2.819  -4.002  1.00 19.12 ? 533  CYS A N   1 
ATOM   619  C CA  . CYS A 1 84 ? 5.420   -2.161  -3.198  1.00 23.51 ? 533  CYS A CA  1 
ATOM   620  C C   . CYS A 1 84 ? 6.242   -3.300  -2.614  1.00 24.72 ? 533  CYS A C   1 
ATOM   621  O O   . CYS A 1 84 ? 5.679   -4.273  -2.106  1.00 22.69 ? 533  CYS A O   1 
ATOM   622  C CB  . CYS A 1 84 ? 4.760   -1.397  -2.057  1.00 25.28 ? 533  CYS A CB  1 
ATOM   623  S SG  . CYS A 1 84 ? 5.559   0.023   -1.233  1.00 37.49 ? 533  CYS A SG  1 
ATOM   624  N N   . ARG A 1 85 ? 7.728   -2.987  -2.632  1.00 24.96 ? 534  ARG A N   1 
ATOM   625  C CA  . ARG A 1 85 ? 8.737   -3.968  -2.251  1.00 33.23 ? 534  ARG A CA  1 
ATOM   626  C C   . ARG A 1 85 ? 9.270   -3.734  -0.838  1.00 41.64 ? 534  ARG A C   1 
ATOM   627  O O   . ARG A 1 85 ? 10.122  -2.873  -0.614  1.00 40.19 ? 534  ARG A O   1 
ATOM   628  C CB  . ARG A 1 85 ? 9.874   -3.926  -3.277  1.00 33.23 ? 534  ARG A CB  1 
ATOM   629  C CG  . ARG A 1 85 ? 10.616  -5.229  -3.482  1.00 35.31 ? 534  ARG A CG  1 
ATOM   630  C CD  . ARG A 1 85 ? 11.106  -5.325  -4.917  1.00 28.84 ? 534  ARG A CD  1 
ATOM   631  N NE  . ARG A 1 85 ? 10.192  -6.106  -5.746  1.00 36.28 ? 534  ARG A NE  1 
ATOM   632  C CZ  . ARG A 1 85 ? 10.202  -6.114  -7.076  1.00 36.45 ? 534  ARG A CZ  1 
ATOM   633  N NH1 . ARG A 1 85 ? 11.080  -5.372  -7.740  1.00 32.99 ? 534  ARG A NH1 1 
ATOM   634  N NH2 . ARG A 1 85 ? 9.331   -6.861  -7.742  1.00 35.67 ? 534  ARG A NH2 1 
ATOM   635  O OXT . ARG A 1 85 ? 8.766   -4.407  0.069   1.00 25.43 ? 534  ARG A OXT 1 
ATOM   636  N N   . ARG B 2 3  ? -3.313  -20.172 4.155   1.00 42.26 ? 2002 ARG C N   1 
ATOM   637  C CA  . ARG B 2 3  ? -3.845  -19.085 3.346   1.00 40.05 ? 2002 ARG C CA  1 
ATOM   638  C C   . ARG B 2 3  ? -3.028  -18.858 2.065   1.00 33.01 ? 2002 ARG C C   1 
ATOM   639  O O   . ARG B 2 3  ? -2.520  -17.767 1.838   1.00 36.61 ? 2002 ARG C O   1 
ATOM   640  C CB  . ARG B 2 3  ? -3.864  -17.784 4.157   1.00 47.16 ? 2002 ARG C CB  1 
ATOM   641  C CG  . ARG B 2 3  ? -4.624  -16.651 3.480   1.00 46.85 ? 2002 ARG C CG  1 
ATOM   642  C CD  . ARG B 2 3  ? -5.898  -16.331 4.210   1.00 48.72 ? 2002 ARG C CD  1 
ATOM   643  N NE  . ARG B 2 3  ? -5.689  -15.211 5.112   1.00 50.38 ? 2002 ARG C NE  1 
ATOM   644  C CZ  . ARG B 2 3  ? -6.348  -15.012 6.241   1.00 49.57 ? 2002 ARG C CZ  1 
ATOM   645  N NH1 . ARG B 2 3  ? -7.281  -15.838 6.655   1.00 53.97 ? 2002 ARG C NH1 1 
ATOM   646  N NH2 . ARG B 2 3  ? -6.053  -13.980 6.965   1.00 52.97 ? 2002 ARG C NH2 1 
ATOM   647  N N   . GLU B 2 4  ? -2.590  -19.557 1.232   1.00 32.39 ? 2003 GLU C N   1 
ATOM   648  C CA  . GLU B 2 4  ? -1.834  -19.362 -0.011  1.00 33.13 ? 2003 GLU C CA  1 
ATOM   649  C C   . GLU B 2 4  ? -2.723  -19.650 -1.211  1.00 33.24 ? 2003 GLU C C   1 
ATOM   650  O O   . GLU B 2 4  ? -2.984  -20.810 -1.538  1.00 32.03 ? 2003 GLU C O   1 
ATOM   651  C CB  . GLU B 2 4  ? -0.585  -20.263 -0.051  1.00 37.23 ? 2003 GLU C CB  1 
ATOM   652  C CG  . GLU B 2 4  ? 0.263   -20.089 -1.325  1.00 36.95 ? 2003 GLU C CG  1 
ATOM   653  C CD  . GLU B 2 4  ? 1.675   -20.637 -1.189  1.00 41.44 ? 2003 GLU C CD  1 
ATOM   654  O OE1 . GLU B 2 4  ? 2.464   -20.497 -2.148  1.00 47.87 ? 2003 GLU C OE1 1 
ATOM   655  O OE2 . GLU B 2 4  ? 2.001   -21.204 -0.124  1.00 43.49 ? 2003 GLU C OE2 1 
ATOM   656  N N   . THR B 2 5  ? -3.414  -18.852 -1.882  1.00 28.95 ? 2004 THR C N   1 
ATOM   657  C CA  . THR B 2 5  ? -4.280  -19.020 -3.043  1.00 22.84 ? 2004 THR C CA  1 
ATOM   658  C C   . THR B 2 5  ? -3.661  -18.629 -4.372  1.00 21.03 ? 2004 THR C C   1 
ATOM   659  O O   . THR B 2 5  ? -3.272  -17.480 -4.577  1.00 13.34 ? 2004 THR C O   1 
ATOM   660  C CB  . THR B 2 5  ? -5.579  -18.209 -2.900  1.00 22.85 ? 2004 THR C CB  1 
ATOM   661  O OG1 . THR B 2 5  ? -6.196  -18.498 -1.638  1.00 22.18 ? 2004 THR C OG1 1 
ATOM   662  C CG2 . THR B 2 5  ? -6.541  -18.557 -4.020  1.00 17.94 ? 2004 THR C CG2 1 
ATOM   663  N N   . GLN B 2 6  ? -3.700  -19.633 -5.177  1.00 19.37 ? 2005 GLN C N   1 
ATOM   664  C CA  . GLN B 2 6  ? -3.173  -19.467 -6.520  1.00 21.66 ? 2005 GLN C CA  1 
ATOM   665  C C   . GLN B 2 6  ? -4.253  -18.813 -7.370  1.00 27.78 ? 2005 GLN C C   1 
ATOM   666  O O   . GLN B 2 6  ? -5.383  -19.295 -7.442  1.00 26.52 ? 2005 GLN C O   1 
ATOM   667  C CB  . GLN B 2 6  ? -2.800  -20.820 -7.142  1.00 18.67 ? 2005 GLN C CB  1 
ATOM   668  C CG  . GLN B 2 6  ? -2.628  -20.764 -8.659  1.00 13.18 ? 2005 GLN C CG  1 
ATOM   669  C CD  . GLN B 2 6  ? -2.203  -22.088 -9.258  1.00 10.96 ? 2005 GLN C CD  1 
ATOM   670  O OE1 . GLN B 2 6  ? -2.482  -23.152 -8.708  1.00 11.52 ? 2005 GLN C OE1 1 
ATOM   671  N NE2 . GLN B 2 6  ? -1.530  -22.029 -10.396 1.00 13.05 ? 2005 GLN C NE2 1 
ATOM   672  N N   . VAL B 2 7  ? -3.961  -17.814 -7.766  1.00 28.54 ? 2006 VAL C N   1 
ATOM   673  C CA  . VAL B 2 7  ? -4.615  -17.141 -8.869  1.00 33.17 ? 2006 VAL C CA  1 
ATOM   674  C C   . VAL B 2 7  ? -3.661  -17.148 -10.064 1.00 36.43 ? 2006 VAL C C   1 
ATOM   675  O O   . VAL B 2 7  ? -2.787  -18.012 -10.159 1.00 40.44 ? 2006 VAL C O   1 
ATOM   676  C CB  . VAL B 2 7  ? -4.977  -15.695 -8.502  1.00 32.59 ? 2006 VAL C CB  1 
ATOM   677  C CG1 . VAL B 2 7  ? -6.285  -15.665 -7.730  1.00 29.26 ? 2006 VAL C CG1 1 
ATOM   678  C CG2 . VAL B 2 7  ? -3.869  -15.085 -7.667  1.00 33.25 ? 2006 VAL C CG2 1 
ATOM   679  O OXT . VAL B 2 7  ? -3.834  -16.282 -10.950 1.00 41.03 ? 2006 VAL C OXT 1 
ATOM   680  N N   . SER C 1 1  ? -3.114  5.768   -6.621  1.00 39.79 ? 450  SER B N   1 
ATOM   681  C CA  . SER C 1 1  ? -1.790  6.181   -6.183  1.00 38.94 ? 450  SER B CA  1 
ATOM   682  C C   . SER C 1 1  ? -1.683  7.701   -6.171  1.00 40.40 ? 450  SER B C   1 
ATOM   683  O O   . SER C 1 1  ? -1.963  8.365   -7.170  1.00 44.64 ? 450  SER B O   1 
ATOM   684  C CB  . SER C 1 1  ? -0.726  5.586   -7.094  1.00 35.63 ? 450  SER B CB  1 
ATOM   685  N N   . ILE C 1 2  ? -1.287  8.242   -5.028  1.00 37.18 ? 451  ILE B N   1 
ATOM   686  C CA  . ILE C 1 2  ? -1.123  9.673   -4.863  1.00 36.31 ? 451  ILE B CA  1 
ATOM   687  C C   . ILE C 1 2  ? 0.303   9.901   -4.371  1.00 37.32 ? 451  ILE B C   1 
ATOM   688  O O   . ILE C 1 2  ? 0.819   9.128   -3.564  1.00 37.59 ? 451  ILE B O   1 
ATOM   689  C CB  . ILE C 1 2  ? -2.161  10.226  -3.856  1.00 38.41 ? 451  ILE B CB  1 
ATOM   690  C CG1 . ILE C 1 2  ? -3.567  9.890   -4.365  1.00 43.26 ? 451  ILE B CG1 1 
ATOM   691  C CG2 . ILE C 1 2  ? -1.990  11.732  -3.676  1.00 40.10 ? 451  ILE B CG2 1 
ATOM   692  C CD1 . ILE C 1 2  ? -4.685  10.590  -3.650  1.00 44.54 ? 451  ILE B CD1 1 
ATOM   693  N N   . HIS C 1 3  ? 1.154   10.662  -4.911  1.00 34.31 ? 452  HIS B N   1 
ATOM   694  C CA  . HIS C 1 3  ? 2.513   11.036  -4.529  1.00 33.92 ? 452  HIS B CA  1 
ATOM   695  C C   . HIS C 1 3  ? 2.602   12.501  -4.105  1.00 35.48 ? 452  HIS B C   1 
ATOM   696  O O   . HIS C 1 3  ? 2.100   13.381  -4.803  1.00 33.40 ? 452  HIS B O   1 
ATOM   697  C CB  . HIS C 1 3  ? 3.454   10.817  -5.714  1.00 41.34 ? 452  HIS B CB  1 
ATOM   698  C CG  . HIS C 1 3  ? 4.594   9.888   -5.431  1.00 45.84 ? 452  HIS B CG  1 
ATOM   699  N ND1 . HIS C 1 3  ? 4.612   8.579   -5.861  1.00 50.16 ? 452  HIS B ND1 1 
ATOM   700  C CD2 . HIS C 1 3  ? 5.766   10.089  -4.781  1.00 52.22 ? 452  HIS B CD2 1 
ATOM   701  C CE1 . HIS C 1 3  ? 5.749   8.012   -5.491  1.00 50.57 ? 452  HIS B CE1 1 
ATOM   702  N NE2 . HIS C 1 3  ? 6.466   8.908   -4.834  1.00 51.75 ? 452  HIS B NE2 1 
ATOM   703  N N   . THR C 1 4  ? 3.149   12.961  -2.979  1.00 31.03 ? 453  THR B N   1 
ATOM   704  C CA  . THR C 1 4  ? 3.395   14.309  -2.470  1.00 29.37 ? 453  THR B CA  1 
ATOM   705  C C   . THR C 1 4  ? 4.772   14.413  -1.842  1.00 24.48 ? 453  THR B C   1 
ATOM   706  O O   . THR C 1 4  ? 5.499   13.432  -1.739  1.00 30.03 ? 453  THR B O   1 
ATOM   707  C CB  . THR C 1 4  ? 2.392   14.736  -1.374  1.00 31.49 ? 453  THR B CB  1 
ATOM   708  O OG1 . THR C 1 4  ? 1.820   13.581  -0.751  1.00 34.84 ? 453  THR B OG1 1 
ATOM   709  C CG2 . THR C 1 4  ? 1.317   15.594  -1.945  1.00 37.85 ? 453  THR B CG2 1 
ATOM   710  N N   . LYS C 1 5  ? 5.112   15.623  -1.418  1.00 21.14 ? 454  LYS B N   1 
ATOM   711  C CA  . LYS C 1 5  ? 6.384   15.897  -0.765  1.00 24.48 ? 454  LYS B CA  1 
ATOM   712  C C   . LYS C 1 5  ? 6.099   17.010  0.239   1.00 23.51 ? 454  LYS B C   1 
ATOM   713  O O   . LYS C 1 5  ? 5.607   18.079  -0.129  1.00 23.19 ? 454  LYS B O   1 
ATOM   714  C CB  . LYS C 1 5  ? 7.431   16.365  -1.780  1.00 23.97 ? 454  LYS B CB  1 
ATOM   715  C CG  . LYS C 1 5  ? 8.834   16.499  -1.195  1.00 35.32 ? 454  LYS B CG  1 
ATOM   716  C CD  . LYS C 1 5  ? 9.798   17.089  -2.213  1.00 35.48 ? 454  LYS B CD  1 
ATOM   717  C CE  . LYS C 1 5  ? 11.245  16.929  -1.787  1.00 35.27 ? 454  LYS B CE  1 
ATOM   718  N NZ  . LYS C 1 5  ? 12.169  17.545  -2.786  1.00 44.16 ? 454  LYS B NZ  1 
ATOM   719  N N   . LEU C 1 6  ? 6.396   16.753  1.506   1.00 21.13 ? 455  LEU B N   1 
ATOM   720  C CA  . LEU C 1 6  ? 6.149   17.728  2.558   1.00 15.85 ? 455  LEU B CA  1 
ATOM   721  C C   . LEU C 1 6  ? 7.414   18.146  3.301   1.00 17.04 ? 455  LEU B C   1 
ATOM   722  O O   . LEU C 1 6  ? 8.297   17.331  3.552   1.00 15.31 ? 455  LEU B O   1 
ATOM   723  C CB  . LEU C 1 6  ? 5.150   17.152  3.563   1.00 17.53 ? 455  LEU B CB  1 
ATOM   724  C CG  . LEU C 1 6  ? 3.793   16.680  3.037   1.00 20.40 ? 455  LEU B CG  1 
ATOM   725  C CD1 . LEU C 1 6  ? 3.023   16.034  4.170   1.00 15.98 ? 455  LEU B CD1 1 
ATOM   726  C CD2 . LEU C 1 6  ? 3.016   17.844  2.446   1.00 18.31 ? 455  LEU B CD2 1 
ATOM   727  N N   . ARG C 1 7  ? 7.487   19.427  3.648   1.00 16.86 ? 456  ARG B N   1 
ATOM   728  C CA  . ARG C 1 7  ? 8.615   19.979  4.394   1.00 9.42  ? 456  ARG B CA  1 
ATOM   729  C C   . ARG C 1 7  ? 8.336   19.873  5.900   1.00 7.22  ? 456  ARG B C   1 
ATOM   730  O O   . ARG C 1 7  ? 7.246   20.218  6.366   1.00 11.99 ? 456  ARG B O   1 
ATOM   731  C CB  . ARG C 1 7  ? 8.829   21.448  4.022   1.00 18.06 ? 456  ARG B CB  1 
ATOM   732  C CG  . ARG C 1 7  ? 9.795   22.176  4.947   1.00 18.58 ? 456  ARG B CG  1 
ATOM   733  C CD  . ARG C 1 7  ? 9.800   23.667  4.699   1.00 19.11 ? 456  ARG B CD  1 
ATOM   734  N NE  . ARG C 1 7  ? 10.536  24.370  5.742   1.00 26.96 ? 456  ARG B NE  1 
ATOM   735  C CZ  . ARG C 1 7  ? 10.099  24.524  6.988   1.00 32.51 ? 456  ARG B CZ  1 
ATOM   736  N NH1 . ARG C 1 7  ? 8.926   24.029  7.346   1.00 32.93 ? 456  ARG B NH1 1 
ATOM   737  N NH2 . ARG C 1 7  ? 10.841  25.168  7.879   1.00 40.16 ? 456  ARG B NH2 1 
ATOM   738  N N   . LYS C 1 8  ? 9.327   19.400  6.648   1.00 6.46  ? 457  LYS B N   1 
ATOM   739  C CA  . LYS C 1 8  ? 9.208   19.219  8.084   1.00 14.41 ? 457  LYS B CA  1 
ATOM   740  C C   . LYS C 1 8  ? 9.306   20.537  8.845   1.00 19.22 ? 457  LYS B C   1 
ATOM   741  O O   . LYS C 1 8  ? 10.303  21.248  8.761   1.00 18.97 ? 457  LYS B O   1 
ATOM   742  C CB  . LYS C 1 8  ? 10.296  18.251  8.578   1.00 20.78 ? 457  LYS B CB  1 
ATOM   743  C CG  . LYS C 1 8  ? 10.279  17.939  10.080  1.00 14.13 ? 457  LYS B CG  1 
ATOM   744  C CD  . LYS C 1 8  ? 9.039   17.159  10.499  1.00 15.08 ? 457  LYS B CD  1 
ATOM   745  C CE  . LYS C 1 8  ? 9.094   16.724  11.964  1.00 22.04 ? 457  LYS B CE  1 
ATOM   746  N NZ  . LYS C 1 8  ? 10.088  15.646  12.248  1.00 13.26 ? 457  LYS B NZ  1 
ATOM   747  N N   . SER C 1 9  ? 8.252   20.858  9.581   1.00 18.15 ? 458  SER B N   1 
ATOM   748  C CA  . SER C 1 9  ? 8.207   22.073  10.382  1.00 20.50 ? 458  SER B CA  1 
ATOM   749  C C   . SER C 1 9  ? 8.339   21.672  11.856  1.00 17.56 ? 458  SER B C   1 
ATOM   750  O O   . SER C 1 9  ? 8.145   20.507  12.196  1.00 13.92 ? 458  SER B O   1 
ATOM   751  C CB  . SER C 1 9  ? 6.877   22.789  10.148  1.00 22.55 ? 458  SER B CB  1 
ATOM   752  O OG  . SER C 1 9  ? 6.727   23.883  11.024  1.00 23.80 ? 458  SER B OG  1 
ATOM   753  N N   . SER C 1 10 ? 8.646   22.643  12.915  1.00 13.49 ? 459  SER B N   1 
ATOM   754  C CA  . SER C 1 10 ? 8.829   22.392  14.343  1.00 20.03 ? 459  SER B CA  1 
ATOM   755  C C   . SER C 1 10 ? 7.567   21.789  14.958  1.00 14.50 ? 459  SER B C   1 
ATOM   756  O O   . SER C 1 10 ? 7.644   21.055  15.946  1.00 17.06 ? 459  SER B O   1 
ATOM   757  C CB  . SER C 1 10 ? 9.180   23.691  15.075  1.00 15.04 ? 459  SER B CB  1 
ATOM   758  O OG  . SER C 1 10 ? 8.174   24.669  14.869  1.00 23.01 ? 459  SER B OG  1 
ATOM   759  N N   . ARG C 1 11 ? 6.345   22.106  14.127  1.00 17.22 ? 460  ARG B N   1 
ATOM   760  C CA  . ARG C 1 11 ? 5.005   21.685  14.542  1.00 17.06 ? 460  ARG B CA  1 
ATOM   761  C C   . ARG C 1 11 ? 4.619   20.328  13.929  1.00 16.18 ? 460  ARG B C   1 
ATOM   762  O O   . ARG C 1 11 ? 3.537   19.804  14.193  1.00 17.97 ? 460  ARG B O   1 
ATOM   763  C CB  . ARG C 1 11 ? 3.975   22.726  14.112  1.00 21.11 ? 460  ARG B CB  1 
ATOM   764  C CG  . ARG C 1 11 ? 4.251   24.139  14.605  1.00 32.23 ? 460  ARG B CG  1 
ATOM   765  C CD  . ARG C 1 11 ? 3.385   25.144  13.858  1.00 37.38 ? 460  ARG B CD  1 
ATOM   766  N NE  . ARG C 1 11 ? 3.683   25.165  12.428  1.00 45.36 ? 460  ARG B NE  1 
ATOM   767  C CZ  . ARG C 1 11 ? 2.765   25.039  11.474  1.00 51.53 ? 460  ARG B CZ  1 
ATOM   768  N NH1 . ARG C 1 11 ? 1.490   24.884  11.800  1.00 56.44 ? 460  ARG B NH1 1 
ATOM   769  N NH2 . ARG C 1 11 ? 3.119   25.061  10.194  1.00 53.83 ? 460  ARG B NH2 1 
ATOM   770  N N   . GLY C 1 12 ? 5.591   19.825  13.079  1.00 18.67 ? 461  GLY B N   1 
ATOM   771  C CA  . GLY C 1 12 ? 5.352   18.541  12.444  1.00 20.01 ? 461  GLY B CA  1 
ATOM   772  C C   . GLY C 1 12 ? 5.006   18.658  10.969  1.00 21.49 ? 461  GLY B C   1 
ATOM   773  O O   . GLY C 1 12 ? 5.175   19.720  10.357  1.00 20.87 ? 461  GLY B O   1 
ATOM   774  N N   . PHE C 1 13 ? 4.414   17.571  10.312  1.00 17.59 ? 462  PHE B N   1 
ATOM   775  C CA  . PHE C 1 13 ? 4.048   17.531  8.900   1.00 16.70 ? 462  PHE B CA  1 
ATOM   776  C C   . PHE C 1 13 ? 2.593   17.916  8.684   1.00 13.95 ? 462  PHE B C   1 
ATOM   777  O O   . PHE C 1 13 ? 2.156   18.083  7.544   1.00 13.15 ? 462  PHE B O   1 
ATOM   778  C CB  . PHE C 1 13 ? 4.278   16.135  8.314   1.00 12.28 ? 462  PHE B CB  1 
ATOM   779  C CG  . PHE C 1 13 ? 5.727   15.789  8.110   1.00 14.70 ? 462  PHE B CG  1 
ATOM   780  C CD1 . PHE C 1 13 ? 6.326   14.794  8.875   1.00 11.49 ? 462  PHE B CD1 1 
ATOM   781  C CD2 . PHE C 1 13 ? 6.483   16.436  7.134   1.00 9.78  ? 462  PHE B CD2 1 
ATOM   782  C CE1 . PHE C 1 13 ? 7.655   14.451  8.676   1.00 16.27 ? 462  PHE B CE1 1 
ATOM   783  C CE2 . PHE C 1 13 ? 7.812   16.102  6.926   1.00 8.04  ? 462  PHE B CE2 1 
ATOM   784  C CZ  . PHE C 1 13 ? 8.402   15.101  7.699   1.00 15.26 ? 462  PHE B CZ  1 
ATOM   785  N N   . GLY C 1 14 ? 1.937   18.055  9.889   1.00 11.73 ? 463  GLY B N   1 
ATOM   786  C CA  . GLY C 1 14 ? 0.545   18.453  9.780   1.00 13.03 ? 463  GLY B CA  1 
ATOM   787  C C   . GLY C 1 14 ? -0.497  17.374  9.552   1.00 13.09 ? 463  GLY B C   1 
ATOM   788  O O   . GLY C 1 14 ? -1.545  17.644  8.971   1.00 8.72  ? 463  GLY B O   1 
ATOM   789  N N   . PHE C 1 15 ? -0.222  16.145  9.973   1.00 12.14 ? 464  PHE B N   1 
ATOM   790  C CA  . PHE C 1 15 ? -1.213  15.092  9.830   1.00 11.46 ? 464  PHE B CA  1 
ATOM   791  C C   . PHE C 1 15 ? -1.060  14.063  10.942  1.00 16.06 ? 464  PHE B C   1 
ATOM   792  O O   . PHE C 1 15 ? -0.016  13.994  11.595  1.00 13.84 ? 464  PHE B O   1 
ATOM   793  C CB  . PHE C 1 15 ? -1.144  14.415  8.441   1.00 13.29 ? 464  PHE B CB  1 
ATOM   794  C CG  . PHE C 1 15 ? 0.101   13.601  8.195   1.00 14.03 ? 464  PHE B CG  1 
ATOM   795  C CD1 . PHE C 1 15 ? 1.273   14.206  7.752   1.00 13.05 ? 464  PHE B CD1 1 
ATOM   796  C CD2 . PHE C 1 15 ? 0.084   12.225  8.370   1.00 11.28 ? 464  PHE B CD2 1 
ATOM   797  C CE1 . PHE C 1 15 ? 2.407   13.451  7.476   1.00 11.52 ? 464  PHE B CE1 1 
ATOM   798  C CE2 . PHE C 1 15 ? 1.213   11.459  8.101   1.00 17.55 ? 464  PHE B CE2 1 
ATOM   799  C CZ  . PHE C 1 15 ? 2.380   12.075  7.652   1.00 18.54 ? 464  PHE B CZ  1 
ATOM   800  N N   . THR C 1 16 ? -2.121  13.292  11.168  1.00 14.33 ? 465  THR B N   1 
ATOM   801  C CA  . THR C 1 16 ? -2.137  12.250  12.200  1.00 14.29 ? 465  THR B CA  1 
ATOM   802  C C   . THR C 1 16 ? -2.280  10.897  11.517  1.00 17.90 ? 465  THR B C   1 
ATOM   803  O O   . THR C 1 16 ? -2.853  10.806  10.426  1.00 12.91 ? 465  THR B O   1 
ATOM   804  C CB  . THR C 1 16 ? -3.333  12.423  13.150  1.00 9.05  ? 465  THR B CB  1 
ATOM   805  O OG1 . THR C 1 16 ? -4.543  12.224  12.411  1.00 12.35 ? 465  THR B OG1 1 
ATOM   806  C CG2 . THR C 1 16 ? -3.349  13.825  13.754  1.00 3.34  ? 465  THR B CG2 1 
ATOM   807  N N   . VAL C 1 17 ? -1.771  9.876   11.978  1.00 17.38 ? 466  VAL B N   1 
ATOM   808  C CA  . VAL C 1 17 ? -1.910  8.519   11.464  1.00 13.38 ? 466  VAL B CA  1 
ATOM   809  C C   . VAL C 1 17 ? -2.532  7.580   12.484  1.00 17.81 ? 466  VAL B C   1 
ATOM   810  O O   . VAL C 1 17 ? -2.362  7.764   13.699  1.00 15.26 ? 466  VAL B O   1 
ATOM   811  C CB  . VAL C 1 17 ? -0.545  7.929   11.051  1.00 15.24 ? 466  VAL B CB  1 
ATOM   812  C CG1 . VAL C 1 17 ? -0.029  8.636   9.801   1.00 13.95 ? 466  VAL B CG1 1 
ATOM   813  C CG2 . VAL C 1 17 ? 0.460   8.076   12.191  1.00 8.98  ? 466  VAL B CG2 1 
ATOM   814  N N   . VAL C 1 18 ? -3.130  6.510   11.989  1.00 14.51 ? 467  VAL B N   1 
ATOM   815  C CA  . VAL C 1 18 ? -3.751  5.420   12.738  1.00 14.22 ? 467  VAL B CA  1 
ATOM   816  C C   . VAL C 1 18 ? -3.347  4.089   12.097  1.00 15.81 ? 467  VAL B C   1 
ATOM   817  O O   . VAL C 1 18 ? -2.821  4.069   10.983  1.00 21.25 ? 467  VAL B O   1 
ATOM   818  C CB  . VAL C 1 18 ? -5.293  5.508   12.725  1.00 12.92 ? 467  VAL B CB  1 
ATOM   819  C CG1 . VAL C 1 18 ? -5.775  6.496   13.759  1.00 17.32 ? 467  VAL B CG1 1 
ATOM   820  C CG2 . VAL C 1 18 ? -5.775  5.911   11.358  1.00 16.34 ? 467  VAL B CG2 1 
ATOM   821  N N   . GLY C 1 19 ? -3.596  2.987   12.803  1.00 12.56 ? 468  GLY B N   1 
ATOM   822  C CA  . GLY C 1 19 ? -3.264  1.669   12.289  1.00 14.68 ? 468  GLY B CA  1 
ATOM   823  C C   . GLY C 1 19 ? -1.880  1.200   12.689  1.00 12.18 ? 468  GLY B C   1 
ATOM   824  O O   . GLY C 1 19 ? -1.243  1.802   13.544  1.00 11.43 ? 468  GLY B O   1 
ATOM   825  N N   . GLY C 1 20 ? -1.415  0.122   12.067  1.00 14.61 ? 469  GLY B N   1 
ATOM   826  C CA  . GLY C 1 20 ? -0.096  -0.408  12.371  1.00 18.19 ? 469  GLY B CA  1 
ATOM   827  C C   . GLY C 1 20 ? 0.036   -0.970  13.777  1.00 19.62 ? 469  GLY B C   1 
ATOM   828  O O   . GLY C 1 20 ? 1.144   -1.082  14.301  1.00 22.03 ? 469  GLY B O   1 
ATOM   829  N N   . ASP C 1 21 ? -1.090  -1.334  14.382  1.00 19.74 ? 470  ASP B N   1 
ATOM   830  C CA  . ASP C 1 21 ? -1.106  -1.869  15.743  1.00 27.82 ? 470  ASP B CA  1 
ATOM   831  C C   . ASP C 1 21 ? -0.481  -3.264  15.857  1.00 24.48 ? 470  ASP B C   1 
ATOM   832  O O   . ASP C 1 21 ? -0.224  -3.754  16.952  1.00 32.64 ? 470  ASP B O   1 
ATOM   833  C CB  . ASP C 1 21 ? -2.542  -1.865  16.275  1.00 31.76 ? 470  ASP B CB  1 
ATOM   834  C CG  . ASP C 1 21 ? -3.109  -0.458  16.392  1.00 40.05 ? 470  ASP B CG  1 
ATOM   835  O OD1 . ASP C 1 21 ? -4.214  -0.212  15.867  1.00 40.73 ? 470  ASP B OD1 1 
ATOM   836  O OD2 . ASP C 1 21 ? -2.447  0.405   17.011  1.00 44.22 ? 470  ASP B OD2 1 
ATOM   837  N N   . GLU C 1 22 ? -0.251  -3.890  14.712  1.00 21.67 ? 471  GLU B N   1 
ATOM   838  C CA  . GLU C 1 22 ? 0.389   -5.196  14.611  1.00 25.05 ? 471  GLU B CA  1 
ATOM   839  C C   . GLU C 1 22 ? 1.063   -5.114  13.247  1.00 24.07 ? 471  GLU B C   1 
ATOM   840  O O   . GLU C 1 22 ? 0.621   -4.340  12.392  1.00 18.08 ? 471  GLU B O   1 
ATOM   841  C CB  . GLU C 1 22 ? -0.642  -6.336  14.618  1.00 27.58 ? 471  GLU B CB  1 
ATOM   842  C CG  . GLU C 1 22 ? -1.291  -6.606  15.972  1.00 34.52 ? 471  GLU B CG  1 
ATOM   843  C CD  . GLU C 1 22 ? -2.322  -7.726  15.923  1.00 42.11 ? 471  GLU B CD  1 
ATOM   844  O OE1 . GLU C 1 22 ? -2.928  -8.022  16.974  1.00 51.46 ? 471  GLU B OE1 1 
ATOM   845  O OE2 . GLU C 1 22 ? -2.529  -8.307  14.839  1.00 46.63 ? 471  GLU B OE2 1 
ATOM   846  N N   . PRO C 1 23 ? 2.143   -5.886  13.026  1.00 24.59 ? 472  PRO B N   1 
ATOM   847  C CA  . PRO C 1 23 ? 2.830   -5.847  11.734  1.00 26.88 ? 472  PRO B CA  1 
ATOM   848  C C   . PRO C 1 23 ? 1.980   -6.219  10.522  1.00 24.92 ? 472  PRO B C   1 
ATOM   849  O O   . PRO C 1 23 ? 2.411   -5.988  9.390   1.00 24.72 ? 472  PRO B O   1 
ATOM   850  C CB  . PRO C 1 23 ? 3.993   -6.818  11.927  1.00 21.36 ? 472  PRO B CB  1 
ATOM   851  C CG  . PRO C 1 23 ? 4.309   -6.664  13.358  1.00 29.48 ? 472  PRO B CG  1 
ATOM   852  C CD  . PRO C 1 23 ? 2.928   -6.668  13.996  1.00 26.83 ? 472  PRO B CD  1 
ATOM   853  N N   . ASP C 1 24 ? 0.793   -6.795  10.716  1.00 25.49 ? 473  ASP B N   1 
ATOM   854  C CA  . ASP C 1 24 ? 0.010   -7.125  9.521   1.00 36.49 ? 473  ASP B CA  1 
ATOM   855  C C   . ASP C 1 24 ? -0.945  -6.044  9.023   1.00 33.50 ? 473  ASP B C   1 
ATOM   856  O O   . ASP C 1 24 ? -1.409  -6.108  7.886   1.00 29.05 ? 473  ASP B O   1 
ATOM   857  C CB  . ASP C 1 24 ? -0.739  -8.477  9.654   1.00 44.77 ? 473  ASP B CB  1 
ATOM   858  C CG  . ASP C 1 24 ? -1.372  -8.708  11.022  1.00 54.32 ? 473  ASP B CG  1 
ATOM   859  O OD1 . ASP C 1 24 ? -1.014  -9.728  11.653  1.00 63.88 ? 473  ASP B OD1 1 
ATOM   860  O OD2 . ASP C 1 24 ? -2.242  -7.919  11.455  1.00 58.15 ? 473  ASP B OD2 1 
ATOM   861  N N   . GLU C 1 25 ? -1.197  -5.034  9.848   1.00 29.32 ? 474  GLU B N   1 
ATOM   862  C CA  . GLU C 1 25 ? -2.116  -3.961  9.491   1.00 28.82 ? 474  GLU B CA  1 
ATOM   863  C C   . GLU C 1 25 ? -1.436  -2.685  8.989   1.00 29.52 ? 474  GLU B C   1 
ATOM   864  O O   . GLU C 1 25 ? -0.501  -2.173  9.607   1.00 30.27 ? 474  GLU B O   1 
ATOM   865  C CB  . GLU C 1 25 ? -3.006  -3.663  10.695  1.00 32.78 ? 474  GLU B CB  1 
ATOM   866  C CG  . GLU C 1 25 ? -2.513  -4.352  11.956  1.00 42.88 ? 474  GLU B CG  1 
ATOM   867  C CD  . GLU C 1 25 ? -3.622  -5.021  12.736  1.00 52.53 ? 474  GLU B CD  1 
ATOM   868  O OE1 . GLU C 1 25 ? -3.530  -6.243  12.984  1.00 57.60 ? 474  GLU B OE1 1 
ATOM   869  O OE2 . GLU C 1 25 ? -4.584  -4.325  13.111  1.00 59.39 ? 474  GLU B OE2 1 
ATOM   870  N N   . PHE C 1 26 ? -1.934  -2.179  7.864   1.00 18.75 ? 475  PHE B N   1 
ATOM   871  C CA  . PHE C 1 26 ? -1.413  -0.973  7.221   1.00 19.55 ? 475  PHE B CA  1 
ATOM   872  C C   . PHE C 1 26 ? -1.811  0.305   7.968   1.00 16.75 ? 475  PHE B C   1 
ATOM   873  O O   . PHE C 1 26 ? -2.741  0.303   8.770   1.00 15.30 ? 475  PHE B O   1 
ATOM   874  C CB  . PHE C 1 26 ? -1.929  -0.909  5.774   1.00 15.14 ? 475  PHE B CB  1 
ATOM   875  C CG  . PHE C 1 26 ? -3.427  -0.865  5.672   1.00 15.14 ? 475  PHE B CG  1 
ATOM   876  C CD1 . PHE C 1 26 ? -4.121  0.315   5.936   1.00 20.55 ? 475  PHE B CD1 1 
ATOM   877  C CD2 . PHE C 1 26 ? -4.150  -2.008  5.360   1.00 19.85 ? 475  PHE B CD2 1 
ATOM   878  C CE1 . PHE C 1 26 ? -5.513  0.352   5.896   1.00 19.59 ? 475  PHE B CE1 1 
ATOM   879  C CE2 . PHE C 1 26 ? -5.542  -1.984  5.318   1.00 21.34 ? 475  PHE B CE2 1 
ATOM   880  C CZ  . PHE C 1 26 ? -6.225  -0.799  5.587   1.00 24.54 ? 475  PHE B CZ  1 
ATOM   881  N N   . LEU C 1 27 ? -1.101  1.396   7.693   1.00 15.18 ? 476  LEU B N   1 
ATOM   882  C CA  . LEU C 1 27 ? -1.382  2.679   8.334   1.00 15.20 ? 476  LEU B CA  1 
ATOM   883  C C   . LEU C 1 27 ? -2.219  3.592   7.460   1.00 13.30 ? 476  LEU B C   1 
ATOM   884  O O   . LEU C 1 27 ? -2.190  3.498   6.232   1.00 15.38 ? 476  LEU B O   1 
ATOM   885  C CB  . LEU C 1 27 ? -0.087  3.412   8.693   1.00 21.02 ? 476  LEU B CB  1 
ATOM   886  C CG  . LEU C 1 27 ? 0.266   3.409   10.179  1.00 30.22 ? 476  LEU B CG  1 
ATOM   887  C CD1 . LEU C 1 27 ? 1.415   2.449   10.427  1.00 29.35 ? 476  LEU B CD1 1 
ATOM   888  C CD2 . LEU C 1 27 ? 0.637   4.815   10.614  1.00 32.88 ? 476  LEU B CD2 1 
ATOM   889  N N   . GLN C 1 28 ? -2.941  4.497   8.107   1.00 15.80 ? 477  GLN B N   1 
ATOM   890  C CA  . GLN C 1 28 ? -3.809  5.429   7.409   1.00 15.00 ? 477  GLN B CA  1 
ATOM   891  C C   . GLN C 1 28 ? -3.702  6.822   7.991   1.00 15.71 ? 477  GLN B C   1 
ATOM   892  O O   . GLN C 1 28 ? -3.336  6.994   9.160   1.00 13.86 ? 477  GLN B O   1 
ATOM   893  C CB  . GLN C 1 28 ? -5.268  4.987   7.543   1.00 15.84 ? 477  GLN B CB  1 
ATOM   894  C CG  . GLN C 1 28 ? -5.583  3.621   6.961   1.00 21.77 ? 477  GLN B CG  1 
ATOM   895  C CD  . GLN C 1 28 ? -7.048  3.267   7.112   1.00 18.45 ? 477  GLN B CD  1 
ATOM   896  O OE1 . GLN C 1 28 ? -7.462  2.700   8.122   1.00 24.76 ? 477  GLN B OE1 1 
ATOM   897  N NE2 . GLN C 1 28 ? -7.847  3.624   6.108   1.00 14.64 ? 477  GLN B NE2 1 
ATOM   898  N N   . ILE C 1 29 ? -4.033  7.814   7.168   1.00 13.70 ? 478  ILE B N   1 
ATOM   899  C CA  . ILE C 1 29 ? -4.050  9.206   7.612   1.00 14.28 ? 478  ILE B CA  1 
ATOM   900  C C   . ILE C 1 29 ? -5.406  9.372   8.317   1.00 14.51 ? 478  ILE B C   1 
ATOM   901  O O   . ILE C 1 29 ? -6.452  9.117   7.717   1.00 15.61 ? 478  ILE B O   1 
ATOM   902  C CB  . ILE C 1 29 ? -4.017  10.198  6.413   1.00 17.23 ? 478  ILE B CB  1 
ATOM   903  C CG1 . ILE C 1 29 ? -2.796  9.944   5.517   1.00 18.72 ? 478  ILE B CG1 1 
ATOM   904  C CG2 . ILE C 1 29 ? -4.017  11.622  6.925   1.00 23.66 ? 478  ILE B CG2 1 
ATOM   905  C CD1 . ILE C 1 29 ? -1.461  10.016  6.214   1.00 13.65 ? 478  ILE B CD1 1 
ATOM   906  N N   . LYS C 1 30 ? -5.404  9.763   9.588   1.00 14.49 ? 479  LYS B N   1 
ATOM   907  C CA  . LYS C 1 30 ? -6.665  9.959   10.291  1.00 19.87 ? 479  LYS B CA  1 
ATOM   908  C C   . LYS C 1 30 ? -7.130  11.410  10.130  1.00 19.54 ? 479  LYS B C   1 
ATOM   909  O O   . LYS C 1 30 ? -8.284  11.668  9.795   1.00 22.69 ? 479  LYS B O   1 
ATOM   910  C CB  . LYS C 1 30 ? -6.526  9.643   11.783  1.00 20.50 ? 479  LYS B CB  1 
ATOM   911  C CG  . LYS C 1 30 ? -7.865  9.607   12.533  1.00 26.35 ? 479  LYS B CG  1 
ATOM   912  C CD  . LYS C 1 30 ? -8.518  8.224   12.442  1.00 34.27 ? 479  LYS B CD  1 
ATOM   913  C CE  . LYS C 1 30 ? -9.874  8.260   11.756  1.00 33.81 ? 479  LYS B CE  1 
ATOM   914  N NZ  . LYS C 1 30 ? -10.953 7.771   12.666  1.00 31.15 ? 479  LYS B NZ  1 
ATOM   915  N N   . SER C 1 31 ? -6.228  12.357  10.356  1.00 16.30 ? 480  SER B N   1 
ATOM   916  C CA  . SER C 1 31 ? -6.593  13.763  10.239  1.00 16.87 ? 480  SER B CA  1 
ATOM   917  C C   . SER C 1 31 ? -5.504  14.650  9.666   1.00 16.48 ? 480  SER B C   1 
ATOM   918  O O   . SER C 1 31 ? -4.327  14.301  9.690   1.00 19.72 ? 480  SER B O   1 
ATOM   919  C CB  . SER C 1 31 ? -6.988  14.312  11.611  1.00 16.51 ? 480  SER B CB  1 
ATOM   920  O OG  . SER C 1 31 ? -8.150  13.668  12.100  1.00 22.77 ? 480  SER B OG  1 
ATOM   921  N N   . LEU C 1 32 ? -5.922  15.802  9.148   1.00 15.41 ? 481  LEU B N   1 
ATOM   922  C CA  . LEU C 1 32 ? -5.010  16.803  8.612   1.00 13.76 ? 481  LEU B CA  1 
ATOM   923  C C   . LEU C 1 32 ? -5.090  17.976  9.583   1.00 12.45 ? 481  LEU B C   1 
ATOM   924  O O   . LEU C 1 32 ? -6.166  18.300  10.085  1.00 15.86 ? 481  LEU B O   1 
ATOM   925  C CB  . LEU C 1 32 ? -5.439  17.257  7.220   1.00 13.79 ? 481  LEU B CB  1 
ATOM   926  C CG  . LEU C 1 32 ? -5.513  16.207  6.105   1.00 13.54 ? 481  LEU B CG  1 
ATOM   927  C CD1 . LEU C 1 32 ? -5.923  16.901  4.827   1.00 15.74 ? 481  LEU B CD1 1 
ATOM   928  C CD2 . LEU C 1 32 ? -4.171  15.514  5.910   1.00 15.47 ? 481  LEU B CD2 1 
ATOM   929  N N   . VAL C 1 33 ? -3.960  18.607  9.862   1.00 7.31  ? 482  VAL B N   1 
ATOM   930  C CA  . VAL C 1 33 ? -3.954  19.725  10.793  1.00 12.85 ? 482  VAL B CA  1 
ATOM   931  C C   . VAL C 1 33 ? -4.196  21.046  10.070  1.00 12.10 ? 482  VAL B C   1 
ATOM   932  O O   . VAL C 1 33 ? -3.647  21.283  9.003   1.00 11.49 ? 482  VAL B O   1 
ATOM   933  C CB  . VAL C 1 33 ? -2.619  19.800  11.561  1.00 13.86 ? 482  VAL B CB  1 
ATOM   934  C CG1 . VAL C 1 33 ? -2.658  20.945  12.565  1.00 19.56 ? 482  VAL B CG1 1 
ATOM   935  C CG2 . VAL C 1 33 ? -2.356  18.480  12.260  1.00 9.69  ? 482  VAL B CG2 1 
ATOM   936  N N   . LEU C 1 34 ? -5.037  21.886  10.660  1.00 16.32 ? 483  LEU B N   1 
ATOM   937  C CA  . LEU C 1 34 ? -5.370  23.197  10.106  1.00 17.29 ? 483  LEU B CA  1 
ATOM   938  C C   . LEU C 1 34 ? -4.086  23.990  9.838   1.00 19.27 ? 483  LEU B C   1 
ATOM   939  O O   . LEU C 1 34 ? -3.198  24.058  10.689  1.00 13.29 ? 483  LEU B O   1 
ATOM   940  C CB  . LEU C 1 34 ? -6.279  23.939  11.096  1.00 22.01 ? 483  LEU B CB  1 
ATOM   941  C CG  . LEU C 1 34 ? -6.949  25.292  10.808  1.00 24.71 ? 483  LEU B CG  1 
ATOM   942  C CD1 . LEU C 1 34 ? -6.163  26.390  11.474  1.00 20.54 ? 483  LEU B CD1 1 
ATOM   943  C CD2 . LEU C 1 34 ? -7.092  25.520  9.313   1.00 16.43 ? 483  LEU B CD2 1 
ATOM   944  N N   . ASP C 1 35 ? -3.845  24.744  8.676   1.00 17.51 ? 484  ASP B N   1 
ATOM   945  C CA  . ASP C 1 35 ? -2.686  25.532  8.250   1.00 24.28 ? 484  ASP B CA  1 
ATOM   946  C C   . ASP C 1 35 ? -1.329  24.825  8.330   1.00 17.99 ? 484  ASP B C   1 
ATOM   947  O O   . ASP C 1 35 ? -0.286  25.475  8.312   1.00 20.63 ? 484  ASP B O   1 
ATOM   948  C CB  . ASP C 1 35 ? -2.621  26.862  9.016   1.00 30.72 ? 484  ASP B CB  1 
ATOM   949  C CG  . ASP C 1 35 ? -3.550  27.920  8.426   1.00 41.39 ? 484  ASP B CG  1 
ATOM   950  O OD1 . ASP C 1 35 ? -3.908  27.790  7.231   1.00 41.13 ? 484  ASP B OD1 1 
ATOM   951  O OD2 . ASP C 1 35 ? -3.908  28.882  9.145   1.00 41.32 ? 484  ASP B OD2 1 
ATOM   952  N N   . GLY C 1 36 ? -1.500  23.300  8.363   1.00 23.03 ? 485  GLY B N   1 
ATOM   953  C CA  . GLY C 1 36 ? -0.258  22.543  8.414   1.00 15.94 ? 485  GLY B CA  1 
ATOM   954  C C   . GLY C 1 36 ? 0.218   22.226  7.007   1.00 12.59 ? 485  GLY B C   1 
ATOM   955  O O   . GLY C 1 36 ? -0.568  22.319  6.071   1.00 14.40 ? 485  GLY B O   1 
ATOM   956  N N   . PRO C 1 37 ? 1.489   21.837  6.818   1.00 17.02 ? 486  PRO B N   1 
ATOM   957  C CA  . PRO C 1 37 ? 2.060   21.511  5.500   1.00 16.28 ? 486  PRO B CA  1 
ATOM   958  C C   . PRO C 1 37 ? 1.194   20.603  4.633   1.00 13.72 ? 486  PRO B C   1 
ATOM   959  O O   . PRO C 1 37 ? 1.004   20.856  3.441   1.00 18.52 ? 486  PRO B O   1 
ATOM   960  C CB  . PRO C 1 37 ? 3.388   20.850  5.856   1.00 15.48 ? 486  PRO B CB  1 
ATOM   961  C CG  . PRO C 1 37 ? 3.775   21.554  7.108   1.00 21.01 ? 486  PRO B CG  1 
ATOM   962  C CD  . PRO C 1 37 ? 2.474   21.586  7.883   1.00 14.51 ? 486  PRO B CD  1 
ATOM   963  N N   . ALA C 1 38 ? 0.610   19.452  5.227   1.00 17.58 ? 487  ALA B N   1 
ATOM   964  C CA  . ALA C 1 38 ? -0.243  18.490  4.543   1.00 16.67 ? 487  ALA B CA  1 
ATOM   965  C C   . ALA C 1 38 ? -1.483  19.159  3.950   1.00 18.10 ? 487  ALA B C   1 
ATOM   966  O O   . ALA C 1 38 ? -1.823  18.944  2.788   1.00 19.30 ? 487  ALA B O   1 
ATOM   967  C CB  . ALA C 1 38 ? -0.657  17.407  5.512   1.00 12.15 ? 487  ALA B CB  1 
ATOM   968  N N   . ALA C 1 39 ? -2.082  20.043  4.777   1.00 21.48 ? 488  ALA B N   1 
ATOM   969  C CA  . ALA C 1 39 ? -3.282  20.740  4.333   1.00 20.95 ? 488  ALA B CA  1 
ATOM   970  C C   . ALA C 1 39 ? -2.987  21.762  3.231   1.00 20.99 ? 488  ALA B C   1 
ATOM   971  O O   . ALA C 1 39 ? -3.645  21.744  2.196   1.00 25.62 ? 488  ALA B O   1 
ATOM   972  C CB  . ALA C 1 39 ? -3.970  21.423  5.526   1.00 17.99 ? 488  ALA B CB  1 
ATOM   973  N N   . LEU C 1 40 ? -1.865  22.753  3.222   1.00 24.39 ? 489  LEU B N   1 
ATOM   974  C CA  . LEU C 1 40 ? -1.533  23.794  2.237   1.00 29.04 ? 489  LEU B CA  1 
ATOM   975  C C   . LEU C 1 40 ? -1.118  23.196  0.895   1.00 24.25 ? 489  LEU B C   1 
ATOM   976  O O   . LEU C 1 40 ? -1.251  23.831  -0.148  1.00 27.96 ? 489  LEU B O   1 
ATOM   977  C CB  . LEU C 1 40 ? -0.386  24.694  2.720   1.00 30.64 ? 489  LEU B CB  1 
ATOM   978  C CG  . LEU C 1 40 ? -0.430  25.548  3.987   1.00 32.45 ? 489  LEU B CG  1 
ATOM   979  C CD1 . LEU C 1 40 ? -1.859  25.822  4.401   1.00 37.84 ? 489  LEU B CD1 1 
ATOM   980  C CD2 . LEU C 1 40 ? 0.313   24.833  5.085   1.00 43.51 ? 489  LEU B CD2 1 
ATOM   981  N N   . ASP C 1 41 ? -0.716  21.796  1.186   1.00 27.06 ? 490  ASP B N   1 
ATOM   982  C CA  . ASP C 1 41 ? -0.278  21.071  0.004   1.00 28.02 ? 490  ASP B CA  1 
ATOM   983  C C   . ASP C 1 41 ? -1.501  20.499  -0.711  1.00 30.44 ? 490  ASP B C   1 
ATOM   984  O O   . ASP C 1 41 ? -1.521  20.374  -1.939  1.00 33.31 ? 490  ASP B O   1 
ATOM   985  C CB  . ASP C 1 41 ? 0.706   19.977  0.429   1.00 34.87 ? 490  ASP B CB  1 
ATOM   986  C CG  . ASP C 1 41 ? 1.129   19.087  -0.716  1.00 34.48 ? 490  ASP B CG  1 
ATOM   987  O OD1 . ASP C 1 41 ? 0.680   17.922  -0.760  1.00 30.39 ? 490  ASP B OD1 1 
ATOM   988  O OD2 . ASP C 1 41 ? 1.908   19.552  -1.571  1.00 39.48 ? 490  ASP B OD2 1 
ATOM   989  N N   . GLY C 1 42 ? -2.551  20.130  -0.012  1.00 30.31 ? 491  GLY B N   1 
ATOM   990  C CA  . GLY C 1 42 ? -3.818  19.618  -0.511  1.00 30.42 ? 491  GLY B CA  1 
ATOM   991  C C   . GLY C 1 42 ? -3.943  18.319  -1.285  1.00 32.75 ? 491  GLY B C   1 
ATOM   992  O O   . GLY C 1 42 ? -4.947  18.112  -1.969  1.00 35.04 ? 491  GLY B O   1 
ATOM   993  N N   . LYS C 1 43 ? -2.911  17.479  -1.170  1.00 28.95 ? 492  LYS B N   1 
ATOM   994  C CA  . LYS C 1 43 ? -3.007  16.245  -1.936  1.00 26.14 ? 492  LYS B CA  1 
ATOM   995  C C   . LYS C 1 43 ? -3.396  15.016  -1.110  1.00 27.30 ? 492  LYS B C   1 
ATOM   996  O O   . LYS C 1 43 ? -3.918  14.045  -1.654  1.00 32.50 ? 492  LYS B O   1 
ATOM   997  C CB  . LYS C 1 43 ? -1.698  16.009  -2.690  1.00 33.21 ? 492  LYS B CB  1 
ATOM   998  C CG  . LYS C 1 43 ? -1.511  16.965  -3.861  1.00 30.47 ? 492  LYS B CG  1 
ATOM   999  C CD  . LYS C 1 43 ? -0.137  16.843  -4.478  1.00 35.47 ? 492  LYS B CD  1 
ATOM   1000 C CE  . LYS C 1 43 ? 0.813   17.907  -3.953  1.00 35.14 ? 492  LYS B CE  1 
ATOM   1001 N NZ  . LYS C 1 43 ? 2.218   17.623  -4.362  1.00 32.80 ? 492  LYS B NZ  1 
ATOM   1002 N N   . MET C 1 44 ? -3.147  15.059  0.196   1.00 24.92 ? 493  MET B N   1 
ATOM   1003 C CA  . MET C 1 44 ? -3.503  13.954  1.084   1.00 25.50 ? 493  MET B CA  1 
ATOM   1004 C C   . MET C 1 44 ? -4.928  14.160  1.578   1.00 23.93 ? 493  MET B C   1 
ATOM   1005 O O   . MET C 1 44 ? -5.403  15.289  1.653   1.00 28.52 ? 493  MET B O   1 
ATOM   1006 C CB  . MET C 1 44 ? -2.620  13.925  2.340   1.00 27.58 ? 493  MET B CB  1 
ATOM   1007 C CG  . MET C 1 44 ? -1.152  13.609  2.168   1.00 30.73 ? 493  MET B CG  1 
ATOM   1008 S SD  . MET C 1 44 ? -0.324  13.376  3.789   1.00 37.62 ? 493  MET B SD  1 
ATOM   1009 C CE  . MET C 1 44 ? -1.683  13.549  4.952   1.00 4.26  ? 493  MET B CE  1 
ATOM   1010 N N   . GLU C 1 45 ? -5.604  13.074  1.926   1.00 23.93 ? 494  GLU B N   1 
ATOM   1011 C CA  . GLU C 1 45 ? -6.945  13.179  2.479   1.00 27.91 ? 494  GLU B CA  1 
ATOM   1012 C C   . GLU C 1 45 ? -7.173  12.055  3.482   1.00 28.62 ? 494  GLU B C   1 
ATOM   1013 O O   . GLU C 1 45 ? -6.551  10.988  3.401   1.00 25.52 ? 494  GLU B O   1 
ATOM   1014 C CB  . GLU C 1 45 ? -8.022  13.161  1.384   1.00 30.87 ? 494  GLU B CB  1 
ATOM   1015 C CG  . GLU C 1 45 ? -8.325  11.824  0.739   1.00 37.68 ? 494  GLU B CG  1 
ATOM   1016 C CD  . GLU C 1 45 ? -9.529  11.907  -0.195  1.00 46.27 ? 494  GLU B CD  1 
ATOM   1017 O OE1 . GLU C 1 45 ? -10.583 11.313  0.127   1.00 50.51 ? 494  GLU B OE1 1 
ATOM   1018 O OE2 . GLU C 1 45 ? -9.428  12.581  -1.247  1.00 45.54 ? 494  GLU B OE2 1 
ATOM   1019 N N   . THR C 1 46 ? -8.049  12.315  4.445   1.00 25.76 ? 495  THR B N   1 
ATOM   1020 C CA  . THR C 1 46 ? -8.367  11.342  5.478   1.00 31.07 ? 495  THR B CA  1 
ATOM   1021 C C   . THR C 1 46 ? -8.665  9.986   4.850   1.00 26.95 ? 495  THR B C   1 
ATOM   1022 O O   . THR C 1 46 ? -9.275  9.917   3.781   1.00 24.99 ? 495  THR B O   1 
ATOM   1023 C CB  . THR C 1 46 ? -9.585  11.801  6.296   1.00 31.56 ? 495  THR B CB  1 
ATOM   1024 O OG1 . THR C 1 46 ? -9.280  13.051  6.927   1.00 43.12 ? 495  THR B OG1 1 
ATOM   1025 C CG2 . THR C 1 46 ? -9.935  10.774  7.366   1.00 34.77 ? 495  THR B CG2 1 
ATOM   1026 N N   . GLY C 1 47 ? -8.425  8.789   5.585   1.00 22.43 ? 496  GLY B N   1 
ATOM   1027 C CA  . GLY C 1 47 ? -8.636  7.446   5.070   1.00 17.84 ? 496  GLY B CA  1 
ATOM   1028 C C   . GLY C 1 47 ? -7.563  6.943   4.112   1.00 19.20 ? 496  GLY B C   1 
ATOM   1029 O O   . GLY C 1 47 ? -7.490  5.740   3.840   1.00 24.29 ? 496  GLY B O   1 
ATOM   1030 N N   . ASP C 1 48 ? -6.547  7.942   3.513   1.00 15.98 ? 497  ASP B N   1 
ATOM   1031 C CA  . ASP C 1 48 ? -5.484  7.528   2.594   1.00 15.98 ? 497  ASP B CA  1 
ATOM   1032 C C   . ASP C 1 48 ? -4.540  6.546   3.287   1.00 17.46 ? 497  ASP B C   1 
ATOM   1033 O O   . ASP C 1 48 ? -4.139  6.770   4.433   1.00 17.88 ? 497  ASP B O   1 
ATOM   1034 C CB  . ASP C 1 48 ? -4.677  8.744   2.122   1.00 17.90 ? 497  ASP B CB  1 
ATOM   1035 C CG  . ASP C 1 48 ? -5.353  9.505   0.985   1.00 20.12 ? 497  ASP B CG  1 
ATOM   1036 O OD1 . ASP C 1 48 ? -6.514  9.197   0.649   1.00 23.29 ? 497  ASP B OD1 1 
ATOM   1037 O OD2 . ASP C 1 48 ? -4.713  10.419  0.426   1.00 18.53 ? 497  ASP B OD2 1 
ATOM   1038 N N   . VAL C 1 49 ? -4.183  5.464   2.599   1.00 16.61 ? 498  VAL B N   1 
ATOM   1039 C CA  . VAL C 1 49 ? -3.273  4.470   3.169   1.00 10.34 ? 498  VAL B CA  1 
ATOM   1040 C C   . VAL C 1 49 ? -1.845  4.868   2.816   1.00 17.79 ? 498  VAL B C   1 
ATOM   1041 O O   . VAL C 1 49 ? -1.569  5.275   1.686   1.00 14.54 ? 498  VAL B O   1 
ATOM   1042 C CB  . VAL C 1 49 ? -3.562  3.048   2.622   1.00 15.01 ? 498  VAL B CB  1 
ATOM   1043 C CG1 . VAL C 1 49 ? -2.525  2.046   3.147   1.00 5.75  ? 498  VAL B CG1 1 
ATOM   1044 C CG2 . VAL C 1 49 ? -4.961  2.600   3.045   1.00 8.42  ? 498  VAL B CG2 1 
ATOM   1045 N N   . ILE C 1 50 ? -0.947  4.777   3.791   1.00 12.75 ? 499  ILE B N   1 
ATOM   1046 C CA  . ILE C 1 50 ? 0.451   5.132   3.576   1.00 11.57 ? 499  ILE B CA  1 
ATOM   1047 C C   . ILE C 1 50 ? 1.185   3.928   3.005   1.00 15.65 ? 499  ILE B C   1 
ATOM   1048 O O   . ILE C 1 50 ? 1.283   2.877   3.647   1.00 16.70 ? 499  ILE B O   1 
ATOM   1049 C CB  . ILE C 1 50 ? 1.119   5.572   4.901   1.00 15.83 ? 499  ILE B CB  1 
ATOM   1050 C CG1 . ILE C 1 50 ? 0.280   6.679   5.548   1.00 19.51 ? 499  ILE B CG1 1 
ATOM   1051 C CG2 . ILE C 1 50 ? 2.531   6.100   4.636   1.00 10.10 ? 499  ILE B CG2 1 
ATOM   1052 C CD1 . ILE C 1 50 ? 0.653   6.965   6.982   1.00 20.12 ? 499  ILE B CD1 1 
ATOM   1053 N N   . VAL C 1 51 ? 1.697   4.087   1.792   1.00 13.63 ? 500  VAL B N   1 
ATOM   1054 C CA  . VAL C 1 51 ? 2.399   3.009   1.116   1.00 16.32 ? 500  VAL B CA  1 
ATOM   1055 C C   . VAL C 1 51 ? 3.908   3.078   1.367   1.00 15.66 ? 500  VAL B C   1 
ATOM   1056 O O   . VAL C 1 51 ? 4.505   2.115   1.853   1.00 15.78 ? 500  VAL B O   1 
ATOM   1057 C CB  . VAL C 1 51 ? 2.112   3.044   -0.408  1.00 15.00 ? 500  VAL B CB  1 
ATOM   1058 C CG1 . VAL C 1 51 ? 2.673   1.799   -1.065  1.00 12.27 ? 500  VAL B CG1 1 
ATOM   1059 C CG2 . VAL C 1 51 ? 0.601   3.139   -0.652  1.00 16.36 ? 500  VAL B CG2 1 
ATOM   1060 N N   . SER C 1 52 ? 4.517   4.218   1.050   1.00 6.49  ? 501  SER B N   1 
ATOM   1061 C CA  . SER C 1 52 ? 5.953   4.398   1.264   1.00 14.68 ? 501  SER B CA  1 
ATOM   1062 C C   . SER C 1 52 ? 6.322   5.805   1.747   1.00 12.81 ? 501  SER B C   1 
ATOM   1063 O O   . SER C 1 52 ? 5.582   6.766   1.531   1.00 11.96 ? 501  SER B O   1 
ATOM   1064 C CB  . SER C 1 52 ? 6.717   4.095   -0.029  1.00 17.25 ? 501  SER B CB  1 
ATOM   1065 O OG  . SER C 1 52 ? 6.330   4.978   -1.066  1.00 18.16 ? 501  SER B OG  1 
ATOM   1066 N N   . VAL C 1 53 ? 7.479   5.902   2.395   1.00 14.48 ? 502  VAL B N   1 
ATOM   1067 C CA  . VAL C 1 53 ? 8.018   7.159   2.912   1.00 14.15 ? 502  VAL B CA  1 
ATOM   1068 C C   . VAL C 1 53 ? 9.479   7.234   2.482   1.00 19.43 ? 502  VAL B C   1 
ATOM   1069 O O   . VAL C 1 53 ? 10.284  6.364   2.828   1.00 15.44 ? 502  VAL B O   1 
ATOM   1070 C CB  . VAL C 1 53 ? 7.970   7.233   4.454   1.00 17.41 ? 502  VAL B CB  1 
ATOM   1071 C CG1 . VAL C 1 53 ? 8.393   8.630   4.909   1.00 17.70 ? 502  VAL B CG1 1 
ATOM   1072 C CG2 . VAL C 1 53 ? 6.568   6.907   4.961   1.00 12.66 ? 502  VAL B CG2 1 
ATOM   1073 N N   . ASN C 1 54 ? 9.913   8.169   1.642   1.00 14.35 ? 503  ASN B N   1 
ATOM   1074 C CA  . ASN C 1 54 ? 11.272  8.403   1.186   1.00 22.11 ? 503  ASN B CA  1 
ATOM   1075 C C   . ASN C 1 54 ? 11.806  7.160   0.502   1.00 22.20 ? 503  ASN B C   1 
ATOM   1076 O O   . ASN C 1 54 ? 12.918  6.704   0.776   1.00 27.68 ? 503  ASN B O   1 
ATOM   1077 C CB  . ASN C 1 54 ? 12.188  8.821   2.338   1.00 22.07 ? 503  ASN B CB  1 
ATOM   1078 C CG  . ASN C 1 54 ? 12.069  10.289  2.647   1.00 22.05 ? 503  ASN B CG  1 
ATOM   1079 O OD1 . ASN C 1 54 ? 11.874  11.103  1.747   1.00 26.30 ? 503  ASN B OD1 1 
ATOM   1080 N ND2 . ASN C 1 54 ? 12.201  10.645  3.917   1.00 25.48 ? 503  ASN B ND2 1 
ATOM   1081 N N   . ASP C 1 55 ? 10.736  6.664   -0.296  1.00 21.10 ? 504  ASP B N   1 
ATOM   1082 C CA  . ASP C 1 55 ? 11.014  5.469   -1.081  1.00 31.83 ? 504  ASP B CA  1 
ATOM   1083 C C   . ASP C 1 55 ? 11.048  4.156   -0.289  1.00 28.15 ? 504  ASP B C   1 
ATOM   1084 O O   . ASP C 1 55 ? 11.287  3.089   -0.850  1.00 32.85 ? 504  ASP B O   1 
ATOM   1085 C CB  . ASP C 1 55 ? 12.329  5.690   -1.844  1.00 37.83 ? 504  ASP B CB  1 
ATOM   1086 C CG  . ASP C 1 55 ? 12.873  4.425   -2.454  1.00 47.26 ? 504  ASP B CG  1 
ATOM   1087 O OD1 . ASP C 1 55 ? 12.207  3.840   -3.335  1.00 45.80 ? 504  ASP B OD1 1 
ATOM   1088 O OD2 . ASP C 1 55 ? 13.979  4.016   -2.043  1.00 55.68 ? 504  ASP B OD2 1 
ATOM   1089 N N   . THR C 1 56 ? 10.790  4.227   1.009   1.00 28.74 ? 505  THR B N   1 
ATOM   1090 C CA  . THR C 1 56 ? 10.796  3.030   1.838   1.00 29.25 ? 505  THR B CA  1 
ATOM   1091 C C   . THR C 1 56 ? 9.380   2.500   2.026   1.00 26.88 ? 505  THR B C   1 
ATOM   1092 O O   . THR C 1 56 ? 8.507   3.219   2.505   1.00 25.06 ? 505  THR B O   1 
ATOM   1093 C CB  . THR C 1 56 ? 11.419  3.329   3.215   1.00 34.19 ? 505  THR B CB  1 
ATOM   1094 O OG1 . THR C 1 56 ? 12.818  3.597   3.050   1.00 28.74 ? 505  THR B OG1 1 
ATOM   1095 C CG2 . THR C 1 56 ? 11.221  2.147   4.166   1.00 28.76 ? 505  THR B CG2 1 
ATOM   1096 N N   . CYS C 1 57 ? 9.143   1.244   1.652   1.00 26.81 ? 506  CYS B N   1 
ATOM   1097 C CA  . CYS C 1 57 ? 7.802   0.704   1.814   1.00 26.01 ? 506  CYS B CA  1 
ATOM   1098 C C   . CYS C 1 57 ? 7.468   0.536   3.302   1.00 22.89 ? 506  CYS B C   1 
ATOM   1099 O O   . CYS C 1 57 ? 8.191   -0.136  4.034   1.00 24.43 ? 506  CYS B O   1 
ATOM   1100 C CB  . CYS C 1 57 ? 7.614   -0.634  1.063   1.00 20.50 ? 506  CYS B CB  1 
ATOM   1101 S SG  . CYS C 1 57 ? 5.896   -1.147  1.376   1.00 38.25 ? 506  CYS B SG  1 
ATOM   1102 N N   . VAL C 1 58 ? 6.258   1.227   3.824   1.00 21.57 ? 507  VAL B N   1 
ATOM   1103 C CA  . VAL C 1 58 ? 5.851   1.210   5.229   1.00 16.58 ? 507  VAL B CA  1 
ATOM   1104 C C   . VAL C 1 58 ? 4.686   0.270   5.507   1.00 17.02 ? 507  VAL B C   1 
ATOM   1105 O O   . VAL C 1 58 ? 4.230   0.156   6.643   1.00 17.42 ? 507  VAL B O   1 
ATOM   1106 C CB  . VAL C 1 58 ? 5.475   2.622   5.737   1.00 16.53 ? 507  VAL B CB  1 
ATOM   1107 C CG1 . VAL C 1 58 ? 6.727   3.479   5.831   1.00 19.14 ? 507  VAL B CG1 1 
ATOM   1108 C CG2 . VAL C 1 58 ? 4.447   3.267   4.810   1.00 12.28 ? 507  VAL B CG2 1 
ATOM   1109 N N   . LEU C 1 59 ? 4.230   -0.560  4.432   1.00 13.59 ? 508  LEU B N   1 
ATOM   1110 C CA  . LEU C 1 59 ? 3.151   -1.528  4.530   1.00 16.87 ? 508  LEU B CA  1 
ATOM   1111 C C   . LEU C 1 59 ? 3.768   -2.731  5.239   1.00 17.03 ? 508  LEU B C   1 
ATOM   1112 O O   . LEU C 1 59 ? 4.610   -3.427  4.679   1.00 19.87 ? 508  LEU B O   1 
ATOM   1113 C CB  . LEU C 1 59 ? 2.659   -1.921  3.132   1.00 11.98 ? 508  LEU B CB  1 
ATOM   1114 C CG  . LEU C 1 59 ? 1.967   -0.805  2.344   1.00 7.27  ? 508  LEU B CG  1 
ATOM   1115 C CD1 . LEU C 1 59 ? 1.724   -1.264  0.931   1.00 14.57 ? 508  LEU B CD1 1 
ATOM   1116 C CD2 . LEU C 1 59 ? 0.658   -0.415  3.020   1.00 7.65  ? 508  LEU B CD2 1 
ATOM   1117 N N   . GLY C 1 60 ? 3.552   -2.900  6.418   1.00 20.52 ? 509  GLY B N   1 
ATOM   1118 C CA  . GLY C 1 60 ? 4.147   -3.985  7.172   1.00 19.06 ? 509  GLY B CA  1 
ATOM   1119 C C   . GLY C 1 60 ? 4.877   -3.478  8.404   1.00 23.20 ? 509  GLY B C   1 
ATOM   1120 O O   . GLY C 1 60 ? 5.358   -4.267  9.218   1.00 26.48 ? 509  GLY B O   1 
ATOM   1121 N N   . HIS C 1 61 ? 4.977   -2.160  8.540   1.00 17.12 ? 510  HIS B N   1 
ATOM   1122 C CA  . HIS C 1 61 ? 5.632   -1.581  9.700   1.00 15.54 ? 510  HIS B CA  1 
ATOM   1123 C C   . HIS C 1 61 ? 4.577   -1.222  10.725  1.00 17.63 ? 510  HIS B C   1 
ATOM   1124 O O   . HIS C 1 61 ? 3.435   -0.920  10.375  1.00 18.91 ? 510  HIS B O   1 
ATOM   1125 C CB  . HIS C 1 61 ? 6.397   -0.311  9.337   1.00 25.94 ? 510  HIS B CB  1 
ATOM   1126 C CG  . HIS C 1 61 ? 7.522   -0.536  8.382   1.00 24.56 ? 510  HIS B CG  1 
ATOM   1127 N ND1 . HIS C 1 61 ? 8.461   0.433   8.105   1.00 31.77 ? 510  HIS B ND1 1 
ATOM   1128 C CD2 . HIS C 1 61 ? 7.851   -1.609  7.627   1.00 27.77 ? 510  HIS B CD2 1 
ATOM   1129 C CE1 . HIS C 1 61 ? 9.322   -0.036  7.219   1.00 34.47 ? 510  HIS B CE1 1 
ATOM   1130 N NE2 . HIS C 1 61 ? 8.974   -1.272  6.913   1.00 30.60 ? 510  HIS B NE2 1 
ATOM   1131 N N   . THR C 1 62 ? 4.970   -1.247  11.992  1.00 18.25 ? 511  THR B N   1 
ATOM   1132 C CA  . THR C 1 62 ? 4.060   -0.913  13.070  1.00 15.24 ? 511  THR B CA  1 
ATOM   1133 C C   . THR C 1 62 ? 3.899   0.584   13.135  1.00 14.74 ? 511  THR B C   1 
ATOM   1134 O O   . THR C 1 62 ? 4.740   1.337   12.650  1.00 15.10 ? 511  THR B O   1 
ATOM   1135 C CB  . THR C 1 62 ? 4.583   -1.375  14.438  1.00 9.92  ? 511  THR B CB  1 
ATOM   1136 O OG1 . THR C 1 62 ? 5.848   -0.752  14.696  1.00 14.50 ? 511  THR B OG1 1 
ATOM   1137 C CG2 . THR C 1 62 ? 4.732   -2.887  14.469  1.00 17.34 ? 511  THR B CG2 1 
ATOM   1138 N N   . HIS C 1 63 ? 2.797   0.990   13.744  1.00 17.63 ? 512  HIS B N   1 
ATOM   1139 C CA  . HIS C 1 63 ? 2.442   2.384   13.950  1.00 17.02 ? 512  HIS B CA  1 
ATOM   1140 C C   . HIS C 1 63 ? 3.627   3.085   14.626  1.00 17.34 ? 512  HIS B C   1 
ATOM   1141 O O   . HIS C 1 63 ? 3.944   4.231   14.316  1.00 13.70 ? 512  HIS B O   1 
ATOM   1142 C CB  . HIS C 1 63 ? 1.191   2.401   14.835  1.00 22.25 ? 512  HIS B CB  1 
ATOM   1143 C CG  . HIS C 1 63 ? 0.771   3.752   15.314  1.00 26.19 ? 512  HIS B CG  1 
ATOM   1144 N ND1 . HIS C 1 63 ? -0.343  4.403   14.835  1.00 27.59 ? 512  HIS B ND1 1 
ATOM   1145 C CD2 . HIS C 1 63 ? 1.258   4.536   16.312  1.00 26.00 ? 512  HIS B CD2 1 
ATOM   1146 C CE1 . HIS C 1 63 ? -0.534  5.520   15.515  1.00 29.05 ? 512  HIS B CE1 1 
ATOM   1147 N NE2 . HIS C 1 63 ? 0.428   5.619   16.419  1.00 26.17 ? 512  HIS B NE2 1 
ATOM   1148 N N   . ALA C 1 64 ? 4.295   2.379   15.534  1.00 19.51 ? 513  ALA B N   1 
ATOM   1149 C CA  . ALA C 1 64 ? 5.435   2.938   16.256  1.00 19.52 ? 513  ALA B CA  1 
ATOM   1150 C C   . ALA C 1 64 ? 6.623   3.225   15.341  1.00 19.04 ? 513  ALA B C   1 
ATOM   1151 O O   . ALA C 1 64 ? 7.203   4.309   15.385  1.00 20.40 ? 513  ALA B O   1 
ATOM   1152 C CB  . ALA C 1 64 ? 5.854   1.992   17.379  1.00 24.48 ? 513  ALA B CB  1 
ATOM   1153 N N   . GLN C 1 65 ? 7.120   2.328   14.421  1.00 13.40 ? 514  GLN B N   1 
ATOM   1154 C CA  . GLN C 1 65 ? 8.243   2.463   13.498  1.00 12.37 ? 514  GLN B CA  1 
ATOM   1155 C C   . GLN C 1 65 ? 8.077   3.658   12.565  1.00 10.36 ? 514  GLN B C   1 
ATOM   1156 O O   . GLN C 1 65 ? 9.038   4.369   12.308  1.00 12.71 ? 514  GLN B O   1 
ATOM   1157 C CB  . GLN C 1 65 ? 8.386   1.205   12.647  1.00 14.31 ? 514  GLN B CB  1 
ATOM   1158 C CG  . GLN C 1 65 ? 8.842   -0.018  13.417  1.00 30.89 ? 514  GLN B CG  1 
ATOM   1159 C CD  . GLN C 1 65 ? 8.346   -1.305  12.800  1.00 25.45 ? 514  GLN B CD  1 
ATOM   1160 O OE1 . GLN C 1 65 ? 8.384   -1.485  11.586  1.00 31.72 ? 514  GLN B OE1 1 
ATOM   1161 N NE2 . GLN C 1 65 ? 7.880   -2.212  13.640  1.00 41.77 ? 514  GLN B NE2 1 
ATOM   1162 N N   . VAL C 1 66 ? 6.650   3.716   12.116  1.00 7.05  ? 515  VAL B N   1 
ATOM   1163 C CA  . VAL C 1 66 ? 6.357   4.789   11.171  1.00 12.54 ? 515  VAL B CA  1 
ATOM   1164 C C   . VAL C 1 66 ? 6.431   6.159   11.837  1.00 15.46 ? 515  VAL B C   1 
ATOM   1165 O O   . VAL C 1 66 ? 6.913   7.124   11.239  1.00 15.25 ? 515  VAL B O   1 
ATOM   1166 C CB  . VAL C 1 66 ? 4.966   4.606   10.512  1.00 15.00 ? 515  VAL B CB  1 
ATOM   1167 C CG1 . VAL C 1 66 ? 3.876   4.662   11.561  1.00 16.05 ? 515  VAL B CG1 1 
ATOM   1168 C CG2 . VAL C 1 66 ? 4.744   5.685   9.457   1.00 8.24  ? 515  VAL B CG2 1 
ATOM   1169 N N   . VAL C 1 67 ? 5.944   6.253   13.069  1.00 15.80 ? 516  VAL B N   1 
ATOM   1170 C CA  . VAL C 1 67 ? 6.009   7.518   13.790  1.00 15.38 ? 516  VAL B CA  1 
ATOM   1171 C C   . VAL C 1 67 ? 7.486   7.882   13.920  1.00 12.64 ? 516  VAL B C   1 
ATOM   1172 O O   . VAL C 1 67 ? 7.874   9.036   13.734  1.00 12.02 ? 516  VAL B O   1 
ATOM   1173 C CB  . VAL C 1 67 ? 5.395   7.403   15.204  1.00 14.68 ? 516  VAL B CB  1 
ATOM   1174 C CG1 . VAL C 1 67 ? 5.750   8.647   16.034  1.00 16.73 ? 516  VAL B CG1 1 
ATOM   1175 C CG2 . VAL C 1 67 ? 3.880   7.252   15.099  1.00 17.63 ? 516  VAL B CG2 1 
ATOM   1176 N N   . LYS C 1 68 ? 8.305   6.876   14.221  1.00 10.62 ? 517  LYS B N   1 
ATOM   1177 C CA  . LYS C 1 68 ? 9.739   7.071   14.397  1.00 16.62 ? 517  LYS B CA  1 
ATOM   1178 C C   . LYS C 1 68 ? 10.432  7.594   13.158  1.00 12.61 ? 517  LYS B C   1 
ATOM   1179 O O   . LYS C 1 68 ? 11.333  8.427   13.253  1.00 10.92 ? 517  LYS B O   1 
ATOM   1180 C CB  . LYS C 1 68 ? 10.412  5.767   14.846  1.00 19.34 ? 517  LYS B CB  1 
ATOM   1181 C CG  . LYS C 1 68 ? 10.542  5.627   16.361  1.00 26.55 ? 517  LYS B CG  1 
ATOM   1182 C CD  . LYS C 1 68 ? 10.329  4.193   16.814  1.00 34.85 ? 517  LYS B CD  1 
ATOM   1183 C CE  . LYS C 1 68 ? 11.432  3.262   16.329  1.00 43.25 ? 517  LYS B CE  1 
ATOM   1184 N NZ  . LYS C 1 68 ? 10.983  1.836   16.333  1.00 38.67 ? 517  LYS B NZ  1 
ATOM   1185 N N   . ILE C 1 69 ? 10.035  7.128   11.986  1.00 9.26  ? 518  ILE B N   1 
ATOM   1186 C CA  . ILE C 1 69 ? 10.713  7.636   10.817  1.00 14.27 ? 518  ILE B CA  1 
ATOM   1187 C C   . ILE C 1 69 ? 10.211  9.046   10.494  1.00 15.11 ? 518  ILE B C   1 
ATOM   1188 O O   . ILE C 1 69 ? 10.960  9.852   9.948   1.00 14.21 ? 518  ILE B O   1 
ATOM   1189 C CB  . ILE C 1 69 ? 10.623  6.637   9.613   1.00 18.26 ? 518  ILE B CB  1 
ATOM   1190 C CG1 . ILE C 1 69 ? 9.516   7.024   8.647   1.00 14.56 ? 518  ILE B CG1 1 
ATOM   1191 C CG2 . ILE C 1 69 ? 10.467  5.228   10.129  1.00 23.03 ? 518  ILE B CG2 1 
ATOM   1192 C CD1 . ILE C 1 69 ? 10.077  7.616   7.387   1.00 17.98 ? 518  ILE B CD1 1 
ATOM   1193 N N   . PHE C 1 70 ? 8.971   9.369   10.861  1.00 10.66 ? 519  PHE B N   1 
ATOM   1194 C CA  . PHE C 1 70 ? 8.484   10.724  10.619  1.00 12.75 ? 519  PHE B CA  1 
ATOM   1195 C C   . PHE C 1 70 ? 9.134   11.730  11.577  1.00 8.55  ? 519  PHE B C   1 
ATOM   1196 O O   . PHE C 1 70 ? 9.471   12.841  11.173  1.00 14.09 ? 519  PHE B O   1 
ATOM   1197 C CB  . PHE C 1 70 ? 6.958   10.811  10.749  1.00 6.52  ? 519  PHE B CB  1 
ATOM   1198 C CG  . PHE C 1 70 ? 6.223   10.336  9.539   1.00 14.45 ? 519  PHE B CG  1 
ATOM   1199 C CD1 . PHE C 1 70 ? 6.592   10.782  8.270   1.00 16.50 ? 519  PHE B CD1 1 
ATOM   1200 C CD2 . PHE C 1 70 ? 5.172   9.434   9.655   1.00 18.03 ? 519  PHE B CD2 1 
ATOM   1201 C CE1 . PHE C 1 70 ? 5.925   10.327  7.134   1.00 19.11 ? 519  PHE B CE1 1 
ATOM   1202 C CE2 . PHE C 1 70 ? 4.497   8.972   8.520   1.00 16.88 ? 519  PHE B CE2 1 
ATOM   1203 C CZ  . PHE C 1 70 ? 4.874   9.419   7.259   1.00 18.06 ? 519  PHE B CZ  1 
ATOM   1204 N N   . GLN C 1 71 ? 9.302   11.349  12.842  1.00 12.54 ? 520  GLN B N   1 
ATOM   1205 C CA  . GLN C 1 71 ? 9.916   12.232  13.844  1.00 14.77 ? 520  GLN B CA  1 
ATOM   1206 C C   . GLN C 1 71 ? 11.436  12.292  13.675  1.00 13.66 ? 520  GLN B C   1 
ATOM   1207 O O   . GLN C 1 71 ? 12.112  13.128  14.277  1.00 10.20 ? 520  GLN B O   1 
ATOM   1208 C CB  . GLN C 1 71 ? 9.635   11.735  15.260  1.00 19.37 ? 520  GLN B CB  1 
ATOM   1209 C CG  . GLN C 1 71 ? 8.182   11.515  15.612  1.00 23.84 ? 520  GLN B CG  1 
ATOM   1210 C CD  . GLN C 1 71 ? 8.034   10.995  17.029  1.00 25.64 ? 520  GLN B CD  1 
ATOM   1211 O OE1 . GLN C 1 71 ? 8.809   10.141  17.469  1.00 25.81 ? 520  GLN B OE1 1 
ATOM   1212 N NE2 . GLN C 1 71 ? 7.033   11.490  17.746  1.00 19.17 ? 520  GLN B NE2 1 
ATOM   1213 N N   . SER C 1 72 ? 11.967  11.380  12.874  1.00 14.12 ? 521  SER B N   1 
ATOM   1214 C CA  . SER C 1 72 ? 13.393  11.312  12.633  1.00 14.47 ? 521  SER B CA  1 
ATOM   1215 C C   . SER C 1 72 ? 13.818  12.257  11.516  1.00 17.73 ? 521  SER B C   1 
ATOM   1216 O O   . SER C 1 72 ? 15.005  12.387  11.228  1.00 13.84 ? 521  SER B O   1 
ATOM   1217 C CB  . SER C 1 72 ? 13.783  9.878   12.291  1.00 21.00 ? 521  SER B CB  1 
ATOM   1218 O OG  . SER C 1 72 ? 15.128  9.808   11.868  1.00 42.38 ? 521  SER B OG  1 
ATOM   1219 N N   . ILE C 1 73 ? 12.849  12.911  10.880  1.00 11.52 ? 522  ILE B N   1 
ATOM   1220 C CA  . ILE C 1 73 ? 13.173  13.850  9.814   1.00 13.63 ? 522  ILE B CA  1 
ATOM   1221 C C   . ILE C 1 73 ? 13.433  15.227  10.439  1.00 14.16 ? 522  ILE B C   1 
ATOM   1222 O O   . ILE C 1 73 ? 12.596  15.752  11.176  1.00 13.31 ? 522  ILE B O   1 
ATOM   1223 C CB  . ILE C 1 73 ? 12.029  13.934  8.783   1.00 14.97 ? 522  ILE B CB  1 
ATOM   1224 C CG1 . ILE C 1 73 ? 11.750  12.535  8.218   1.00 19.11 ? 522  ILE B CG1 1 
ATOM   1225 C CG2 . ILE C 1 73 ? 12.405  14.895  7.666   1.00 10.35 ? 522  ILE B CG2 1 
ATOM   1226 C CD1 . ILE C 1 73 ? 10.560  12.460  7.286   1.00 24.94 ? 522  ILE B CD1 1 
ATOM   1227 N N   . PRO C 1 74 ? 14.612  15.814  10.166  1.00 15.83 ? 523  PRO B N   1 
ATOM   1228 C CA  . PRO C 1 74 ? 15.041  17.124  10.678  1.00 13.74 ? 523  PRO B CA  1 
ATOM   1229 C C   . PRO C 1 74 ? 14.184  18.272  10.152  1.00 12.22 ? 523  PRO B C   1 
ATOM   1230 O O   . PRO C 1 74 ? 13.702  18.213  9.019   1.00 15.95 ? 523  PRO B O   1 
ATOM   1231 C CB  . PRO C 1 74 ? 16.486  17.237  10.180  1.00 16.70 ? 523  PRO B CB  1 
ATOM   1232 C CG  . PRO C 1 74 ? 16.906  15.808  9.943   1.00 19.25 ? 523  PRO B CG  1 
ATOM   1233 C CD  . PRO C 1 74 ? 15.671  15.208  9.339   1.00 11.86 ? 523  PRO B CD  1 
ATOM   1234 N N   . ILE C 1 75 ? 13.999  19.313  10.962  1.00 12.57 ? 524  ILE B N   1 
ATOM   1235 C CA  . ILE C 1 75 ? 13.204  20.464  10.530  1.00 12.74 ? 524  ILE B CA  1 
ATOM   1236 C C   . ILE C 1 75 ? 13.774  21.013  9.226   1.00 14.70 ? 524  ILE B C   1 
ATOM   1237 O O   . ILE C 1 75 ? 14.993  21.079  9.049   1.00 14.29 ? 524  ILE B O   1 
ATOM   1238 C CB  . ILE C 1 75 ? 13.220  21.613  11.564  1.00 15.31 ? 524  ILE B CB  1 
ATOM   1239 C CG1 . ILE C 1 75 ? 12.609  21.151  12.891  1.00 12.50 ? 524  ILE B CG1 1 
ATOM   1240 C CG2 . ILE C 1 75 ? 12.473  22.825  11.000  1.00 15.50 ? 524  ILE B CG2 1 
ATOM   1241 C CD1 . ILE C 1 75 ? 12.456  22.247  13.927  1.00 24.93 ? 524  ILE B CD1 1 
ATOM   1242 N N   . GLY C 1 76 ? 12.898  21.397  8.308   1.00 14.39 ? 525  GLY B N   1 
ATOM   1243 C CA  . GLY C 1 76 ? 13.369  21.943  7.044   1.00 10.88 ? 525  GLY B CA  1 
ATOM   1244 C C   . GLY C 1 76 ? 13.640  20.917  5.961   1.00 9.21  ? 525  GLY B C   1 
ATOM   1245 O O   . GLY C 1 76 ? 13.709  21.264  4.786   1.00 17.23 ? 525  GLY B O   1 
ATOM   1246 N N   . ALA C 1 77 ? 13.928  19.540  6.370   1.00 15.56 ? 526  ALA B N   1 
ATOM   1247 C CA  . ALA C 1 77 ? 14.160  18.503  5.374   1.00 17.02 ? 526  ALA B CA  1 
ATOM   1248 C C   . ALA C 1 77 ? 12.783  18.080  4.872   1.00 22.84 ? 526  ALA B C   1 
ATOM   1249 O O   . ALA C 1 77 ? 11.775  18.363  5.523   1.00 24.57 ? 526  ALA B O   1 
ATOM   1250 C CB  . ALA C 1 77 ? 14.897  17.324  5.988   1.00 13.56 ? 526  ALA B CB  1 
ATOM   1251 N N   . SER C 1 78 ? 12.619  17.541  3.686   1.00 22.87 ? 527  SER B N   1 
ATOM   1252 C CA  . SER C 1 78 ? 11.346  17.108  3.124   1.00 21.93 ? 527  SER B CA  1 
ATOM   1253 C C   . SER C 1 78 ? 11.201  15.595  3.013   1.00 22.54 ? 527  SER B C   1 
ATOM   1254 O O   . SER C 1 78 ? 12.181  14.861  2.948   1.00 23.78 ? 527  SER B O   1 
ATOM   1255 C CB  . SER C 1 78 ? 11.130  17.745  1.751   1.00 27.65 ? 527  SER B CB  1 
ATOM   1256 O OG  . SER C 1 78 ? 10.835  19.127  1.876   1.00 32.11 ? 527  SER B OG  1 
ATOM   1257 N N   . VAL C 1 79 ? 9.957   15.138  2.981   1.00 23.35 ? 528  VAL B N   1 
ATOM   1258 C CA  . VAL C 1 79 ? 9.670   13.714  2.886   1.00 24.92 ? 528  VAL B CA  1 
ATOM   1259 C C   . VAL C 1 79 ? 8.800   13.408  1.670   1.00 20.06 ? 528  VAL B C   1 
ATOM   1260 O O   . VAL C 1 79 ? 7.880   14.164  1.353   1.00 19.35 ? 528  VAL B O   1 
ATOM   1261 C CB  . VAL C 1 79 ? 8.941   13.217  4.157   1.00 18.10 ? 528  VAL B CB  1 
ATOM   1262 C CG1 . VAL C 1 79 ? 7.595   13.920  4.298   1.00 14.01 ? 528  VAL B CG1 1 
ATOM   1263 C CG2 . VAL C 1 79 ? 8.748   11.729  4.093   1.00 28.15 ? 528  VAL B CG2 1 
ATOM   1264 N N   . ASP C 1 80 ? 9.110   12.306  0.986   1.00 19.32 ? 529  ASP B N   1 
ATOM   1265 C CA  . ASP C 1 80 ? 8.346   11.872  -0.177  1.00 24.08 ? 529  ASP B CA  1 
ATOM   1266 C C   . ASP C 1 80 ? 7.359   10.818  0.285   1.00 24.80 ? 529  ASP B C   1 
ATOM   1267 O O   . ASP C 1 80 ? 7.748   9.807   0.865   1.00 25.77 ? 529  ASP B O   1 
ATOM   1268 C CB  . ASP C 1 80 ? 9.263   11.266  -1.238  1.00 33.50 ? 529  ASP B CB  1 
ATOM   1269 C CG  . ASP C 1 80 ? 9.929   12.318  -2.102  1.00 41.25 ? 529  ASP B CG  1 
ATOM   1270 O OD1 . ASP C 1 80 ? 9.237   12.909  -2.959  1.00 45.18 ? 529  ASP B OD1 1 
ATOM   1271 O OD2 . ASP C 1 80 ? 11.142  12.561  -1.922  1.00 47.69 ? 529  ASP B OD2 1 
ATOM   1272 N N   . LEU C 1 81 ? 6.079   11.059  0.032   1.00 22.25 ? 530  LEU B N   1 
ATOM   1273 C CA  . LEU C 1 81 ? 5.045   10.121  0.432   1.00 22.33 ? 530  LEU B CA  1 
ATOM   1274 C C   . LEU C 1 81 ? 4.287   9.555   -0.753  1.00 21.86 ? 530  LEU B C   1 
ATOM   1275 O O   . LEU C 1 81 ? 4.053   10.235  -1.750  1.00 25.07 ? 530  LEU B O   1 
ATOM   1276 C CB  . LEU C 1 81 ? 4.045   10.799  1.370   1.00 23.91 ? 530  LEU B CB  1 
ATOM   1277 C CG  . LEU C 1 81 ? 4.464   11.261  2.770   1.00 28.66 ? 530  LEU B CG  1 
ATOM   1278 C CD1 . LEU C 1 81 ? 3.261   11.906  3.437   1.00 29.28 ? 530  LEU B CD1 1 
ATOM   1279 C CD2 . LEU C 1 81 ? 4.948   10.095  3.610   1.00 23.92 ? 530  LEU B CD2 1 
ATOM   1280 N N   . GLU C 1 82 ? 3.910   8.293   -0.630  1.00 20.05 ? 531  GLU B N   1 
ATOM   1281 C CA  . GLU C 1 82 ? 3.125   7.613   -1.648  1.00 23.55 ? 531  GLU B CA  1 
ATOM   1282 C C   . GLU C 1 82 ? 1.932   7.123   -0.843  1.00 16.53 ? 531  GLU B C   1 
ATOM   1283 O O   . GLU C 1 82 ? 2.106   6.463   0.180   1.00 16.10 ? 531  GLU B O   1 
ATOM   1284 C CB  . GLU C 1 82 ? 3.896   6.432   -2.235  1.00 26.64 ? 531  GLU B CB  1 
ATOM   1285 C CG  . GLU C 1 82 ? 3.676   6.214   -3.729  1.00 44.79 ? 531  GLU B CG  1 
ATOM   1286 C CD  . GLU C 1 82 ? 2.727   5.078   -4.047  1.00 50.10 ? 531  GLU B CD  1 
ATOM   1287 O OE1 . GLU C 1 82 ? 1.503   5.316   -4.132  1.00 59.58 ? 531  GLU B OE1 1 
ATOM   1288 O OE2 . GLU C 1 82 ? 3.212   3.941   -4.208  1.00 54.44 ? 531  GLU B OE2 1 
ATOM   1289 N N   . LEU C 1 83 ? 0.734   7.478   -1.289  1.00 15.91 ? 532  LEU B N   1 
ATOM   1290 C CA  . LEU C 1 83 ? -0.499  7.096   -0.607  1.00 25.04 ? 532  LEU B CA  1 
ATOM   1291 C C   . LEU C 1 83 ? -1.468  6.440   -1.596  1.00 25.81 ? 532  LEU B C   1 
ATOM   1292 O O   . LEU C 1 83 ? -1.421  6.733   -2.787  1.00 29.10 ? 532  LEU B O   1 
ATOM   1293 C CB  . LEU C 1 83 ? -1.151  8.339   0.004   1.00 23.37 ? 532  LEU B CB  1 
ATOM   1294 C CG  . LEU C 1 83 ? -0.237  9.354   0.702   1.00 31.19 ? 532  LEU B CG  1 
ATOM   1295 C CD1 . LEU C 1 83 ? -0.994  10.650  0.876   1.00 28.08 ? 532  LEU B CD1 1 
ATOM   1296 C CD2 . LEU C 1 83 ? 0.240   8.821   2.038   1.00 22.81 ? 532  LEU B CD2 1 
ATOM   1297 N N   . CYS C 1 84 ? -2.347  5.571   -1.090  1.00 30.44 ? 533  CYS B N   1 
ATOM   1298 C CA  . CYS C 1 84 ? -3.340  4.837   -1.899  1.00 31.38 ? 533  CYS B CA  1 
ATOM   1299 C C   . CYS C 1 84 ? -4.748  5.116   -1.407  1.00 32.45 ? 533  CYS B C   1 
ATOM   1300 O O   . CYS C 1 84 ? -5.031  4.994   -0.214  1.00 26.04 ? 533  CYS B O   1 
ATOM   1301 C CB  . CYS C 1 84 ? -3.120  3.334   -1.753  1.00 28.83 ? 533  CYS B CB  1 
ATOM   1302 S SG  . CYS C 1 84 ? -3.893  2.101   -2.879  1.00 43.58 ? 533  CYS B SG  1 
ATOM   1303 N N   . ARG C 1 85 ? -5.629  5.478   -2.329  1.00 35.42 ? 534  ARG B N   1 
ATOM   1304 C CA  . ARG C 1 85 ? -7.025  5.713   -2.000  1.00 40.02 ? 534  ARG B CA  1 
ATOM   1305 C C   . ARG C 1 85 ? -7.856  5.398   -3.235  1.00 44.70 ? 534  ARG B C   1 
ATOM   1306 O O   . ARG C 1 85 ? -7.329  5.366   -4.348  1.00 40.96 ? 534  ARG B O   1 
ATOM   1307 C CB  . ARG C 1 85 ? -7.267  7.158   -1.547  1.00 39.61 ? 534  ARG B CB  1 
ATOM   1308 C CG  . ARG C 1 85 ? -7.363  8.223   -2.638  1.00 47.96 ? 534  ARG B CG  1 
ATOM   1309 C CD  . ARG C 1 85 ? -8.283  9.341   -2.139  1.00 49.67 ? 534  ARG B CD  1 
ATOM   1310 N NE  . ARG C 1 85 ? -8.102  10.633  -2.802  1.00 56.93 ? 534  ARG B NE  1 
ATOM   1311 C CZ  . ARG C 1 85 ? -7.241  11.571  -2.412  1.00 57.62 ? 534  ARG B CZ  1 
ATOM   1312 N NH1 . ARG C 1 85 ? -7.158  12.714  -3.079  1.00 60.00 ? 534  ARG B NH1 1 
ATOM   1313 N NH2 . ARG C 1 85 ? -6.460  11.373  -1.356  1.00 57.57 ? 534  ARG B NH2 1 
ATOM   1314 O OXT . ARG C 1 85 ? -9.078  5.210   -3.059  1.00 25.43 ? 534  ARG B OXT 1 
ATOM   1315 N N   . ARG D 2 1  ? -12.458 4.668   18.204  1.00 41.84 ? 2000 ARG D N   1 
ATOM   1316 C CA  . ARG D 2 1  ? -11.175 5.147   18.657  1.00 40.28 ? 2000 ARG D CA  1 
ATOM   1317 C C   . ARG D 2 1  ? -10.220 4.014   19.046  1.00 42.63 ? 2000 ARG D C   1 
ATOM   1318 O O   . ARG D 2 1  ? -10.333 3.286   20.040  1.00 51.35 ? 2000 ARG D O   1 
ATOM   1319 C CB  . ARG D 2 1  ? -11.374 6.128   19.809  1.00 38.98 ? 2000 ARG D CB  1 
ATOM   1320 N N   . ARG D 2 2  ? -9.256  3.980   18.085  1.00 34.00 ? 2001 ARG D N   1 
ATOM   1321 C CA  . ARG D 2 2  ? -7.973  3.275   17.805  1.00 26.49 ? 2001 ARG D CA  1 
ATOM   1322 C C   . ARG D 2 2  ? -6.868  4.343   18.160  1.00 25.72 ? 2001 ARG D C   1 
ATOM   1323 O O   . ARG D 2 2  ? -7.222  5.524   18.283  1.00 24.91 ? 2001 ARG D O   1 
ATOM   1324 C CB  . ARG D 2 2  ? -7.751  3.105   16.283  1.00 30.29 ? 2001 ARG D CB  1 
ATOM   1325 C CG  . ARG D 2 2  ? -7.585  1.725   15.682  1.00 33.22 ? 2001 ARG D CG  1 
ATOM   1326 C CD  . ARG D 2 2  ? -8.197  1.770   14.286  1.00 36.65 ? 2001 ARG D CD  1 
ATOM   1327 N NE  . ARG D 2 2  ? -7.286  1.471   13.173  1.00 44.75 ? 2001 ARG D NE  1 
ATOM   1328 C CZ  . ARG D 2 2  ? -7.375  1.994   11.958  1.00 48.56 ? 2001 ARG D CZ  1 
ATOM   1329 N NH1 . ARG D 2 2  ? -8.334  2.873   11.673  1.00 46.17 ? 2001 ARG D NH1 1 
ATOM   1330 N NH2 . ARG D 2 2  ? -6.485  1.650   11.029  1.00 51.10 ? 2001 ARG D NH2 1 
ATOM   1331 N N   . ARG D 2 3  ? -5.522  4.056   18.299  1.00 22.44 ? 2002 ARG D N   1 
ATOM   1332 C CA  . ARG D 2 3  ? -4.434  5.081   18.552  1.00 21.47 ? 2002 ARG D CA  1 
ATOM   1333 C C   . ARG D 2 3  ? -4.139  5.869   17.282  1.00 16.46 ? 2002 ARG D C   1 
ATOM   1334 O O   . ARG D 2 3  ? -3.938  5.312   16.206  1.00 15.89 ? 2002 ARG D O   1 
ATOM   1335 C CB  . ARG D 2 3  ? -3.141  4.430   19.088  1.00 20.53 ? 2002 ARG D CB  1 
ATOM   1336 C CG  . ARG D 2 3  ? -1.909  5.320   19.234  1.00 26.63 ? 2002 ARG D CG  1 
ATOM   1337 C CD  . ARG D 2 3  ? -0.810  4.644   20.057  1.00 34.04 ? 2002 ARG D CD  1 
ATOM   1338 N NE  . ARG D 2 3  ? -0.987  4.822   21.489  1.00 40.65 ? 2002 ARG D NE  1 
ATOM   1339 C CZ  . ARG D 2 3  ? -0.798  5.963   22.149  1.00 44.42 ? 2002 ARG D CZ  1 
ATOM   1340 N NH1 . ARG D 2 3  ? -0.413  7.053   21.498  1.00 45.24 ? 2002 ARG D NH1 1 
ATOM   1341 N NH2 . ARG D 2 3  ? -0.995  6.019   23.461  1.00 39.67 ? 2002 ARG D NH2 1 
ATOM   1342 N N   . GLU D 2 4  ? -4.123  7.153   17.453  1.00 13.75 ? 2003 GLU D N   1 
ATOM   1343 C CA  . GLU D 2 4  ? -3.981  8.236   16.477  1.00 14.01 ? 2003 GLU D CA  1 
ATOM   1344 C C   . GLU D 2 4  ? -2.799  9.115   16.882  1.00 21.65 ? 2003 GLU D C   1 
ATOM   1345 O O   . GLU D 2 4  ? -2.825  9.754   17.938  1.00 17.43 ? 2003 GLU D O   1 
ATOM   1346 C CB  . GLU D 2 4  ? -5.258  9.083   16.446  1.00 16.41 ? 2003 GLU D CB  1 
ATOM   1347 C CG  . GLU D 2 4  ? -5.364  10.022  15.255  1.00 23.22 ? 2003 GLU D CG  1 
ATOM   1348 C CD  . GLU D 2 4  ? -6.465  11.050  15.419  1.00 27.46 ? 2003 GLU D CD  1 
ATOM   1349 O OE1 . GLU D 2 4  ? -7.471  10.753  16.103  1.00 22.80 ? 2003 GLU D OE1 1 
ATOM   1350 O OE2 . GLU D 2 4  ? -6.329  12.156  14.851  1.00 30.91 ? 2003 GLU D OE2 1 
ATOM   1351 N N   . THR D 2 5  ? -1.847  9.097   16.461  1.00 17.60 ? 2004 THR D N   1 
ATOM   1352 C CA  . THR D 2 5  ? -0.603  9.834   16.634  1.00 16.50 ? 2004 THR D CA  1 
ATOM   1353 C C   . THR D 2 5  ? -0.406  11.003  15.663  1.00 20.29 ? 2004 THR D C   1 
ATOM   1354 O O   . THR D 2 5  ? -0.381  10.818  14.451  1.00 16.27 ? 2004 THR D O   1 
ATOM   1355 C CB  . THR D 2 5  ? 0.597   8.890   16.486  1.00 18.41 ? 2004 THR D CB  1 
ATOM   1356 O OG1 . THR D 2 5  ? 0.409   7.749   17.333  1.00 22.07 ? 2004 THR D OG1 1 
ATOM   1357 C CG2 . THR D 2 5  ? 1.886   9.600   16.873  1.00 24.60 ? 2004 THR D CG2 1 
ATOM   1358 N N   . GLN D 2 6  ? -0.206  12.312  16.035  1.00 16.24 ? 2005 GLN D N   1 
ATOM   1359 C CA  . GLN D 2 6  ? 0.105   13.464  15.191  1.00 18.79 ? 2005 GLN D CA  1 
ATOM   1360 C C   . GLN D 2 6  ? 1.602   13.429  14.868  1.00 17.34 ? 2005 GLN D C   1 
ATOM   1361 O O   . GLN D 2 6  ? 2.419   13.112  15.724  1.00 13.82 ? 2005 GLN D O   1 
ATOM   1362 C CB  . GLN D 2 6  ? -0.234  14.780  15.920  1.00 11.99 ? 2005 GLN D CB  1 
ATOM   1363 C CG  . GLN D 2 6  ? 0.141   16.049  15.137  1.00 12.62 ? 2005 GLN D CG  1 
ATOM   1364 C CD  . GLN D 2 6  ? -0.090  17.342  15.919  1.00 15.84 ? 2005 GLN D CD  1 
ATOM   1365 O OE1 . GLN D 2 6  ? -0.523  17.325  17.069  1.00 13.04 ? 2005 GLN D OE1 1 
ATOM   1366 N NE2 . GLN D 2 6  ? 0.204   18.472  15.286  1.00 10.75 ? 2005 GLN D NE2 1 
ATOM   1367 N N   . VAL D 2 7  ? 1.890   13.726  13.868  1.00 20.78 ? 2006 VAL D N   1 
ATOM   1368 C CA  . VAL D 2 7  ? 3.258   13.863  13.390  1.00 19.08 ? 2006 VAL D CA  1 
ATOM   1369 C C   . VAL D 2 7  ? 3.364   15.121  12.537  1.00 25.75 ? 2006 VAL D C   1 
ATOM   1370 O O   . VAL D 2 7  ? 2.366   15.815  12.332  1.00 22.47 ? 2006 VAL D O   1 
ATOM   1371 C CB  . VAL D 2 7  ? 3.707   12.636  12.556  1.00 24.00 ? 2006 VAL D CB  1 
ATOM   1372 C CG1 . VAL D 2 7  ? 3.808   11.418  13.451  1.00 22.56 ? 2006 VAL D CG1 1 
ATOM   1373 C CG2 . VAL D 2 7  ? 2.738   12.374  11.423  1.00 20.84 ? 2006 VAL D CG2 1 
ATOM   1374 O OXT . VAL D 2 7  ? 4.489   15.400  12.072  1.00 30.18 ? 2006 VAL D OXT 1 
HETATM 1375 S S   . SO4 E 3 .  ? -4.279  -18.969 -22.805 1.00 45.05 ? 901  SO4 A S   1 
HETATM 1376 O O1  . SO4 E 3 .  ? -4.892  -20.211 -22.304 1.00 49.75 ? 901  SO4 A O1  1 
HETATM 1377 O O2  . SO4 E 3 .  ? -5.339  -17.993 -23.102 1.00 52.47 ? 901  SO4 A O2  1 
HETATM 1378 O O3  . SO4 E 3 .  ? -3.375  -18.411 -21.786 1.00 53.89 ? 901  SO4 A O3  1 
HETATM 1379 O O4  . SO4 E 3 .  ? -3.496  -19.248 -24.023 1.00 48.01 ? 901  SO4 A O4  1 
HETATM 1380 S S   . SO4 F 3 .  ? 9.438   26.153  10.993  1.00 46.55 ? 900  SO4 B S   1 
HETATM 1381 O O1  . SO4 F 3 .  ? 8.706   25.177  10.178  1.00 49.86 ? 900  SO4 B O1  1 
HETATM 1382 O O2  . SO4 F 3 .  ? 8.628   27.378  11.118  1.00 42.41 ? 900  SO4 B O2  1 
HETATM 1383 O O3  . SO4 F 3 .  ? 9.698   25.584  12.327  1.00 46.89 ? 900  SO4 B O3  1 
HETATM 1384 O O4  . SO4 F 3 .  ? 10.721  26.468  10.331  1.00 49.64 ? 900  SO4 B O4  1 
HETATM 1385 O O   . HOH G 4 .  ? 3.697   -16.807 -13.296 1.00 4.15  ? 2011 HOH A O   1 
HETATM 1386 O O   . HOH G 4 .  ? 8.250   -11.716 -12.112 1.00 20.51 ? 2012 HOH A O   1 
HETATM 1387 O O   . HOH G 4 .  ? 11.240  -0.847  1.133   1.00 16.08 ? 2016 HOH A O   1 
HETATM 1388 O O   . HOH G 4 .  ? 3.278   -11.960 -18.810 1.00 19.02 ? 2017 HOH A O   1 
HETATM 1389 O O   . HOH G 4 .  ? -9.376  -5.956  -16.087 1.00 21.04 ? 2020 HOH A O   1 
HETATM 1390 O O   . HOH G 4 .  ? 5.479   -9.578  -13.271 1.00 17.55 ? 2021 HOH A O   1 
HETATM 1391 O O   . HOH G 4 .  ? -11.178 0.708   -3.044  1.00 48.89 ? 2024 HOH A O   1 
HETATM 1392 O O   . HOH G 4 .  ? 8.253   -17.693 -6.592  1.00 23.19 ? 2026 HOH A O   1 
HETATM 1393 O O   . HOH G 4 .  ? -3.661  -0.857  -10.345 1.00 15.08 ? 2027 HOH A O   1 
HETATM 1394 O O   . HOH G 4 .  ? -6.658  -2.869  -16.901 1.00 29.67 ? 2028 HOH A O   1 
HETATM 1395 O O   . HOH G 4 .  ? -7.954  -5.575  -21.400 1.00 32.47 ? 2032 HOH A O   1 
HETATM 1396 O O   . HOH G 4 .  ? 0.923   -10.958 -19.448 1.00 10.42 ? 2033 HOH A O   1 
HETATM 1397 O O   . HOH G 4 .  ? -2.724  2.807   -7.678  1.00 26.38 ? 2037 HOH A O   1 
HETATM 1398 O O   . HOH G 4 .  ? 5.149   -13.494 0.951   1.00 23.20 ? 2038 HOH A O   1 
HETATM 1399 O O   . HOH G 4 .  ? -11.960 -7.935  -11.273 1.00 24.02 ? 2039 HOH A O   1 
HETATM 1400 O O   . HOH G 4 .  ? 14.975  -11.890 -5.396  1.00 22.26 ? 2041 HOH A O   1 
HETATM 1401 O O   . HOH G 4 .  ? 10.151  -13.657 -12.327 1.00 23.44 ? 2048 HOH A O   1 
HETATM 1402 O O   . HOH G 4 .  ? -16.153 -12.615 -14.972 1.00 18.23 ? 2049 HOH A O   1 
HETATM 1403 O O   . HOH G 4 .  ? -5.471  -24.287 -19.446 1.00 31.65 ? 2050 HOH A O   1 
HETATM 1404 O O   . HOH G 4 .  ? -10.214 -14.837 3.464   1.00 54.06 ? 2051 HOH A O   1 
HETATM 1405 O O   . HOH G 4 .  ? -12.238 -12.749 7.001   1.00 34.51 ? 2053 HOH A O   1 
HETATM 1406 O O   . HOH G 4 .  ? 2.250   -18.744 -19.773 1.00 33.61 ? 2055 HOH A O   1 
HETATM 1407 O O   . HOH G 4 .  ? -10.618 0.914   -0.574  1.00 53.52 ? 2057 HOH A O   1 
HETATM 1408 O O   . HOH G 4 .  ? -8.158  -18.563 -8.495  1.00 25.57 ? 2058 HOH A O   1 
HETATM 1409 O O   . HOH G 4 .  ? -12.476 -15.533 -2.868  1.00 21.03 ? 2062 HOH A O   1 
HETATM 1410 O O   . HOH G 4 .  ? 7.507   -10.485 4.181   1.00 43.08 ? 2063 HOH A O   1 
HETATM 1411 O O   . HOH G 4 .  ? 7.348   -0.300  -12.448 1.00 29.94 ? 2066 HOH A O   1 
HETATM 1412 O O   . HOH G 4 .  ? 11.784  -11.500 -3.449  1.00 34.36 ? 2067 HOH A O   1 
HETATM 1413 O O   . HOH G 4 .  ? 8.625   -19.010 -3.642  1.00 33.13 ? 2068 HOH A O   1 
HETATM 1414 O O   . HOH G 4 .  ? -3.295  -21.856 -21.202 1.00 55.61 ? 2070 HOH A O   1 
HETATM 1415 O O   . HOH G 4 .  ? -5.774  -8.622  1.303   1.00 41.57 ? 2071 HOH A O   1 
HETATM 1416 O O   . HOH G 4 .  ? -11.769 -13.146 3.086   1.00 35.90 ? 2074 HOH A O   1 
HETATM 1417 O O   . HOH G 4 .  ? -8.923  1.259   3.333   1.00 19.82 ? 2078 HOH A O   1 
HETATM 1418 O O   . HOH G 4 .  ? -0.954  -11.734 7.660   1.00 58.20 ? 2079 HOH A O   1 
HETATM 1419 O O   . HOH G 4 .  ? -3.127  -19.333 8.106   1.00 48.45 ? 2080 HOH A O   1 
HETATM 1420 O O   . HOH G 4 .  ? -11.656 -3.471  -12.729 1.00 50.62 ? 2081 HOH A O   1 
HETATM 1421 O O   . HOH G 4 .  ? -9.562  -17.427 -13.034 1.00 34.89 ? 2084 HOH A O   1 
HETATM 1422 O O   . HOH G 4 .  ? -1.910  -23.951 -20.919 1.00 51.93 ? 2086 HOH A O   1 
HETATM 1423 O O   . HOH G 4 .  ? 12.717  -13.409 -4.577  1.00 32.24 ? 2088 HOH A O   1 
HETATM 1424 O O   . HOH G 4 .  ? -6.027  -5.435  2.221   1.00 44.03 ? 2095 HOH A O   1 
HETATM 1425 O O   . HOH G 4 .  ? 12.126  -6.614  -14.826 1.00 22.62 ? 2096 HOH A O   1 
HETATM 1426 O O   . HOH G 4 .  ? -15.072 -14.957 -15.780 1.00 37.34 ? 2099 HOH A O   1 
HETATM 1427 O O   . HOH G 4 .  ? -3.075  -5.436  0.296   1.00 24.39 ? 2102 HOH A O   1 
HETATM 1428 O O   . HOH G 4 .  ? -5.802  -11.241 11.331  1.00 41.02 ? 2108 HOH A O   1 
HETATM 1429 O O   . HOH G 4 .  ? 6.064   -5.432  -17.390 1.00 40.04 ? 2114 HOH A O   1 
HETATM 1430 O O   . HOH G 4 .  ? -13.232 -5.075  3.035   1.00 41.35 ? 2117 HOH A O   1 
HETATM 1431 O O   . HOH G 4 .  ? 0.637   -1.489  -15.164 1.00 29.93 ? 2120 HOH A O   1 
HETATM 1432 O O   . HOH G 4 .  ? 1.030   -8.412  -20.827 1.00 33.79 ? 2121 HOH A O   1 
HETATM 1433 O O   . HOH G 4 .  ? 3.398   0.931   -3.942  1.00 36.56 ? 2122 HOH A O   1 
HETATM 1434 O O   . HOH G 4 .  ? -1.393  -7.337  -21.341 1.00 26.82 ? 2123 HOH A O   1 
HETATM 1435 O O   . HOH G 4 .  ? -4.902  -1.238  9.739   1.00 32.88 ? 2125 HOH A O   1 
HETATM 1436 O O   . HOH G 4 .  ? -1.638  -14.892 -20.167 1.00 21.36 ? 2135 HOH A O   1 
HETATM 1437 O O   . HOH G 4 .  ? 7.014   -5.164  0.538   1.00 25.93 ? 2139 HOH A O   1 
HETATM 1438 O O   . HOH G 4 .  ? -12.007 -16.860 -13.406 1.00 36.77 ? 2140 HOH A O   1 
HETATM 1439 O O   . HOH G 4 .  ? 9.231   -8.335  -2.206  1.00 22.82 ? 2144 HOH A O   1 
HETATM 1440 O O   . HOH G 4 .  ? 10.830  -5.445  -10.635 1.00 28.75 ? 2148 HOH A O   1 
HETATM 1441 O O   . HOH G 4 .  ? -14.342 -4.898  -12.880 1.00 31.35 ? 2149 HOH A O   1 
HETATM 1442 O O   . HOH G 4 .  ? 10.512  -5.486  0.944   1.00 38.41 ? 2154 HOH A O   1 
HETATM 1443 O O   . HOH G 4 .  ? 4.153   -13.572 4.523   1.00 45.55 ? 2157 HOH A O   1 
HETATM 1444 O O   . HOH G 4 .  ? -15.083 -8.615  -13.997 1.00 33.30 ? 2158 HOH A O   1 
HETATM 1445 O O   . HOH G 4 .  ? -10.123 -2.514  -15.748 1.00 46.60 ? 2161 HOH A O   1 
HETATM 1446 O O   . HOH G 4 .  ? 7.994   -17.833 3.946   1.00 48.69 ? 2164 HOH A O   1 
HETATM 1447 O O   . HOH G 4 .  ? -6.061  -3.960  -22.111 1.00 59.38 ? 2165 HOH A O   1 
HETATM 1448 O O   . HOH G 4 .  ? 9.589   1.055   -2.602  1.00 39.70 ? 2166 HOH A O   1 
HETATM 1449 O O   . HOH G 4 .  ? 1.002   6.068   -10.264 1.00 33.71 ? 2167 HOH A O   1 
HETATM 1450 O O   . HOH G 4 .  ? 10.740  -11.902 -10.855 1.00 33.76 ? 2168 HOH A O   1 
HETATM 1451 O O   . HOH G 4 .  ? 10.806  -13.422 -1.303  1.00 40.39 ? 2170 HOH A O   1 
HETATM 1452 O O   . HOH G 4 .  ? -1.989  -5.670  -23.418 1.00 55.95 ? 2184 HOH A O   1 
HETATM 1453 O O   . HOH G 4 .  ? -12.835 -7.684  -15.036 1.00 46.64 ? 2196 HOH A O   1 
HETATM 1454 O O   . HOH G 4 .  ? -6.193  -24.081 -17.045 1.00 38.03 ? 2206 HOH A O   1 
HETATM 1455 O O   . HOH G 4 .  ? 11.712  -15.726 -5.004  1.00 30.44 ? 2217 HOH A O   1 
HETATM 1456 O O   . HOH G 4 .  ? 10.606  -13.632 -6.300  1.00 40.19 ? 2225 HOH A O   1 
HETATM 1457 O O   . HOH G 4 .  ? -15.583 -8.815  3.746   1.00 51.72 ? 2252 HOH A O   1 
HETATM 1458 O O   . HOH G 4 .  ? 9.087   -18.602 -15.246 1.00 33.21 ? 2253 HOH A O   1 
HETATM 1459 O O   . HOH G 4 .  ? -13.932 -0.170  -6.881  1.00 36.94 ? 2254 HOH A O   1 
HETATM 1460 O O   . HOH G 4 .  ? -0.369  -19.073 6.732   1.00 37.72 ? 2268 HOH A O   1 
HETATM 1461 O O   . HOH G 4 .  ? -12.080 -7.309  -17.630 1.00 44.92 ? 2269 HOH A O   1 
HETATM 1462 O O   . HOH G 4 .  ? -14.295 -9.298  -4.370  1.00 24.78 ? 2272 HOH A O   1 
HETATM 1463 O O   . HOH G 4 .  ? 13.603  -3.653  -6.800  1.00 27.31 ? 2274 HOH A O   1 
HETATM 1464 O O   . HOH G 4 .  ? 10.909  -17.447 -3.245  1.00 40.99 ? 2275 HOH A O   1 
HETATM 1465 O O   . HOH G 4 .  ? -5.119  -16.086 11.028  1.00 46.28 ? 2284 HOH A O   1 
HETATM 1466 O O   . HOH G 4 .  ? 1.556   -15.359 5.774   1.00 35.20 ? 2285 HOH A O   1 
HETATM 1467 O O   . HOH G 4 .  ? -8.747  -17.864 1.119   1.00 35.48 ? 2290 HOH A O   1 
HETATM 1468 O O   . HOH G 4 .  ? -8.036  -11.941 12.410  1.00 44.63 ? 2293 HOH A O   1 
HETATM 1469 O O   . HOH G 4 .  ? -11.065 -10.998 10.273  1.00 40.16 ? 2295 HOH A O   1 
HETATM 1470 O O   . HOH G 4 .  ? -1.345  -0.864  -17.708 1.00 48.33 ? 2296 HOH A O   1 
HETATM 1471 O O   . HOH G 4 .  ? 2.873   -2.623  -16.712 1.00 36.86 ? 2297 HOH A O   1 
HETATM 1472 O O   . HOH G 4 .  ? 3.498   -5.526  -17.673 1.00 37.71 ? 2301 HOH A O   1 
HETATM 1473 O O   . HOH G 4 .  ? -11.204 -11.080 -23.020 1.00 37.46 ? 2302 HOH A O   1 
HETATM 1474 O O   . HOH G 4 .  ? -0.550  -14.432 6.240   1.00 43.72 ? 2303 HOH A O   1 
HETATM 1475 O O   . HOH G 4 .  ? -14.673 -7.599  6.194   1.00 45.17 ? 2306 HOH A O   1 
HETATM 1476 O O   . HOH G 4 .  ? -12.021 3.216   -6.573  1.00 30.24 ? 2307 HOH A O   1 
HETATM 1477 O O   . HOH G 4 .  ? 0.373   -0.594  -12.999 1.00 43.63 ? 2308 HOH A O   1 
HETATM 1478 O O   . HOH G 4 .  ? -8.568  -16.307 -8.462  1.00 64.32 ? 2311 HOH A O   1 
HETATM 1479 O O   . HOH G 4 .  ? 3.529   -16.094 4.306   1.00 46.58 ? 2314 HOH A O   1 
HETATM 1480 O O   . HOH G 4 .  ? 1.711   -17.541 6.315   1.00 52.97 ? 2316 HOH A O   1 
HETATM 1481 O O   . HOH G 4 .  ? 12.226  -10.958 -0.411  1.00 44.23 ? 2326 HOH A O   1 
HETATM 1482 O O   . HOH G 4 .  ? 5.393   -10.593 -20.154 1.00 36.92 ? 2327 HOH A O   1 
HETATM 1483 O O   . HOH G 4 .  ? -12.066 -9.540  8.681   1.00 38.40 ? 2328 HOH A O   1 
HETATM 1484 O O   . HOH G 4 .  ? 1.432   2.388   -14.415 1.00 42.25 ? 2331 HOH A O   1 
HETATM 1485 O O   . HOH G 4 .  ? 10.667  -16.088 -14.095 1.00 43.54 ? 2333 HOH A O   1 
HETATM 1486 O O   . HOH H 4 .  ? -0.328  -24.109 -11.874 1.00 13.88 ? 2035 HOH C O   1 
HETATM 1487 O O   . HOH H 4 .  ? -6.426  -21.275 -6.087  1.00 21.66 ? 2075 HOH C O   1 
HETATM 1488 O O   . HOH H 4 .  ? -3.792  -22.600 -4.679  1.00 32.69 ? 2150 HOH C O   1 
HETATM 1489 O O   . HOH H 4 .  ? -9.921  -17.193 -1.068  1.00 25.40 ? 2153 HOH C O   1 
HETATM 1490 O O   . HOH H 4 .  ? -3.656  -24.368 -6.639  1.00 35.04 ? 2189 HOH C O   1 
HETATM 1491 O O   . HOH H 4 .  ? -2.123  -23.076 1.501   1.00 27.70 ? 2281 HOH C O   1 
HETATM 1492 O O   . HOH H 4 .  ? -7.322  -16.030 -11.000 1.00 34.17 ? 2283 HOH C O   1 
HETATM 1493 O O   . HOH H 4 .  ? -2.250  -19.326 -11.896 1.00 45.12 ? 2330 HOH C O   1 
HETATM 1494 O O   . HOH H 4 .  ? -4.570  -22.936 -1.408  1.00 43.50 ? 2338 HOH C O   1 
HETATM 1495 O O   . HOH I 4 .  ? -1.430  20.078  7.588   1.00 13.37 ? 2014 HOH B O   1 
HETATM 1496 O O   . HOH I 4 .  ? 1.159   1.135   6.085   1.00 25.10 ? 2018 HOH B O   1 
HETATM 1497 O O   . HOH I 4 .  ? 8.092   7.577   -0.977  1.00 26.41 ? 2022 HOH B O   1 
HETATM 1498 O O   . HOH I 4 .  ? -9.056  8.293   1.504   1.00 25.81 ? 2023 HOH B O   1 
HETATM 1499 O O   . HOH I 4 .  ? -4.378  17.882  1.763   1.00 21.40 ? 2025 HOH B O   1 
HETATM 1500 O O   . HOH I 4 .  ? 12.937  9.227   8.294   1.00 21.90 ? 2030 HOH B O   1 
HETATM 1501 O O   . HOH I 4 .  ? 5.157   21.160  2.212   1.00 15.91 ? 2034 HOH B O   1 
HETATM 1502 O O   . HOH I 4 .  ? 1.188   -9.123  13.053  1.00 23.51 ? 2036 HOH B O   1 
HETATM 1503 O O   . HOH I 4 .  ? -0.292  -5.416  19.062  1.00 37.39 ? 2042 HOH B O   1 
HETATM 1504 O O   . HOH I 4 .  ? -11.909 14.754  5.324   1.00 24.32 ? 2043 HOH B O   1 
HETATM 1505 O O   . HOH I 4 .  ? 9.851   -0.753  17.085  1.00 22.44 ? 2044 HOH B O   1 
HETATM 1506 O O   . HOH I 4 .  ? 13.037  5.657   12.013  1.00 28.83 ? 2046 HOH B O   1 
HETATM 1507 O O   . HOH I 4 .  ? 16.726  13.045  13.568  1.00 26.34 ? 2047 HOH B O   1 
HETATM 1508 O O   . HOH I 4 .  ? 8.849   15.810  15.057  1.00 33.71 ? 2052 HOH B O   1 
HETATM 1509 O O   . HOH I 4 .  ? 6.610   22.937  6.588   1.00 37.29 ? 2056 HOH B O   1 
HETATM 1510 O O   . HOH I 4 .  ? -3.381  -9.865  18.349  1.00 35.23 ? 2059 HOH B O   1 
HETATM 1511 O O   . HOH I 4 .  ? 12.529  24.666  3.914   1.00 46.65 ? 2060 HOH B O   1 
HETATM 1512 O O   . HOH I 4 .  ? 6.010   26.946  13.328  1.00 32.49 ? 2065 HOH B O   1 
HETATM 1513 O O   . HOH I 4 .  ? 14.816  17.556  2.292   1.00 18.11 ? 2069 HOH B O   1 
HETATM 1514 O O   . HOH I 4 .  ? -0.796  23.677  11.793  1.00 25.89 ? 2072 HOH B O   1 
HETATM 1515 O O   . HOH I 4 .  ? 4.240   -7.369  8.363   1.00 39.25 ? 2076 HOH B O   1 
HETATM 1516 O O   . HOH I 4 .  ? -1.563  -10.296 14.037  1.00 24.86 ? 2077 HOH B O   1 
HETATM 1517 O O   . HOH I 4 .  ? 1.045   -4.011  9.423   1.00 38.16 ? 2082 HOH B O   1 
HETATM 1518 O O   . HOH I 4 .  ? 8.256   8.095   -3.763  1.00 45.54 ? 2085 HOH B O   1 
HETATM 1519 O O   . HOH I 4 .  ? 12.847  12.784  0.033   1.00 31.08 ? 2087 HOH B O   1 
HETATM 1520 O O   . HOH I 4 .  ? -6.309  -4.699  15.744  1.00 40.90 ? 2091 HOH B O   1 
HETATM 1521 O O   . HOH I 4 .  ? -1.024  23.547  14.329  1.00 38.20 ? 2094 HOH B O   1 
HETATM 1522 O O   . HOH I 4 .  ? 6.546   25.640  16.638  1.00 36.03 ? 2100 HOH B O   1 
HETATM 1523 O O   . HOH I 4 .  ? 0.960   12.160  -7.955  1.00 26.43 ? 2101 HOH B O   1 
HETATM 1524 O O   . HOH I 4 .  ? 15.682  12.916  7.157   1.00 34.42 ? 2104 HOH B O   1 
HETATM 1525 O O   . HOH I 4 .  ? -5.823  30.543  8.790   1.00 24.62 ? 2109 HOH B O   1 
HETATM 1526 O O   . HOH I 4 .  ? -7.131  18.222  -3.592  1.00 31.28 ? 2110 HOH B O   1 
HETATM 1527 O O   . HOH I 4 .  ? 5.339   13.205  16.490  1.00 23.50 ? 2111 HOH B O   1 
HETATM 1528 O O   . HOH I 4 .  ? 3.251   0.426   17.506  1.00 14.27 ? 2124 HOH B O   1 
HETATM 1529 O O   . HOH I 4 .  ? 7.271   26.177  19.204  1.00 19.11 ? 2126 HOH B O   1 
HETATM 1530 O O   . HOH I 4 .  ? -8.597  15.968  3.109   1.00 30.20 ? 2127 HOH B O   1 
HETATM 1531 O O   . HOH I 4 .  ? -3.912  8.944   -8.759  1.00 46.22 ? 2130 HOH B O   1 
HETATM 1532 O O   . HOH I 4 .  ? 0.736   15.192  -6.531  1.00 41.07 ? 2131 HOH B O   1 
HETATM 1533 O O   . HOH I 4 .  ? -9.966  2.952   -4.588  1.00 25.21 ? 2132 HOH B O   1 
HETATM 1534 O O   . HOH I 4 .  ? 2.030   14.603  1.707   1.00 54.36 ? 2133 HOH B O   1 
HETATM 1535 O O   . HOH I 4 .  ? -5.307  24.204  6.283   1.00 36.73 ? 2137 HOH B O   1 
HETATM 1536 O O   . HOH I 4 .  ? 12.129  5.966   5.058   1.00 23.93 ? 2138 HOH B O   1 
HETATM 1537 O O   . HOH I 4 .  ? 2.351   20.976  16.459  1.00 25.50 ? 2141 HOH B O   1 
HETATM 1538 O O   . HOH I 4 .  ? 11.170  3.487   12.582  1.00 28.65 ? 2143 HOH B O   1 
HETATM 1539 O O   . HOH I 4 .  ? 6.632   -4.269  3.004   1.00 22.95 ? 2145 HOH B O   1 
HETATM 1540 O O   . HOH I 4 .  ? -7.136  4.183   1.316   1.00 46.62 ? 2146 HOH B O   1 
HETATM 1541 O O   . HOH I 4 .  ? 7.305   -4.040  11.031  1.00 47.35 ? 2147 HOH B O   1 
HETATM 1542 O O   . HOH I 4 .  ? 7.754   -4.970  14.922  1.00 38.29 ? 2152 HOH B O   1 
HETATM 1543 O O   . HOH I 4 .  ? -9.571  5.956   0.541   1.00 38.03 ? 2155 HOH B O   1 
HETATM 1544 O O   . HOH I 4 .  ? -6.011  19.695  2.560   1.00 43.74 ? 2156 HOH B O   1 
HETATM 1545 O O   . HOH I 4 .  ? 18.446  12.733  11.656  1.00 39.12 ? 2160 HOH B O   1 
HETATM 1546 O O   . HOH I 4 .  ? 10.788  7.890   -3.686  1.00 39.94 ? 2162 HOH B O   1 
HETATM 1547 O O   . HOH I 4 .  ? 2.189   8.699   -7.087  1.00 48.61 ? 2171 HOH B O   1 
HETATM 1548 O O   . HOH I 4 .  ? 12.497  9.209   -2.089  1.00 29.39 ? 2172 HOH B O   1 
HETATM 1549 O O   . HOH I 4 .  ? -4.871  6.702   -5.084  1.00 28.55 ? 2183 HOH B O   1 
HETATM 1550 O O   . HOH I 4 .  ? 12.811  21.374  1.973   1.00 43.94 ? 2187 HOH B O   1 
HETATM 1551 O O   . HOH I 4 .  ? 7.446   -1.619  16.756  1.00 40.49 ? 2188 HOH B O   1 
HETATM 1552 O O   . HOH I 4 .  ? 2.952   21.830  -1.431  1.00 31.94 ? 2195 HOH B O   1 
HETATM 1553 O O   . HOH I 4 .  ? -7.037  -4.445  12.984  1.00 41.66 ? 2201 HOH B O   1 
HETATM 1554 O O   . HOH I 4 .  ? 13.239  1.588   14.381  1.00 43.06 ? 2209 HOH B O   1 
HETATM 1555 O O   . HOH I 4 .  ? -6.077  26.726  5.846   1.00 40.04 ? 2216 HOH B O   1 
HETATM 1556 O O   . HOH I 4 .  ? 9.635   15.488  -4.530  1.00 65.31 ? 2229 HOH B O   1 
HETATM 1557 O O   . HOH I 4 .  ? 10.297  23.207  0.929   1.00 34.91 ? 2233 HOH B O   1 
HETATM 1558 O O   . HOH I 4 .  ? 9.535   20.527  0.073   1.00 27.49 ? 2240 HOH B O   1 
HETATM 1559 O O   . HOH I 4 .  ? 16.478  8.698   9.964   1.00 54.45 ? 2242 HOH B O   1 
HETATM 1560 O O   . HOH I 4 .  ? 9.800   10.982  23.834  1.00 87.97 ? 2255 HOH B O   1 
HETATM 1561 O O   . HOH I 4 .  ? -4.887  14.392  -4.395  1.00 28.53 ? 2270 HOH B O   1 
HETATM 1562 O O   . HOH I 4 .  ? -10.896 4.685   14.562  1.00 28.49 ? 2271 HOH B O   1 
HETATM 1563 O O   . HOH I 4 .  ? 3.584   5.797   18.406  1.00 24.18 ? 2273 HOH B O   1 
HETATM 1564 O O   . HOH I 4 .  ? -8.665  9.131   -6.674  1.00 39.74 ? 2277 HOH B O   1 
HETATM 1565 O O   . HOH I 4 .  ? 13.842  13.251  3.840   1.00 30.61 ? 2278 HOH B O   1 
HETATM 1566 O O   . HOH I 4 .  ? -3.602  -2.008  13.229  1.00 59.28 ? 2279 HOH B O   1 
HETATM 1567 O O   . HOH I 4 .  ? 4.363   18.233  -2.941  1.00 43.44 ? 2286 HOH B O   1 
HETATM 1568 O O   . HOH I 4 .  ? -6.300  28.134  3.649   1.00 34.79 ? 2288 HOH B O   1 
HETATM 1569 O O   . HOH I 4 .  ? 1.162   20.997  11.454  1.00 37.53 ? 2289 HOH B O   1 
HETATM 1570 O O   . HOH I 4 .  ? -2.168  31.386  7.971   1.00 43.76 ? 2298 HOH B O   1 
HETATM 1571 O O   . HOH I 4 .  ? -5.811  32.433  7.385   1.00 45.12 ? 2299 HOH B O   1 
HETATM 1572 O O   . HOH I 4 .  ? 14.613  18.667  -2.402  1.00 37.92 ? 2300 HOH B O   1 
HETATM 1573 O O   . HOH I 4 .  ? -5.607  22.894  0.683   1.00 36.37 ? 2304 HOH B O   1 
HETATM 1574 O O   . HOH I 4 .  ? 2.778   22.050  2.368   1.00 50.48 ? 2305 HOH B O   1 
HETATM 1575 O O   . HOH I 4 .  ? -0.818  16.819  0.866   1.00 51.15 ? 2309 HOH B O   1 
HETATM 1576 O O   . HOH I 4 .  ? -12.565 12.999  2.774   1.00 52.68 ? 2310 HOH B O   1 
HETATM 1577 O O   . HOH I 4 .  ? 16.483  14.225  11.627  1.00 63.31 ? 2312 HOH B O   1 
HETATM 1578 O O   . HOH I 4 .  ? -7.829  17.581  1.536   1.00 50.47 ? 2313 HOH B O   1 
HETATM 1579 O O   . HOH I 4 .  ? -6.753  20.654  -0.959  1.00 45.16 ? 2315 HOH B O   1 
HETATM 1580 O O   . HOH I 4 .  ? 7.612   4.191   -3.843  1.00 44.02 ? 2317 HOH B O   1 
HETATM 1581 O O   . HOH I 4 .  ? 8.036   7.458   19.729  1.00 39.43 ? 2318 HOH B O   1 
HETATM 1582 O O   . HOH I 4 .  ? 6.890   20.860  0.079   1.00 38.15 ? 2319 HOH B O   1 
HETATM 1583 O O   . HOH I 4 .  ? -12.687 8.615   3.721   1.00 58.92 ? 2321 HOH B O   1 
HETATM 1584 O O   . HOH I 4 .  ? 9.140   3.472   18.799  1.00 41.57 ? 2322 HOH B O   1 
HETATM 1585 O O   . HOH I 4 .  ? 12.111  15.917  -5.239  1.00 37.56 ? 2323 HOH B O   1 
HETATM 1586 O O   . HOH I 4 .  ? 13.509  -0.543  13.073  1.00 43.69 ? 2324 HOH B O   1 
HETATM 1587 O O   . HOH I 4 .  ? 10.761  -1.502  3.444   1.00 47.84 ? 2325 HOH B O   1 
HETATM 1588 O O   . HOH I 4 .  ? 14.719  5.661   14.793  1.00 47.20 ? 2332 HOH B O   1 
HETATM 1589 O O   . HOH I 4 .  ? -0.471  3.809   -4.022  1.00 40.75 ? 2334 HOH B O   1 
HETATM 1590 O O   . HOH I 4 .  ? 16.753  14.971  3.280   1.00 43.34 ? 2335 HOH B O   1 
HETATM 1591 O O   . HOH I 4 .  ? -8.509  10.351  -8.976  1.00 52.96 ? 2336 HOH B O   1 
HETATM 1592 O O   . HOH I 4 .  ? -6.597  8.257   -7.455  1.00 47.97 ? 2337 HOH B O   1 
HETATM 1593 O O   . HOH J 4 .  ? -3.201  3.080   15.394  1.00 13.44 ? 2015 HOH D O   1 
HETATM 1594 O O   . HOH J 4 .  ? 6.872   14.270  13.032  1.00 42.06 ? 2019 HOH D O   1 
HETATM 1595 O O   . HOH J 4 .  ? 1.563   18.260  12.937  1.00 14.13 ? 2029 HOH D O   1 
HETATM 1596 O O   . HOH J 4 .  ? -6.925  14.175  15.452  1.00 24.73 ? 2031 HOH D O   1 
HETATM 1597 O O   . HOH J 4 .  ? -1.593  13.036  18.888  1.00 23.52 ? 2040 HOH D O   1 
HETATM 1598 O O   . HOH J 4 .  ? -6.753  6.565   20.459  1.00 22.41 ? 2054 HOH D O   1 
HETATM 1599 O O   . HOH J 4 .  ? -0.998  15.895  19.233  1.00 26.81 ? 2061 HOH D O   1 
HETATM 1600 O O   . HOH J 4 .  ? -5.426  -0.643  12.266  1.00 26.69 ? 2064 HOH D O   1 
HETATM 1601 O O   . HOH J 4 .  ? -8.653  6.810   16.317  1.00 29.79 ? 2089 HOH D O   1 
HETATM 1602 O O   . HOH J 4 .  ? -0.253  21.268  15.572  1.00 28.39 ? 2093 HOH D O   1 
HETATM 1603 O O   . HOH J 4 .  ? -8.731  0.262   20.658  1.00 56.45 ? 2107 HOH D O   1 
HETATM 1604 O O   . HOH J 4 .  ? -4.558  8.655   20.281  1.00 20.86 ? 2128 HOH D O   1 
HETATM 1605 O O   . HOH J 4 .  ? -4.625  1.615   18.857  1.00 22.85 ? 2136 HOH D O   1 
HETATM 1606 O O   . HOH J 4 .  ? -2.744  8.752   21.922  1.00 32.46 ? 2185 HOH D O   1 
HETATM 1607 O O   . HOH J 4 .  ? -0.508  8.937   20.060  1.00 33.76 ? 2226 HOH D O   1 
HETATM 1608 O O   . HOH J 4 .  ? -1.822  2.012   21.554  1.00 43.50 ? 2267 HOH D O   1 
# 
